data_6FIP
#
_entry.id   6FIP
#
_entity_poly.entity_id   1
_entity_poly.type   'polypeptide(L)'
_entity_poly.pdbx_seq_one_letter_code
;SHMGSLNDSDIKPLRMDPPVYPRMAQARGIEGRVKVLFTITSDGRIDDIQVLESVPSRMFDREVRQAMAKWRFEPRVSGG
KIVARQATKMFFFKIEKRR
;
_entity_poly.pdbx_strand_id   A
#
# COMPACT_ATOMS: atom_id res chain seq x y z
N SER A 1 -9.43 11.37 -12.67
CA SER A 1 -7.97 11.52 -12.83
C SER A 1 -7.42 10.52 -13.85
N HIS A 2 -6.48 10.94 -14.70
CA HIS A 2 -5.73 10.07 -15.61
C HIS A 2 -4.72 9.19 -14.87
N MET A 3 -5.22 8.14 -14.21
CA MET A 3 -4.46 7.16 -13.42
C MET A 3 -5.29 5.87 -13.26
N GLY A 4 -4.68 4.81 -12.71
CA GLY A 4 -5.32 3.52 -12.48
C GLY A 4 -5.95 3.36 -11.10
N SER A 5 -6.18 2.11 -10.70
CA SER A 5 -6.66 1.73 -9.36
C SER A 5 -6.28 0.28 -9.04
N LEU A 6 -6.36 -0.11 -7.76
CA LEU A 6 -6.32 -1.53 -7.34
C LEU A 6 -7.56 -2.30 -7.87
N ASN A 7 -8.69 -1.61 -8.03
CA ASN A 7 -9.98 -2.18 -8.45
C ASN A 7 -10.10 -2.40 -9.98
N ASP A 8 -9.03 -2.12 -10.74
CA ASP A 8 -8.98 -2.26 -12.20
C ASP A 8 -9.35 -3.65 -12.75
N SER A 9 -10.12 -3.68 -13.84
CA SER A 9 -10.65 -4.92 -14.45
C SER A 9 -9.60 -5.72 -15.23
N ASP A 10 -8.56 -5.05 -15.73
CA ASP A 10 -7.40 -5.67 -16.39
C ASP A 10 -6.48 -6.56 -15.53
N ILE A 11 -6.74 -6.66 -14.23
CA ILE A 11 -5.93 -7.39 -13.24
C ILE A 11 -6.81 -8.15 -12.23
N LYS A 12 -6.21 -9.05 -11.45
CA LYS A 12 -6.78 -9.74 -10.28
C LYS A 12 -5.76 -9.79 -9.12
N PRO A 13 -6.17 -9.67 -7.84
CA PRO A 13 -5.25 -9.77 -6.70
C PRO A 13 -4.81 -11.21 -6.44
N LEU A 14 -3.55 -11.39 -6.01
CA LEU A 14 -3.00 -12.65 -5.49
C LEU A 14 -2.85 -12.60 -3.96
N ARG A 15 -2.21 -11.57 -3.41
CA ARG A 15 -1.92 -11.40 -1.96
C ARG A 15 -2.10 -9.96 -1.51
N MET A 16 -2.78 -9.76 -0.37
CA MET A 16 -3.33 -8.48 0.11
C MET A 16 -3.28 -8.31 1.64
N ASP A 17 -2.31 -8.97 2.29
CA ASP A 17 -2.10 -9.03 3.74
C ASP A 17 -2.10 -7.66 4.47
N PRO A 18 -3.14 -7.31 5.25
CA PRO A 18 -3.32 -5.97 5.84
C PRO A 18 -2.20 -5.52 6.79
N PRO A 19 -1.99 -4.20 6.97
CA PRO A 19 -0.97 -3.67 7.87
C PRO A 19 -1.24 -3.98 9.35
N VAL A 20 -0.15 -4.12 10.11
CA VAL A 20 -0.15 -4.23 11.57
C VAL A 20 -0.77 -3.03 12.27
N TYR A 21 -1.43 -3.23 13.42
CA TYR A 21 -1.74 -2.11 14.31
C TYR A 21 -0.51 -2.05 15.25
N PRO A 22 0.25 -0.95 15.29
CA PRO A 22 1.42 -0.84 16.17
C PRO A 22 0.98 -0.92 17.63
N ARG A 23 1.54 -1.89 18.37
CA ARG A 23 1.08 -2.28 19.71
C ARG A 23 1.17 -1.14 20.74
N MET A 24 2.20 -0.31 20.67
CA MET A 24 2.39 0.84 21.56
C MET A 24 1.25 1.88 21.41
N ALA A 25 0.69 2.03 20.21
CA ALA A 25 -0.46 2.91 19.96
C ALA A 25 -1.79 2.30 20.48
N GLN A 26 -1.96 0.98 20.35
CA GLN A 26 -3.09 0.24 20.91
C GLN A 26 -3.12 0.31 22.45
N ALA A 27 -1.96 0.06 23.07
CA ALA A 27 -1.77 0.04 24.52
C ALA A 27 -1.94 1.42 25.20
N ARG A 28 -1.59 2.52 24.52
CA ARG A 28 -1.91 3.89 24.94
C ARG A 28 -3.37 4.28 24.64
N GLY A 29 -3.91 3.86 23.50
CA GLY A 29 -5.30 4.10 23.08
C GLY A 29 -5.46 5.12 21.95
N ILE A 30 -4.70 4.99 20.85
CA ILE A 30 -4.67 5.93 19.72
C ILE A 30 -5.36 5.32 18.48
N GLU A 31 -6.32 6.05 17.91
CA GLU A 31 -6.85 5.85 16.55
C GLU A 31 -6.15 6.77 15.52
N GLY A 32 -6.37 6.55 14.22
CA GLY A 32 -5.75 7.35 13.16
C GLY A 32 -6.27 7.06 11.73
N ARG A 33 -5.59 7.64 10.73
CA ARG A 33 -5.78 7.39 9.29
C ARG A 33 -4.56 7.81 8.48
N VAL A 34 -4.35 7.21 7.30
CA VAL A 34 -3.21 7.52 6.40
C VAL A 34 -3.61 7.47 4.93
N LYS A 35 -3.31 8.53 4.18
CA LYS A 35 -3.65 8.67 2.75
C LYS A 35 -2.36 8.60 1.93
N VAL A 36 -2.31 7.70 0.95
CA VAL A 36 -1.09 7.26 0.27
C VAL A 36 -1.23 7.15 -1.25
N LEU A 37 -0.18 7.51 -1.98
CA LEU A 37 -0.03 7.39 -3.44
C LEU A 37 1.05 6.35 -3.76
N PHE A 38 0.86 5.56 -4.82
CA PHE A 38 1.79 4.49 -5.23
C PHE A 38 1.76 4.17 -6.73
N THR A 39 2.81 3.49 -7.21
CA THR A 39 2.84 2.85 -8.53
C THR A 39 2.56 1.35 -8.33
N ILE A 40 1.52 0.85 -8.99
CA ILE A 40 1.32 -0.58 -9.27
C ILE A 40 2.30 -0.95 -10.39
N THR A 41 3.08 -2.03 -10.24
CA THR A 41 4.12 -2.45 -11.20
C THR A 41 3.74 -3.46 -12.28
N SER A 42 4.61 -3.56 -13.29
CA SER A 42 4.50 -4.54 -14.39
C SER A 42 4.61 -5.99 -13.88
N ASP A 43 5.36 -6.21 -12.79
CA ASP A 43 5.48 -7.49 -12.08
C ASP A 43 4.35 -7.66 -11.03
N GLY A 44 3.34 -6.79 -11.05
CA GLY A 44 2.17 -6.84 -10.17
C GLY A 44 2.46 -6.46 -8.71
N ARG A 45 3.61 -5.83 -8.44
CA ARG A 45 4.00 -5.32 -7.11
C ARG A 45 3.44 -3.92 -6.85
N ILE A 46 3.70 -3.40 -5.65
CA ILE A 46 3.59 -1.97 -5.33
C ILE A 46 5.01 -1.38 -5.17
N ASP A 47 5.25 -0.19 -5.70
CA ASP A 47 6.53 0.53 -5.62
C ASP A 47 6.27 2.06 -5.63
N ASP A 48 7.30 2.87 -5.37
CA ASP A 48 7.21 4.34 -5.38
C ASP A 48 6.15 4.97 -4.45
N ILE A 49 5.88 4.27 -3.33
CA ILE A 49 4.88 4.58 -2.29
C ILE A 49 5.29 5.87 -1.57
N GLN A 50 4.35 6.81 -1.37
CA GLN A 50 4.58 8.10 -0.71
C GLN A 50 3.30 8.69 -0.08
N VAL A 51 3.45 9.40 1.04
CA VAL A 51 2.32 9.93 1.83
C VAL A 51 1.73 11.27 1.36
N LEU A 52 0.40 11.38 1.43
CA LEU A 52 -0.38 12.59 1.12
C LEU A 52 -1.04 13.22 2.36
N GLU A 53 -1.31 12.41 3.40
CA GLU A 53 -1.87 12.83 4.70
C GLU A 53 -1.61 11.72 5.75
N SER A 54 -1.27 12.07 6.99
CA SER A 54 -1.00 11.10 8.06
C SER A 54 -1.50 11.61 9.41
N VAL A 55 -2.25 10.76 10.11
CA VAL A 55 -3.07 11.13 11.26
C VAL A 55 -3.00 10.06 12.35
N PRO A 56 -2.67 10.39 13.61
CA PRO A 56 -2.18 11.69 14.09
C PRO A 56 -0.70 11.95 13.74
N SER A 57 0.02 10.95 13.23
CA SER A 57 1.48 10.95 13.04
C SER A 57 1.92 9.84 12.07
N ARG A 58 3.23 9.79 11.75
CA ARG A 58 3.84 8.74 10.93
C ARG A 58 3.80 7.32 11.52
N MET A 59 3.33 7.18 12.78
CA MET A 59 3.20 5.90 13.50
C MET A 59 2.56 4.78 12.67
N PHE A 60 1.49 5.12 11.94
CA PHE A 60 0.78 4.24 11.01
C PHE A 60 1.38 4.16 9.59
N ASP A 61 1.88 5.30 9.07
CA ASP A 61 2.54 5.42 7.75
C ASP A 61 3.67 4.42 7.50
N ARG A 62 4.56 4.28 8.50
CA ARG A 62 5.68 3.34 8.51
C ARG A 62 5.24 1.87 8.35
N GLU A 63 4.08 1.49 8.91
CA GLU A 63 3.55 0.11 8.76
C GLU A 63 2.87 -0.11 7.40
N VAL A 64 2.16 0.90 6.88
CA VAL A 64 1.44 0.83 5.58
C VAL A 64 2.43 0.63 4.43
N ARG A 65 3.51 1.43 4.36
CA ARG A 65 4.52 1.32 3.29
C ARG A 65 5.29 -0.01 3.31
N GLN A 66 5.36 -0.66 4.48
CA GLN A 66 5.97 -1.98 4.64
C GLN A 66 4.98 -3.12 4.34
N ALA A 67 3.67 -2.96 4.63
CA ALA A 67 2.64 -3.94 4.26
C ALA A 67 2.41 -4.00 2.75
N MET A 68 2.22 -2.86 2.09
CA MET A 68 1.99 -2.79 0.65
C MET A 68 3.19 -3.31 -0.17
N ALA A 69 4.40 -3.24 0.39
CA ALA A 69 5.61 -3.86 -0.15
C ALA A 69 5.60 -5.41 -0.14
N LYS A 70 4.60 -6.06 0.45
CA LYS A 70 4.35 -7.52 0.32
C LYS A 70 3.36 -7.87 -0.80
N TRP A 71 2.35 -7.03 -1.03
CA TRP A 71 1.18 -7.29 -1.88
C TRP A 71 1.50 -7.64 -3.33
N ARG A 72 0.63 -8.43 -3.99
CA ARG A 72 0.85 -8.94 -5.36
C ARG A 72 -0.44 -9.09 -6.19
N PHE A 73 -0.34 -8.78 -7.48
CA PHE A 73 -1.35 -8.95 -8.55
C PHE A 73 -0.99 -9.90 -9.71
N GLU A 74 -1.98 -10.34 -10.48
CA GLU A 74 -1.86 -11.08 -11.75
C GLU A 74 -2.72 -10.43 -12.87
N PRO A 75 -2.38 -10.59 -14.17
CA PRO A 75 -3.20 -10.10 -15.27
C PRO A 75 -4.54 -10.85 -15.38
N ARG A 76 -5.59 -10.17 -15.84
CA ARG A 76 -6.92 -10.77 -16.08
C ARG A 76 -6.90 -11.82 -17.19
N VAL A 77 -6.11 -11.59 -18.25
CA VAL A 77 -5.80 -12.58 -19.29
C VAL A 77 -4.49 -13.30 -18.95
N SER A 78 -4.50 -14.64 -18.87
CA SER A 78 -3.33 -15.45 -18.49
C SER A 78 -2.14 -15.26 -19.45
N GLY A 79 -2.41 -15.08 -20.74
CA GLY A 79 -1.40 -14.73 -21.76
C GLY A 79 -1.01 -13.24 -21.82
N GLY A 80 -1.67 -12.36 -21.06
CA GLY A 80 -1.42 -10.92 -21.05
C GLY A 80 -0.31 -10.48 -20.09
N LYS A 81 0.09 -9.20 -20.19
CA LYS A 81 1.01 -8.51 -19.28
C LYS A 81 0.32 -7.36 -18.52
N ILE A 82 0.67 -7.16 -17.26
CA ILE A 82 0.17 -6.03 -16.45
C ILE A 82 0.84 -4.73 -16.91
N VAL A 83 0.07 -3.65 -17.11
CA VAL A 83 0.64 -2.29 -17.22
C VAL A 83 0.83 -1.61 -15.87
N ALA A 84 2.03 -1.05 -15.66
CA ALA A 84 2.33 -0.27 -14.47
C ALA A 84 1.52 1.05 -14.46
N ARG A 85 0.92 1.41 -13.32
CA ARG A 85 -0.04 2.51 -13.21
C ARG A 85 -0.05 3.14 -11.83
N GLN A 86 -0.28 4.45 -11.73
CA GLN A 86 -0.45 5.16 -10.47
C GLN A 86 -1.83 4.90 -9.85
N ALA A 87 -1.91 4.82 -8.52
CA ALA A 87 -3.15 4.67 -7.77
C ALA A 87 -3.00 5.25 -6.34
N THR A 88 -4.13 5.49 -5.66
CA THR A 88 -4.20 5.98 -4.27
C THR A 88 -5.07 5.13 -3.34
N LYS A 89 -4.86 5.28 -2.03
CA LYS A 89 -5.54 4.52 -0.96
C LYS A 89 -5.70 5.36 0.32
N MET A 90 -6.84 5.27 0.99
CA MET A 90 -7.14 5.89 2.30
C MET A 90 -7.28 4.79 3.36
N PHE A 91 -6.23 4.58 4.16
CA PHE A 91 -6.25 3.72 5.35
C PHE A 91 -6.97 4.28 6.58
N PHE A 92 -7.90 3.51 7.16
CA PHE A 92 -8.51 3.82 8.45
C PHE A 92 -8.04 2.89 9.59
N PHE A 93 -7.27 3.44 10.54
CA PHE A 93 -6.83 2.75 11.77
C PHE A 93 -7.69 3.01 13.01
N LYS A 94 -8.38 1.99 13.54
CA LYS A 94 -9.26 2.16 14.71
C LYS A 94 -9.34 0.94 15.62
N ILE A 95 -9.28 1.19 16.93
CA ILE A 95 -9.26 0.17 17.98
C ILE A 95 -10.58 -0.61 18.02
N GLU A 96 -10.48 -1.93 18.22
CA GLU A 96 -11.58 -2.90 18.29
C GLU A 96 -12.22 -2.95 19.70
N LYS A 97 -12.50 -1.78 20.29
CA LYS A 97 -13.16 -1.57 21.59
C LYS A 97 -14.03 -0.31 21.56
N ARG A 98 -15.29 -0.42 21.98
CA ARG A 98 -16.26 0.68 22.04
C ARG A 98 -15.80 1.77 23.02
N ARG A 99 -15.94 3.05 22.64
CA ARG A 99 -15.49 4.23 23.38
C ARG A 99 -16.49 5.38 23.36
N SER A 1 -2.31 11.08 -14.15
CA SER A 1 -1.22 10.27 -14.73
C SER A 1 -1.79 8.95 -15.24
N HIS A 2 -1.39 8.48 -16.43
CA HIS A 2 -1.75 7.15 -16.91
C HIS A 2 -1.01 6.06 -16.13
N MET A 3 -1.73 5.14 -15.51
CA MET A 3 -1.22 4.28 -14.44
C MET A 3 -1.96 2.93 -14.35
N GLY A 4 -1.37 1.98 -13.62
CA GLY A 4 -2.03 0.73 -13.21
C GLY A 4 -2.74 0.87 -11.85
N SER A 5 -2.82 -0.24 -11.11
CA SER A 5 -3.21 -0.35 -9.69
C SER A 5 -3.01 -1.77 -9.15
N LEU A 6 -2.85 -1.92 -7.83
CA LEU A 6 -2.87 -3.23 -7.15
C LEU A 6 -4.24 -3.93 -7.27
N ASN A 7 -5.30 -3.15 -7.45
CA ASN A 7 -6.69 -3.58 -7.62
C ASN A 7 -7.09 -3.89 -9.08
N ASP A 8 -6.15 -3.78 -10.02
CA ASP A 8 -6.34 -4.24 -11.41
C ASP A 8 -6.78 -5.71 -11.52
N SER A 9 -7.72 -5.98 -12.43
CA SER A 9 -8.17 -7.33 -12.75
C SER A 9 -7.17 -8.10 -13.63
N ASP A 10 -6.18 -7.40 -14.22
CA ASP A 10 -5.06 -7.98 -14.95
C ASP A 10 -4.15 -8.93 -14.12
N ILE A 11 -4.26 -8.86 -12.79
CA ILE A 11 -3.41 -9.53 -11.79
C ILE A 11 -4.22 -9.98 -10.56
N LYS A 12 -3.63 -10.88 -9.75
CA LYS A 12 -4.15 -11.31 -8.43
C LYS A 12 -3.02 -11.34 -7.38
N PRO A 13 -3.28 -11.05 -6.09
CA PRO A 13 -2.26 -11.09 -5.03
C PRO A 13 -1.88 -12.52 -4.64
N LEU A 14 -0.59 -12.76 -4.36
CA LEU A 14 -0.07 -13.97 -3.70
C LEU A 14 0.32 -13.68 -2.25
N ARG A 15 1.17 -12.66 -2.02
CA ARG A 15 1.71 -12.30 -0.69
C ARG A 15 1.53 -10.80 -0.43
N MET A 16 1.10 -10.44 0.77
CA MET A 16 0.59 -9.09 1.13
C MET A 16 0.93 -8.63 2.57
N ASP A 17 2.11 -8.99 3.07
CA ASP A 17 2.60 -8.75 4.44
C ASP A 17 2.46 -7.33 5.01
N PRO A 18 1.57 -7.09 5.99
CA PRO A 18 1.31 -5.76 6.54
C PRO A 18 2.52 -5.08 7.21
N PRO A 19 2.65 -3.74 7.14
CA PRO A 19 3.62 -2.97 7.92
C PRO A 19 3.30 -3.03 9.42
N VAL A 20 4.32 -3.16 10.28
CA VAL A 20 4.12 -3.10 11.75
C VAL A 20 3.91 -1.67 12.26
N TYR A 21 3.03 -1.53 13.24
CA TYR A 21 2.80 -0.28 13.97
C TYR A 21 3.97 0.21 14.84
N PRO A 22 4.27 1.53 14.93
CA PRO A 22 5.25 2.05 15.88
C PRO A 22 4.79 1.79 17.32
N ARG A 23 5.68 1.23 18.16
CA ARG A 23 5.32 0.68 19.49
C ARG A 23 4.73 1.74 20.41
N MET A 24 5.42 2.88 20.54
CA MET A 24 5.03 4.00 21.40
C MET A 24 3.80 4.75 20.86
N ALA A 25 3.71 4.99 19.54
CA ALA A 25 2.54 5.64 18.95
C ALA A 25 1.26 4.79 19.14
N GLN A 26 1.36 3.47 18.94
CA GLN A 26 0.23 2.56 19.13
C GLN A 26 -0.18 2.49 20.62
N ALA A 27 0.81 2.44 21.51
CA ALA A 27 0.60 2.43 22.97
C ALA A 27 -0.11 3.68 23.50
N ARG A 28 0.22 4.88 22.99
CA ARG A 28 -0.41 6.15 23.40
C ARG A 28 -1.73 6.47 22.66
N GLY A 29 -2.09 5.67 21.65
CA GLY A 29 -3.35 5.76 20.91
C GLY A 29 -3.34 6.78 19.77
N ILE A 30 -2.17 6.97 19.15
CA ILE A 30 -1.87 8.03 18.17
C ILE A 30 -1.86 7.41 16.77
N GLU A 31 -2.87 7.72 15.96
CA GLU A 31 -3.03 7.16 14.60
C GLU A 31 -2.55 8.09 13.47
N GLY A 32 -2.49 7.57 12.25
CA GLY A 32 -1.89 8.25 11.11
C GLY A 32 -2.24 7.63 9.76
N ARG A 33 -1.73 8.23 8.67
CA ARG A 33 -1.92 7.76 7.29
C ARG A 33 -0.74 8.19 6.41
N VAL A 34 -0.38 7.38 5.42
CA VAL A 34 0.78 7.62 4.54
C VAL A 34 0.43 7.31 3.08
N LYS A 35 0.75 8.22 2.15
CA LYS A 35 0.45 8.11 0.72
C LYS A 35 1.71 7.70 -0.05
N VAL A 36 1.69 6.51 -0.62
CA VAL A 36 2.85 5.89 -1.29
C VAL A 36 2.62 5.64 -2.78
N LEU A 37 3.64 5.88 -3.59
CA LEU A 37 3.70 5.63 -5.03
C LEU A 37 4.83 4.63 -5.33
N PHE A 38 4.61 3.73 -6.28
CA PHE A 38 5.50 2.61 -6.61
C PHE A 38 5.34 2.07 -8.04
N THR A 39 6.31 1.29 -8.51
CA THR A 39 6.20 0.47 -9.73
C THR A 39 5.92 -1.00 -9.39
N ILE A 40 4.90 -1.59 -10.03
CA ILE A 40 4.65 -3.03 -10.07
C ILE A 40 5.52 -3.64 -11.18
N THR A 41 6.32 -4.66 -10.86
CA THR A 41 7.18 -5.38 -11.81
C THR A 41 6.53 -6.44 -12.71
N SER A 42 7.25 -6.84 -13.75
CA SER A 42 6.92 -7.95 -14.65
C SER A 42 6.82 -9.32 -13.94
N ASP A 43 7.53 -9.49 -12.80
CA ASP A 43 7.33 -10.58 -11.84
C ASP A 43 6.26 -10.36 -10.75
N GLY A 44 5.57 -9.22 -10.77
CA GLY A 44 4.58 -8.86 -9.76
C GLY A 44 5.16 -8.50 -8.39
N ARG A 45 6.45 -8.12 -8.33
CA ARG A 45 7.02 -7.47 -7.14
C ARG A 45 6.66 -5.98 -7.11
N ILE A 46 6.92 -5.33 -5.98
CA ILE A 46 6.88 -3.87 -5.81
C ILE A 46 8.30 -3.31 -5.79
N ASP A 47 8.51 -2.21 -6.51
CA ASP A 47 9.79 -1.55 -6.77
C ASP A 47 9.57 -0.02 -6.83
N ASP A 48 10.64 0.76 -6.92
CA ASP A 48 10.58 2.22 -7.15
C ASP A 48 9.75 3.03 -6.12
N ILE A 49 9.73 2.57 -4.86
CA ILE A 49 8.80 3.04 -3.82
C ILE A 49 9.20 4.44 -3.33
N GLN A 50 8.23 5.37 -3.24
CA GLN A 50 8.41 6.73 -2.71
C GLN A 50 7.14 7.26 -2.01
N VAL A 51 7.32 8.14 -1.02
CA VAL A 51 6.23 8.74 -0.22
C VAL A 51 5.90 10.18 -0.67
N LEU A 52 4.61 10.50 -0.79
CA LEU A 52 4.08 11.79 -1.27
C LEU A 52 3.31 12.59 -0.18
N GLU A 53 2.87 11.91 0.88
CA GLU A 53 2.22 12.52 2.05
C GLU A 53 2.43 11.64 3.29
N SER A 54 2.74 12.24 4.44
CA SER A 54 3.10 11.56 5.68
C SER A 54 2.37 12.19 6.87
N VAL A 55 1.55 11.42 7.58
CA VAL A 55 0.68 11.91 8.67
C VAL A 55 0.71 11.00 9.91
N PRO A 56 1.02 11.50 11.12
CA PRO A 56 1.47 12.85 11.45
C PRO A 56 2.89 13.16 10.92
N SER A 57 3.73 12.14 10.79
CA SER A 57 5.15 12.23 10.43
C SER A 57 5.55 11.11 9.48
N ARG A 58 6.75 11.18 8.90
CA ARG A 58 7.32 10.13 8.04
C ARG A 58 7.84 8.90 8.80
N MET A 59 7.44 8.70 10.05
CA MET A 59 7.84 7.58 10.92
C MET A 59 7.66 6.19 10.26
N PHE A 60 6.60 6.02 9.48
CA PHE A 60 6.23 4.72 8.89
C PHE A 60 7.01 4.43 7.58
N ASP A 61 7.56 5.45 6.88
CA ASP A 61 8.20 5.30 5.56
C ASP A 61 9.16 4.10 5.39
N ARG A 62 10.15 4.01 6.28
CA ARG A 62 11.18 2.98 6.32
C ARG A 62 10.67 1.56 6.65
N GLU A 63 9.49 1.42 7.26
CA GLU A 63 8.81 0.13 7.40
C GLU A 63 7.85 -0.15 6.23
N VAL A 64 7.03 0.82 5.80
CA VAL A 64 6.02 0.61 4.75
C VAL A 64 6.61 0.25 3.38
N ARG A 65 7.77 0.82 3.02
CA ARG A 65 8.50 0.39 1.81
C ARG A 65 9.06 -1.03 1.95
N GLN A 66 9.61 -1.38 3.11
CA GLN A 66 10.10 -2.73 3.39
C GLN A 66 8.98 -3.78 3.44
N ALA A 67 7.79 -3.41 3.90
CA ALA A 67 6.58 -4.22 3.87
C ALA A 67 6.13 -4.50 2.43
N MET A 68 5.92 -3.45 1.61
CA MET A 68 5.57 -3.64 0.20
C MET A 68 6.64 -4.37 -0.62
N ALA A 69 7.92 -4.23 -0.27
CA ALA A 69 9.01 -5.02 -0.85
C ALA A 69 8.88 -6.53 -0.59
N LYS A 70 8.08 -6.99 0.40
CA LYS A 70 7.71 -8.40 0.60
C LYS A 70 6.52 -8.86 -0.25
N TRP A 71 5.71 -7.93 -0.77
CA TRP A 71 4.46 -8.23 -1.49
C TRP A 71 4.72 -8.86 -2.85
N ARG A 72 3.79 -9.69 -3.34
CA ARG A 72 3.94 -10.48 -4.57
C ARG A 72 2.61 -10.71 -5.28
N PHE A 73 2.59 -10.52 -6.59
CA PHE A 73 1.48 -10.73 -7.52
C PHE A 73 1.67 -11.83 -8.58
N GLU A 74 0.56 -12.41 -9.03
CA GLU A 74 0.47 -13.32 -10.18
C GLU A 74 -0.41 -12.72 -11.29
N PRO A 75 -0.27 -13.16 -12.55
CA PRO A 75 -1.27 -12.92 -13.61
C PRO A 75 -2.63 -13.53 -13.26
N ARG A 76 -3.71 -12.98 -13.82
CA ARG A 76 -5.08 -13.52 -13.73
C ARG A 76 -5.15 -15.00 -14.14
N VAL A 77 -4.36 -15.39 -15.14
CA VAL A 77 -4.18 -16.76 -15.65
C VAL A 77 -2.71 -17.17 -15.52
N SER A 78 -2.41 -18.29 -14.88
CA SER A 78 -1.02 -18.67 -14.51
C SER A 78 -0.02 -18.80 -15.66
N GLY A 79 -0.49 -19.05 -16.89
CA GLY A 79 0.33 -19.04 -18.12
C GLY A 79 0.55 -17.66 -18.75
N GLY A 80 0.02 -16.58 -18.16
CA GLY A 80 0.06 -15.21 -18.70
C GLY A 80 1.24 -14.36 -18.22
N LYS A 81 1.25 -13.09 -18.65
CA LYS A 81 2.28 -12.07 -18.30
C LYS A 81 1.70 -10.84 -17.60
N ILE A 82 2.49 -10.21 -16.74
CA ILE A 82 2.13 -8.98 -16.03
C ILE A 82 2.64 -7.74 -16.79
N VAL A 83 1.74 -6.78 -17.03
CA VAL A 83 2.08 -5.45 -17.54
C VAL A 83 2.58 -4.57 -16.40
N ALA A 84 3.88 -4.26 -16.39
CA ALA A 84 4.51 -3.43 -15.37
C ALA A 84 4.02 -1.97 -15.46
N ARG A 85 3.63 -1.39 -14.31
CA ARG A 85 2.98 -0.07 -14.21
C ARG A 85 3.19 0.62 -12.87
N GLN A 86 3.00 1.93 -12.83
CA GLN A 86 2.86 2.69 -11.59
C GLN A 86 1.52 2.40 -10.90
N ALA A 87 1.53 2.48 -9.58
CA ALA A 87 0.35 2.38 -8.73
C ALA A 87 0.57 3.17 -7.43
N THR A 88 -0.50 3.60 -6.78
CA THR A 88 -0.47 4.31 -5.49
C THR A 88 -1.37 3.67 -4.43
N LYS A 89 -1.05 3.95 -3.17
CA LYS A 89 -1.70 3.39 -1.98
C LYS A 89 -1.75 4.40 -0.84
N MET A 90 -2.96 4.77 -0.44
CA MET A 90 -3.26 5.40 0.85
C MET A 90 -3.28 4.33 1.95
N PHE A 91 -2.26 4.31 2.81
CA PHE A 91 -2.20 3.51 4.03
C PHE A 91 -2.96 4.06 5.24
N PHE A 92 -3.68 3.21 5.96
CA PHE A 92 -4.51 3.58 7.10
C PHE A 92 -4.06 3.01 8.46
N PHE A 93 -3.09 3.68 9.07
CA PHE A 93 -2.55 3.39 10.42
C PHE A 93 -3.47 3.72 11.62
N LYS A 94 -4.76 3.38 11.50
CA LYS A 94 -5.83 3.63 12.49
C LYS A 94 -5.80 2.61 13.64
N ILE A 95 -6.08 3.07 14.85
CA ILE A 95 -6.08 2.24 16.07
C ILE A 95 -7.52 1.97 16.51
N GLU A 96 -7.84 0.73 16.84
CA GLU A 96 -9.16 0.30 17.31
C GLU A 96 -9.32 0.47 18.83
N LYS A 97 -9.83 1.62 19.27
CA LYS A 97 -10.26 1.87 20.65
C LYS A 97 -11.64 1.25 20.86
N ARG A 98 -11.78 0.36 21.85
CA ARG A 98 -12.95 -0.54 22.01
C ARG A 98 -13.11 -1.01 23.46
N ARG A 99 -14.19 -0.61 24.13
CA ARG A 99 -14.66 -1.17 25.40
C ARG A 99 -15.02 -2.64 25.23
N SER A 1 -6.87 10.25 -23.30
CA SER A 1 -7.42 9.44 -22.20
C SER A 1 -6.69 8.10 -22.12
N HIS A 2 -5.97 7.86 -21.02
CA HIS A 2 -5.17 6.65 -20.79
C HIS A 2 -5.18 6.16 -19.32
N MET A 3 -6.20 6.51 -18.53
CA MET A 3 -6.25 6.18 -17.10
C MET A 3 -6.71 4.74 -16.85
N GLY A 4 -5.97 3.99 -16.02
CA GLY A 4 -6.23 2.60 -15.66
C GLY A 4 -6.94 2.42 -14.31
N SER A 5 -6.96 1.16 -13.85
CA SER A 5 -7.53 0.74 -12.57
C SER A 5 -7.09 -0.68 -12.20
N LEU A 6 -7.00 -0.96 -10.90
CA LEU A 6 -6.88 -2.33 -10.37
C LEU A 6 -8.19 -3.15 -10.53
N ASN A 7 -9.31 -2.52 -10.89
CA ASN A 7 -10.58 -3.20 -11.18
C ASN A 7 -10.65 -3.81 -12.60
N ASP A 8 -9.65 -3.58 -13.46
CA ASP A 8 -9.65 -4.06 -14.85
C ASP A 8 -9.72 -5.58 -15.09
N SER A 9 -10.46 -5.98 -16.13
CA SER A 9 -10.57 -7.37 -16.61
C SER A 9 -9.32 -7.86 -17.37
N ASP A 10 -8.28 -7.02 -17.48
CA ASP A 10 -6.97 -7.37 -18.04
C ASP A 10 -6.09 -8.27 -17.15
N ILE A 11 -6.34 -8.26 -15.84
CA ILE A 11 -5.42 -8.76 -14.80
C ILE A 11 -6.14 -9.47 -13.64
N LYS A 12 -5.39 -10.24 -12.85
CA LYS A 12 -5.84 -10.93 -11.61
C LYS A 12 -4.73 -10.89 -10.54
N PRO A 13 -5.04 -10.71 -9.23
CA PRO A 13 -4.04 -10.49 -8.19
C PRO A 13 -3.33 -11.78 -7.76
N LEU A 14 -1.99 -11.74 -7.71
CA LEU A 14 -1.17 -12.74 -7.01
C LEU A 14 -1.02 -12.39 -5.53
N ARG A 15 -0.70 -11.13 -5.22
CA ARG A 15 -0.62 -10.59 -3.85
C ARG A 15 -1.09 -9.14 -3.79
N MET A 16 -1.92 -8.84 -2.79
CA MET A 16 -2.30 -7.48 -2.36
C MET A 16 -2.67 -7.47 -0.87
N ASP A 17 -1.65 -7.70 -0.03
CA ASP A 17 -1.67 -7.78 1.42
C ASP A 17 -1.67 -6.41 2.14
N PRO A 18 -2.69 -6.10 2.95
CA PRO A 18 -2.80 -4.85 3.72
C PRO A 18 -1.62 -4.60 4.68
N PRO A 19 -1.28 -3.32 4.95
CA PRO A 19 -0.23 -2.96 5.92
C PRO A 19 -0.59 -3.35 7.35
N VAL A 20 0.45 -3.52 8.18
CA VAL A 20 0.33 -3.51 9.65
C VAL A 20 -0.09 -2.12 10.15
N TYR A 21 -0.76 -2.06 11.30
CA TYR A 21 -1.06 -0.79 11.96
C TYR A 21 0.28 -0.35 12.61
N PRO A 22 0.78 0.89 12.40
CA PRO A 22 1.98 1.36 13.07
C PRO A 22 1.80 1.36 14.59
N ARG A 23 2.70 0.69 15.34
CA ARG A 23 2.56 0.52 16.79
C ARG A 23 2.51 1.84 17.58
N MET A 24 3.18 2.90 17.11
CA MET A 24 3.07 4.25 17.68
C MET A 24 1.65 4.82 17.51
N ALA A 25 1.05 4.71 16.32
CA ALA A 25 -0.31 5.16 16.07
C ALA A 25 -1.35 4.32 16.85
N GLN A 26 -1.07 3.03 17.06
CA GLN A 26 -1.87 2.12 17.88
C GLN A 26 -1.81 2.51 19.37
N ALA A 27 -0.60 2.76 19.90
CA ALA A 27 -0.35 3.15 21.29
C ALA A 27 -0.85 4.57 21.65
N ARG A 28 -0.85 5.50 20.68
CA ARG A 28 -1.47 6.83 20.78
C ARG A 28 -2.97 6.84 20.48
N GLY A 29 -3.49 5.79 19.82
CA GLY A 29 -4.91 5.57 19.58
C GLY A 29 -5.48 6.35 18.40
N ILE A 30 -4.71 6.51 17.32
CA ILE A 30 -4.99 7.41 16.20
C ILE A 30 -5.55 6.62 15.00
N GLU A 31 -6.78 6.94 14.60
CA GLU A 31 -7.39 6.50 13.35
C GLU A 31 -7.00 7.45 12.20
N GLY A 32 -6.89 6.93 10.97
CA GLY A 32 -6.31 7.67 9.82
C GLY A 32 -6.76 7.21 8.42
N ARG A 33 -6.49 8.04 7.40
CA ARG A 33 -6.77 7.72 5.98
C ARG A 33 -5.68 8.24 5.05
N VAL A 34 -5.51 7.59 3.88
CA VAL A 34 -4.49 7.95 2.87
C VAL A 34 -4.97 7.67 1.44
N LYS A 35 -4.84 8.62 0.52
CA LYS A 35 -5.03 8.39 -0.93
C LYS A 35 -3.68 8.28 -1.63
N VAL A 36 -3.46 7.18 -2.36
CA VAL A 36 -2.24 6.94 -3.16
C VAL A 36 -2.51 6.81 -4.66
N LEU A 37 -1.51 7.20 -5.45
CA LEU A 37 -1.44 7.12 -6.92
C LEU A 37 -0.20 6.31 -7.31
N PHE A 38 -0.31 5.48 -8.34
CA PHE A 38 0.74 4.55 -8.79
C PHE A 38 0.71 4.19 -10.28
N THR A 39 1.82 3.63 -10.78
CA THR A 39 1.90 3.01 -12.11
C THR A 39 1.86 1.49 -11.96
N ILE A 40 0.94 0.85 -12.68
CA ILE A 40 0.93 -0.60 -12.92
C ILE A 40 1.91 -0.89 -14.07
N THR A 41 2.87 -1.81 -13.88
CA THR A 41 3.86 -2.19 -14.92
C THR A 41 3.46 -3.29 -15.89
N SER A 42 4.23 -3.42 -16.98
CA SER A 42 4.06 -4.48 -17.98
C SER A 42 4.37 -5.90 -17.48
N ASP A 43 5.06 -6.03 -16.35
CA ASP A 43 5.19 -7.27 -15.56
C ASP A 43 3.98 -7.60 -14.67
N GLY A 44 3.14 -6.60 -14.37
CA GLY A 44 2.10 -6.67 -13.33
C GLY A 44 2.60 -6.26 -11.93
N ARG A 45 3.80 -5.67 -11.83
CA ARG A 45 4.27 -5.01 -10.59
C ARG A 45 3.56 -3.67 -10.37
N ILE A 46 3.63 -3.15 -9.15
CA ILE A 46 3.34 -1.74 -8.84
C ILE A 46 4.67 -0.96 -8.84
N ASP A 47 4.67 0.30 -9.27
CA ASP A 47 5.86 1.16 -9.33
C ASP A 47 5.41 2.64 -9.25
N ASP A 48 6.35 3.55 -9.02
CA ASP A 48 6.10 4.99 -8.98
C ASP A 48 5.01 5.50 -8.00
N ILE A 49 4.89 4.82 -6.85
CA ILE A 49 3.93 5.11 -5.78
C ILE A 49 4.18 6.51 -5.20
N GLN A 50 3.10 7.29 -5.03
CA GLN A 50 3.10 8.61 -4.40
C GLN A 50 1.76 8.96 -3.73
N VAL A 51 1.80 9.87 -2.76
CA VAL A 51 0.64 10.24 -1.90
C VAL A 51 -0.03 11.57 -2.29
N LEU A 52 -1.37 11.58 -2.36
CA LEU A 52 -2.18 12.77 -2.69
C LEU A 52 -2.83 13.41 -1.45
N GLU A 53 -3.16 12.62 -0.43
CA GLU A 53 -3.68 13.07 0.87
C GLU A 53 -3.32 12.04 1.95
N SER A 54 -2.96 12.48 3.15
CA SER A 54 -2.51 11.61 4.25
C SER A 54 -2.83 12.21 5.62
N VAL A 55 -3.61 11.49 6.42
CA VAL A 55 -4.40 12.04 7.53
C VAL A 55 -4.32 11.13 8.76
N PRO A 56 -4.09 11.69 9.97
CA PRO A 56 -3.79 13.09 10.25
C PRO A 56 -2.39 13.53 9.80
N SER A 57 -1.46 12.61 9.54
CA SER A 57 -0.09 12.91 9.09
C SER A 57 0.56 11.76 8.29
N ARG A 58 1.64 12.06 7.55
CA ARG A 58 2.24 11.13 6.56
C ARG A 58 2.96 9.90 7.13
N MET A 59 3.01 9.75 8.46
CA MET A 59 3.29 8.47 9.16
C MET A 59 2.57 7.26 8.53
N PHE A 60 1.31 7.43 8.13
CA PHE A 60 0.54 6.38 7.46
C PHE A 60 0.98 6.04 6.03
N ASP A 61 1.47 7.03 5.29
CA ASP A 61 2.10 6.83 3.98
C ASP A 61 3.30 5.88 3.99
N ARG A 62 4.21 6.11 4.94
CA ARG A 62 5.46 5.35 5.09
C ARG A 62 5.22 3.86 5.29
N GLU A 63 4.16 3.46 6.00
CA GLU A 63 3.82 2.05 6.18
C GLU A 63 3.04 1.46 4.98
N VAL A 64 2.14 2.24 4.36
CA VAL A 64 1.34 1.83 3.20
C VAL A 64 2.25 1.57 1.99
N ARG A 65 3.13 2.51 1.63
CA ARG A 65 4.00 2.39 0.43
C ARG A 65 4.95 1.19 0.53
N GLN A 66 5.36 0.83 1.74
CA GLN A 66 6.17 -0.36 1.99
C GLN A 66 5.35 -1.66 1.85
N ALA A 67 4.14 -1.72 2.39
CA ALA A 67 3.26 -2.87 2.23
C ALA A 67 2.93 -3.14 0.74
N MET A 68 2.72 -2.07 -0.05
CA MET A 68 2.50 -2.16 -1.50
C MET A 68 3.72 -2.65 -2.30
N ALA A 69 4.95 -2.60 -1.75
CA ALA A 69 6.14 -3.14 -2.40
C ALA A 69 6.12 -4.67 -2.56
N LYS A 70 5.25 -5.39 -1.81
CA LYS A 70 4.98 -6.82 -1.99
C LYS A 70 3.93 -7.12 -3.08
N TRP A 71 3.10 -6.15 -3.45
CA TRP A 71 1.93 -6.36 -4.30
C TRP A 71 2.28 -6.70 -5.76
N ARG A 72 1.56 -7.66 -6.36
CA ARG A 72 1.83 -8.23 -7.70
C ARG A 72 0.58 -8.82 -8.35
N PHE A 73 0.46 -8.60 -9.66
CA PHE A 73 -0.57 -9.14 -10.55
C PHE A 73 -0.06 -10.10 -11.65
N GLU A 74 -0.97 -10.83 -12.29
CA GLU A 74 -0.78 -11.57 -13.54
C GLU A 74 -1.91 -11.23 -14.54
N PRO A 75 -1.79 -11.51 -15.86
CA PRO A 75 -2.88 -11.30 -16.80
C PRO A 75 -4.07 -12.23 -16.48
N ARG A 76 -5.31 -11.77 -16.74
CA ARG A 76 -6.54 -12.55 -16.42
C ARG A 76 -6.69 -13.82 -17.29
N VAL A 77 -5.94 -13.89 -18.40
CA VAL A 77 -5.74 -15.05 -19.27
C VAL A 77 -4.25 -15.36 -19.45
N SER A 78 -3.86 -16.64 -19.32
CA SER A 78 -2.45 -17.02 -19.53
C SER A 78 -2.07 -16.87 -21.01
N GLY A 79 -0.88 -16.32 -21.27
CA GLY A 79 -0.46 -15.88 -22.62
C GLY A 79 -1.02 -14.51 -23.04
N GLY A 80 -1.80 -13.83 -22.18
CA GLY A 80 -2.16 -12.43 -22.34
C GLY A 80 -1.01 -11.47 -22.03
N LYS A 81 -1.23 -10.16 -22.23
CA LYS A 81 -0.26 -9.09 -21.93
C LYS A 81 -0.85 -7.99 -21.06
N ILE A 82 0.01 -7.33 -20.26
CA ILE A 82 -0.36 -6.23 -19.38
C ILE A 82 0.14 -4.90 -19.99
N VAL A 83 -0.79 -3.96 -20.20
CA VAL A 83 -0.49 -2.59 -20.63
C VAL A 83 -0.24 -1.70 -19.41
N ALA A 84 0.97 -1.13 -19.32
CA ALA A 84 1.39 -0.28 -18.22
C ALA A 84 0.58 1.03 -18.17
N ARG A 85 0.02 1.36 -17.00
CA ARG A 85 -1.08 2.32 -16.84
C ARG A 85 -1.11 2.93 -15.43
N GLN A 86 -1.51 4.20 -15.31
CA GLN A 86 -1.74 4.83 -14.00
C GLN A 86 -3.00 4.29 -13.30
N ALA A 87 -2.98 4.21 -11.97
CA ALA A 87 -4.13 3.82 -11.14
C ALA A 87 -4.03 4.41 -9.72
N THR A 88 -5.17 4.44 -9.00
CA THR A 88 -5.28 4.96 -7.62
C THR A 88 -5.89 3.94 -6.66
N LYS A 89 -5.71 4.17 -5.34
CA LYS A 89 -6.33 3.39 -4.25
C LYS A 89 -6.46 4.23 -2.96
N MET A 90 -7.55 4.09 -2.21
CA MET A 90 -7.69 4.63 -0.85
C MET A 90 -7.16 3.65 0.22
N PHE A 91 -6.74 4.17 1.37
CA PHE A 91 -6.57 3.49 2.65
C PHE A 91 -7.37 4.08 3.80
N PHE A 92 -7.95 3.24 4.66
CA PHE A 92 -8.78 3.60 5.82
C PHE A 92 -8.45 2.84 7.11
N PHE A 93 -7.46 3.32 7.85
CA PHE A 93 -7.04 2.77 9.14
C PHE A 93 -8.07 2.92 10.27
N LYS A 94 -8.46 1.81 10.93
CA LYS A 94 -9.43 1.77 12.03
C LYS A 94 -8.91 0.98 13.22
N ILE A 95 -8.99 1.52 14.43
CA ILE A 95 -8.73 0.76 15.67
C ILE A 95 -10.02 0.05 16.11
N GLU A 96 -9.97 -1.27 16.25
CA GLU A 96 -11.17 -2.13 16.39
C GLU A 96 -11.94 -1.99 17.71
N LYS A 97 -11.45 -1.21 18.69
CA LYS A 97 -12.07 -1.07 20.03
C LYS A 97 -13.19 -0.03 20.15
N ARG A 98 -13.50 0.67 19.07
CA ARG A 98 -14.59 1.67 18.96
C ARG A 98 -15.98 1.04 19.19
N ARG A 99 -16.76 1.62 20.11
CA ARG A 99 -18.08 1.17 20.59
C ARG A 99 -19.18 1.17 19.52
N SER A 1 0.20 10.99 -15.86
CA SER A 1 0.42 9.67 -16.49
C SER A 1 -0.57 8.65 -15.94
N HIS A 2 -0.88 7.60 -16.72
CA HIS A 2 -1.88 6.59 -16.38
C HIS A 2 -1.48 5.75 -15.14
N MET A 3 -2.47 5.40 -14.32
CA MET A 3 -2.33 4.60 -13.09
C MET A 3 -3.41 3.51 -13.00
N GLY A 4 -3.14 2.47 -12.21
CA GLY A 4 -4.09 1.39 -11.90
C GLY A 4 -4.74 1.50 -10.53
N SER A 5 -5.16 0.34 -10.00
CA SER A 5 -5.75 0.16 -8.66
C SER A 5 -5.77 -1.31 -8.24
N LEU A 6 -5.74 -1.59 -6.93
CA LEU A 6 -6.06 -2.92 -6.37
C LEU A 6 -7.53 -3.31 -6.64
N ASN A 7 -8.41 -2.32 -6.82
CA ASN A 7 -9.81 -2.49 -7.20
C ASN A 7 -10.01 -2.75 -8.71
N ASP A 8 -8.94 -2.86 -9.50
CA ASP A 8 -9.03 -3.17 -10.94
C ASP A 8 -9.74 -4.48 -11.31
N SER A 9 -10.56 -4.46 -12.37
CA SER A 9 -11.42 -5.60 -12.76
C SER A 9 -10.67 -6.85 -13.22
N ASP A 10 -9.50 -6.73 -13.89
CA ASP A 10 -8.76 -7.88 -14.44
C ASP A 10 -7.80 -8.65 -13.49
N ILE A 11 -7.86 -8.37 -12.18
CA ILE A 11 -7.02 -8.99 -11.14
C ILE A 11 -7.85 -9.57 -9.97
N LYS A 12 -7.24 -10.42 -9.14
CA LYS A 12 -7.83 -11.12 -7.98
C LYS A 12 -6.98 -10.94 -6.70
N PRO A 13 -7.56 -10.63 -5.53
CA PRO A 13 -6.83 -10.65 -4.26
C PRO A 13 -6.59 -12.08 -3.76
N LEU A 14 -5.35 -12.42 -3.40
CA LEU A 14 -4.97 -13.70 -2.77
C LEU A 14 -4.59 -13.54 -1.29
N ARG A 15 -3.99 -12.41 -0.92
CA ARG A 15 -3.67 -12.04 0.47
C ARG A 15 -3.81 -10.53 0.67
N MET A 16 -4.60 -10.13 1.66
CA MET A 16 -4.77 -8.75 2.14
C MET A 16 -4.90 -8.79 3.65
N ASP A 17 -4.03 -8.05 4.32
CA ASP A 17 -3.74 -8.18 5.75
C ASP A 17 -3.66 -6.81 6.45
N PRO A 18 -4.61 -6.43 7.31
CA PRO A 18 -4.70 -5.09 7.89
C PRO A 18 -3.42 -4.65 8.65
N PRO A 19 -3.07 -3.35 8.61
CA PRO A 19 -1.94 -2.79 9.35
C PRO A 19 -2.21 -2.73 10.85
N VAL A 20 -1.12 -2.67 11.63
CA VAL A 20 -1.14 -2.42 13.07
C VAL A 20 -1.64 -1.00 13.36
N TYR A 21 -2.52 -0.89 14.35
CA TYR A 21 -2.75 0.34 15.11
C TYR A 21 -1.62 0.68 16.10
N PRO A 22 -0.82 1.76 15.90
CA PRO A 22 0.32 2.08 16.78
C PRO A 22 -0.12 2.27 18.24
N ARG A 23 0.52 1.52 19.17
CA ARG A 23 -0.07 1.18 20.48
C ARG A 23 -0.36 2.41 21.35
N MET A 24 0.50 3.43 21.34
CA MET A 24 0.25 4.69 22.08
C MET A 24 -1.03 5.38 21.60
N ALA A 25 -1.17 5.63 20.29
CA ALA A 25 -2.34 6.29 19.73
C ALA A 25 -3.63 5.46 19.88
N GLN A 26 -3.49 4.13 19.80
CA GLN A 26 -4.53 3.13 20.03
C GLN A 26 -5.04 3.15 21.48
N ALA A 27 -4.12 3.26 22.45
CA ALA A 27 -4.42 3.36 23.86
C ALA A 27 -5.02 4.72 24.23
N ARG A 28 -4.40 5.81 23.80
CA ARG A 28 -4.75 7.19 24.19
C ARG A 28 -5.93 7.78 23.43
N GLY A 29 -6.28 7.21 22.27
CA GLY A 29 -7.35 7.70 21.41
C GLY A 29 -6.93 8.91 20.60
N ILE A 30 -5.91 8.72 19.76
CA ILE A 30 -5.47 9.70 18.76
C ILE A 30 -5.82 9.14 17.38
N GLU A 31 -6.81 9.75 16.74
CA GLU A 31 -7.27 9.39 15.41
C GLU A 31 -6.28 9.82 14.32
N GLY A 32 -6.37 9.19 13.15
CA GLY A 32 -5.48 9.46 12.01
C GLY A 32 -6.03 9.03 10.64
N ARG A 33 -5.28 9.36 9.59
CA ARG A 33 -5.53 8.92 8.20
C ARG A 33 -4.22 8.91 7.40
N VAL A 34 -4.07 8.00 6.43
CA VAL A 34 -2.85 7.89 5.61
C VAL A 34 -3.15 7.56 4.15
N LYS A 35 -2.58 8.33 3.22
CA LYS A 35 -2.75 8.16 1.77
C LYS A 35 -1.45 7.67 1.14
N VAL A 36 -1.30 6.36 1.00
CA VAL A 36 -0.09 5.75 0.40
C VAL A 36 -0.22 5.64 -1.12
N LEU A 37 0.91 5.80 -1.81
CA LEU A 37 1.14 5.52 -3.23
C LEU A 37 2.12 4.34 -3.35
N PHE A 38 1.88 3.42 -4.28
CA PHE A 38 2.69 2.22 -4.50
C PHE A 38 2.72 1.74 -5.95
N THR A 39 3.65 0.86 -6.32
CA THR A 39 3.55 0.05 -7.55
C THR A 39 2.96 -1.32 -7.17
N ILE A 40 1.97 -1.75 -7.95
CA ILE A 40 1.55 -3.16 -8.05
C ILE A 40 2.51 -3.84 -9.03
N THR A 41 3.27 -4.84 -8.59
CA THR A 41 4.20 -5.60 -9.44
C THR A 41 3.58 -6.66 -10.33
N SER A 42 4.29 -6.98 -11.40
CA SER A 42 3.92 -8.06 -12.34
C SER A 42 4.06 -9.45 -11.71
N ASP A 43 4.73 -9.58 -10.55
CA ASP A 43 4.68 -10.79 -9.70
C ASP A 43 3.47 -10.89 -8.77
N GLY A 44 2.66 -9.81 -8.66
CA GLY A 44 1.54 -9.70 -7.72
C GLY A 44 1.92 -9.19 -6.32
N ARG A 45 3.10 -8.57 -6.17
CA ARG A 45 3.55 -7.89 -4.93
C ARG A 45 3.24 -6.39 -4.94
N ILE A 46 3.49 -5.75 -3.79
CA ILE A 46 3.46 -4.30 -3.61
C ILE A 46 4.90 -3.78 -3.41
N ASP A 47 5.27 -2.71 -4.13
CA ASP A 47 6.62 -2.13 -4.17
C ASP A 47 6.59 -0.59 -4.16
N ASP A 48 7.74 0.04 -3.90
CA ASP A 48 7.98 1.49 -4.00
C ASP A 48 7.01 2.31 -3.12
N ILE A 49 6.68 1.80 -1.93
CA ILE A 49 5.65 2.35 -1.05
C ILE A 49 6.10 3.71 -0.49
N GLN A 50 5.30 4.74 -0.75
CA GLN A 50 5.53 6.14 -0.35
C GLN A 50 4.21 6.85 -0.03
N VAL A 51 4.26 8.09 0.45
CA VAL A 51 3.08 8.80 0.98
C VAL A 51 2.74 10.13 0.32
N LEU A 52 1.44 10.40 0.20
CA LEU A 52 0.86 11.66 -0.28
C LEU A 52 0.36 12.53 0.90
N GLU A 53 -0.13 11.92 1.98
CA GLU A 53 -0.25 12.53 3.32
C GLU A 53 -0.35 11.48 4.43
N SER A 54 0.05 11.87 5.64
CA SER A 54 0.13 11.00 6.82
C SER A 54 -0.22 11.79 8.09
N VAL A 55 -1.36 11.47 8.69
CA VAL A 55 -2.02 12.21 9.78
C VAL A 55 -2.21 11.32 11.00
N PRO A 56 -1.80 11.73 12.22
CA PRO A 56 -1.12 13.00 12.54
C PRO A 56 0.29 13.13 11.96
N SER A 57 0.93 12.02 11.60
CA SER A 57 2.33 11.95 11.21
C SER A 57 2.69 10.62 10.54
N ARG A 58 3.99 10.43 10.25
CA ARG A 58 4.61 9.15 9.86
C ARG A 58 4.28 7.97 10.80
N MET A 59 3.82 8.23 12.03
CA MET A 59 3.36 7.24 13.02
C MET A 59 2.50 6.11 12.43
N PHE A 60 1.53 6.47 11.59
CA PHE A 60 0.64 5.50 10.93
C PHE A 60 1.19 4.88 9.64
N ASP A 61 1.99 5.64 8.88
CA ASP A 61 2.69 5.18 7.68
C ASP A 61 3.60 3.96 7.86
N ARG A 62 4.38 3.95 8.95
CA ARG A 62 5.33 2.87 9.28
C ARG A 62 4.70 1.48 9.36
N GLU A 63 3.43 1.40 9.75
CA GLU A 63 2.72 0.13 9.87
C GLU A 63 2.10 -0.31 8.53
N VAL A 64 1.59 0.62 7.72
CA VAL A 64 1.01 0.32 6.40
C VAL A 64 2.04 -0.32 5.45
N ARG A 65 3.26 0.24 5.38
CA ARG A 65 4.33 -0.31 4.50
C ARG A 65 4.82 -1.70 4.91
N GLN A 66 4.76 -2.06 6.20
CA GLN A 66 5.07 -3.42 6.66
C GLN A 66 3.95 -4.42 6.38
N ALA A 67 2.68 -3.99 6.46
CA ALA A 67 1.52 -4.80 6.11
C ALA A 67 1.47 -5.10 4.60
N MET A 68 1.61 -4.07 3.75
CA MET A 68 1.58 -4.19 2.29
C MET A 68 2.66 -5.09 1.70
N ALA A 69 3.81 -5.27 2.38
CA ALA A 69 4.83 -6.25 1.98
C ALA A 69 4.35 -7.72 2.03
N LYS A 70 3.29 -8.00 2.80
CA LYS A 70 2.59 -9.31 2.87
C LYS A 70 1.38 -9.42 1.94
N TRP A 71 0.90 -8.31 1.34
CA TRP A 71 -0.24 -8.33 0.41
C TRP A 71 0.14 -8.97 -0.92
N ARG A 72 -0.75 -9.79 -1.49
CA ARG A 72 -0.57 -10.53 -2.75
C ARG A 72 -1.81 -10.56 -3.64
N PHE A 73 -1.58 -10.38 -4.94
CA PHE A 73 -2.55 -10.44 -6.03
C PHE A 73 -2.25 -11.46 -7.14
N GLU A 74 -3.24 -11.81 -7.96
CA GLU A 74 -3.11 -12.61 -9.17
C GLU A 74 -3.82 -11.98 -10.39
N PRO A 75 -3.45 -12.36 -11.63
CA PRO A 75 -4.30 -12.14 -12.80
C PRO A 75 -5.64 -12.89 -12.66
N ARG A 76 -6.70 -12.38 -13.29
CA ARG A 76 -8.00 -13.09 -13.37
C ARG A 76 -7.93 -14.37 -14.20
N VAL A 77 -7.13 -14.38 -15.27
CA VAL A 77 -6.80 -15.57 -16.07
C VAL A 77 -5.58 -16.27 -15.45
N SER A 78 -5.73 -17.50 -14.94
CA SER A 78 -4.65 -18.16 -14.17
C SER A 78 -3.39 -18.48 -14.99
N GLY A 79 -3.49 -18.55 -16.32
CA GLY A 79 -2.37 -18.68 -17.23
C GLY A 79 -1.66 -17.35 -17.58
N GLY A 80 -2.19 -16.20 -17.16
CA GLY A 80 -1.63 -14.87 -17.45
C GLY A 80 -0.60 -14.37 -16.43
N LYS A 81 -0.27 -13.07 -16.52
CA LYS A 81 0.42 -12.29 -15.48
C LYS A 81 -0.10 -10.86 -15.40
N ILE A 82 0.08 -10.22 -14.25
CA ILE A 82 -0.32 -8.82 -13.96
C ILE A 82 0.50 -7.82 -14.77
N VAL A 83 -0.15 -6.77 -15.28
CA VAL A 83 0.51 -5.58 -15.86
C VAL A 83 0.92 -4.58 -14.76
N ALA A 84 2.21 -4.36 -14.56
CA ALA A 84 2.71 -3.53 -13.44
C ALA A 84 2.32 -2.04 -13.59
N ARG A 85 1.86 -1.42 -12.50
CA ARG A 85 1.23 -0.08 -12.49
C ARG A 85 1.19 0.56 -11.12
N GLN A 86 1.13 1.89 -11.08
CA GLN A 86 1.00 2.67 -9.84
C GLN A 86 -0.44 2.62 -9.31
N ALA A 87 -0.65 2.74 -7.99
CA ALA A 87 -1.96 2.79 -7.35
C ALA A 87 -1.89 3.48 -5.96
N THR A 88 -3.04 3.90 -5.43
CA THR A 88 -3.18 4.47 -4.07
C THR A 88 -4.16 3.76 -3.14
N LYS A 89 -4.02 4.01 -1.83
CA LYS A 89 -4.96 3.56 -0.78
C LYS A 89 -5.07 4.57 0.36
N MET A 90 -6.31 4.94 0.71
CA MET A 90 -6.69 5.81 1.82
C MET A 90 -7.06 4.97 3.07
N PHE A 91 -6.21 5.03 4.09
CA PHE A 91 -6.43 4.44 5.42
C PHE A 91 -7.18 5.31 6.43
N PHE A 92 -8.09 4.71 7.21
CA PHE A 92 -8.93 5.41 8.20
C PHE A 92 -8.79 4.94 9.66
N PHE A 93 -7.78 5.45 10.35
CA PHE A 93 -7.44 5.11 11.74
C PHE A 93 -8.32 5.75 12.85
N LYS A 94 -9.60 5.35 12.96
CA LYS A 94 -10.52 5.76 14.04
C LYS A 94 -10.36 4.88 15.27
N ILE A 95 -10.31 5.47 16.48
CA ILE A 95 -10.05 4.76 17.74
C ILE A 95 -11.30 4.66 18.62
N GLU A 96 -11.59 3.44 19.04
CA GLU A 96 -12.81 2.99 19.74
C GLU A 96 -12.94 3.38 21.23
N LYS A 97 -12.24 4.43 21.68
CA LYS A 97 -12.20 4.84 23.10
C LYS A 97 -13.55 5.30 23.66
N ARG A 98 -13.71 5.18 24.99
CA ARG A 98 -14.54 6.06 25.85
C ARG A 98 -14.05 6.04 27.31
N ARG A 99 -14.34 7.10 28.06
CA ARG A 99 -13.83 7.32 29.43
C ARG A 99 -14.60 6.53 30.49
N SER A 1 6.04 5.04 -14.97
CA SER A 1 5.11 4.10 -14.32
C SER A 1 3.75 4.75 -14.13
N HIS A 2 2.66 4.04 -14.46
CA HIS A 2 1.28 4.53 -14.29
C HIS A 2 0.84 4.58 -12.82
N MET A 3 -0.14 5.42 -12.49
CA MET A 3 -0.78 5.48 -11.17
C MET A 3 -2.01 4.58 -11.08
N GLY A 4 -2.00 3.69 -10.08
CA GLY A 4 -3.09 2.78 -9.72
C GLY A 4 -3.43 2.74 -8.22
N SER A 5 -3.70 1.55 -7.69
CA SER A 5 -4.22 1.29 -6.34
C SER A 5 -4.17 -0.19 -5.94
N LEU A 6 -4.11 -0.47 -4.64
CA LEU A 6 -4.21 -1.81 -4.06
C LEU A 6 -5.57 -2.50 -4.32
N ASN A 7 -6.62 -1.74 -4.68
CA ASN A 7 -7.97 -2.28 -4.94
C ASN A 7 -8.18 -2.86 -6.36
N ASP A 8 -7.10 -3.06 -7.13
CA ASP A 8 -7.19 -3.69 -8.46
C ASP A 8 -7.68 -5.15 -8.41
N SER A 9 -8.69 -5.48 -9.24
CA SER A 9 -9.31 -6.80 -9.32
C SER A 9 -8.49 -7.84 -10.12
N ASP A 10 -7.43 -7.41 -10.82
CA ASP A 10 -6.45 -8.32 -11.43
C ASP A 10 -5.51 -9.05 -10.45
N ILE A 11 -5.50 -8.66 -9.17
CA ILE A 11 -4.57 -9.15 -8.13
C ILE A 11 -5.32 -9.57 -6.84
N LYS A 12 -4.63 -10.28 -5.95
CA LYS A 12 -5.13 -10.76 -4.64
C LYS A 12 -4.05 -10.67 -3.55
N PRO A 13 -4.40 -10.35 -2.29
CA PRO A 13 -3.46 -10.23 -1.18
C PRO A 13 -3.00 -11.61 -0.65
N LEU A 14 -1.70 -11.74 -0.38
CA LEU A 14 -1.09 -12.86 0.36
C LEU A 14 -0.62 -12.42 1.74
N ARG A 15 -0.05 -11.20 1.86
CA ARG A 15 0.36 -10.57 3.12
C ARG A 15 0.00 -9.09 3.18
N MET A 16 -0.66 -8.67 4.27
CA MET A 16 -0.99 -7.29 4.63
C MET A 16 -0.89 -7.08 6.15
N ASP A 17 0.24 -7.50 6.71
CA ASP A 17 0.65 -7.47 8.11
C ASP A 17 0.56 -6.04 8.69
N PRO A 18 -0.42 -5.76 9.57
CA PRO A 18 -0.71 -4.41 10.06
C PRO A 18 0.32 -3.94 11.11
N PRO A 19 0.63 -2.63 11.19
CA PRO A 19 1.47 -2.08 12.26
C PRO A 19 0.77 -2.20 13.63
N VAL A 20 1.56 -2.39 14.69
CA VAL A 20 1.14 -2.22 16.10
C VAL A 20 1.31 -0.79 16.59
N TYR A 21 0.37 -0.29 17.39
CA TYR A 21 0.43 1.07 17.93
C TYR A 21 1.69 1.40 18.76
N PRO A 22 2.31 2.59 18.63
CA PRO A 22 3.38 3.00 19.54
C PRO A 22 2.85 3.06 20.97
N ARG A 23 3.42 2.26 21.86
CA ARG A 23 2.82 2.02 23.18
C ARG A 23 2.70 3.29 24.03
N MET A 24 3.61 4.25 23.87
CA MET A 24 3.57 5.57 24.51
C MET A 24 2.49 6.50 23.93
N ALA A 25 2.12 6.37 22.66
CA ALA A 25 1.00 7.10 22.05
C ALA A 25 -0.35 6.52 22.49
N GLN A 26 -0.46 5.19 22.51
CA GLN A 26 -1.69 4.49 22.93
C GLN A 26 -1.97 4.72 24.42
N ALA A 27 -0.94 4.67 25.26
CA ALA A 27 -1.01 4.94 26.71
C ALA A 27 -1.57 6.34 27.03
N ARG A 28 -1.11 7.37 26.32
CA ARG A 28 -1.52 8.78 26.51
C ARG A 28 -2.80 9.17 25.76
N GLY A 29 -3.30 8.30 24.88
CA GLY A 29 -4.56 8.48 24.15
C GLY A 29 -4.43 9.45 22.97
N ILE A 30 -3.30 9.42 22.26
CA ILE A 30 -2.95 10.36 21.19
C ILE A 30 -3.37 9.80 19.84
N GLU A 31 -4.21 10.53 19.12
CA GLU A 31 -4.60 10.21 17.74
C GLU A 31 -3.79 10.98 16.70
N GLY A 32 -3.63 10.37 15.51
CA GLY A 32 -2.94 10.95 14.36
C GLY A 32 -3.40 10.39 13.02
N ARG A 33 -2.67 10.73 11.95
CA ARG A 33 -2.85 10.19 10.59
C ARG A 33 -1.54 10.24 9.80
N VAL A 34 -1.39 9.38 8.80
CA VAL A 34 -0.21 9.31 7.92
C VAL A 34 -0.63 8.98 6.48
N LYS A 35 -0.14 9.71 5.48
CA LYS A 35 -0.33 9.37 4.06
C LYS A 35 1.00 9.15 3.37
N VAL A 36 1.08 8.08 2.57
CA VAL A 36 2.30 7.58 1.92
C VAL A 36 2.04 7.21 0.46
N LEU A 37 3.09 7.34 -0.35
CA LEU A 37 3.16 6.92 -1.74
C LEU A 37 4.18 5.77 -1.91
N PHE A 38 3.93 4.89 -2.88
CA PHE A 38 4.71 3.68 -3.15
C PHE A 38 4.69 3.21 -4.61
N THR A 39 5.49 2.19 -4.94
CA THR A 39 5.36 1.37 -6.14
C THR A 39 4.91 -0.03 -5.69
N ILE A 40 3.83 -0.52 -6.27
CA ILE A 40 3.46 -1.95 -6.27
C ILE A 40 4.33 -2.60 -7.34
N THR A 41 5.26 -3.46 -6.96
CA THR A 41 6.21 -4.11 -7.89
C THR A 41 5.63 -5.18 -8.81
N SER A 42 6.42 -5.58 -9.81
CA SER A 42 6.12 -6.72 -10.70
C SER A 42 6.13 -8.09 -10.00
N ASP A 43 6.63 -8.19 -8.76
CA ASP A 43 6.35 -9.33 -7.86
C ASP A 43 5.01 -9.25 -7.10
N GLY A 44 4.45 -8.04 -6.97
CA GLY A 44 3.27 -7.74 -6.15
C GLY A 44 3.57 -7.26 -4.72
N ARG A 45 4.84 -7.05 -4.35
CA ARG A 45 5.23 -6.44 -3.06
C ARG A 45 5.37 -4.92 -3.16
N ILE A 46 5.69 -4.23 -2.06
CA ILE A 46 5.66 -2.77 -1.95
C ILE A 46 7.08 -2.19 -1.80
N ASP A 47 7.46 -1.28 -2.69
CA ASP A 47 8.77 -0.63 -2.75
C ASP A 47 8.55 0.88 -2.98
N ASP A 48 9.63 1.67 -3.10
CA ASP A 48 9.57 3.12 -3.32
C ASP A 48 8.87 3.95 -2.21
N ILE A 49 8.72 3.37 -1.01
CA ILE A 49 7.85 3.88 0.08
C ILE A 49 8.35 5.25 0.58
N GLN A 50 7.50 6.27 0.51
CA GLN A 50 7.82 7.66 0.83
C GLN A 50 6.61 8.41 1.43
N VAL A 51 6.88 9.36 2.33
CA VAL A 51 5.83 10.14 3.03
C VAL A 51 5.28 11.32 2.21
N LEU A 52 3.99 11.61 2.41
CA LEU A 52 3.29 12.80 1.92
C LEU A 52 2.76 13.68 3.07
N GLU A 53 2.29 13.07 4.17
CA GLU A 53 1.87 13.72 5.42
C GLU A 53 2.08 12.76 6.61
N SER A 54 2.56 13.24 7.76
CA SER A 54 2.63 12.45 9.00
C SER A 54 2.35 13.30 10.24
N VAL A 55 1.45 12.81 11.10
CA VAL A 55 0.78 13.56 12.17
C VAL A 55 0.65 12.73 13.46
N PRO A 56 0.98 13.26 14.66
CA PRO A 56 1.53 14.61 14.91
C PRO A 56 3.02 14.81 14.57
N SER A 57 3.75 13.75 14.24
CA SER A 57 5.15 13.78 13.77
C SER A 57 5.45 12.52 12.96
N ARG A 58 6.70 12.33 12.49
CA ARG A 58 7.15 11.08 11.84
C ARG A 58 7.26 9.85 12.76
N MET A 59 6.88 9.97 14.03
CA MET A 59 6.65 8.87 14.98
C MET A 59 5.93 7.66 14.37
N PHE A 60 4.84 7.90 13.63
CA PHE A 60 4.06 6.87 12.93
C PHE A 60 4.63 6.37 11.59
N ASP A 61 5.29 7.25 10.83
CA ASP A 61 5.88 6.96 9.51
C ASP A 61 6.83 5.76 9.50
N ARG A 62 7.78 5.74 10.44
CA ARG A 62 8.81 4.69 10.53
C ARG A 62 8.20 3.31 10.79
N GLU A 63 7.16 3.22 11.63
CA GLU A 63 6.49 1.95 11.96
C GLU A 63 5.58 1.48 10.81
N VAL A 64 4.81 2.38 10.15
CA VAL A 64 3.97 2.01 8.99
C VAL A 64 4.78 1.55 7.77
N ARG A 65 5.95 2.17 7.51
CA ARG A 65 6.95 1.69 6.54
C ARG A 65 7.42 0.26 6.83
N GLN A 66 7.74 -0.01 8.09
CA GLN A 66 8.21 -1.34 8.55
C GLN A 66 7.15 -2.44 8.36
N ALA A 67 5.87 -2.11 8.62
CA ALA A 67 4.75 -2.99 8.33
C ALA A 67 4.57 -3.25 6.82
N MET A 68 4.45 -2.20 6.00
CA MET A 68 4.24 -2.32 4.55
C MET A 68 5.40 -2.99 3.80
N ALA A 69 6.63 -2.90 4.33
CA ALA A 69 7.80 -3.61 3.83
C ALA A 69 7.67 -5.15 3.83
N LYS A 70 6.71 -5.71 4.58
CA LYS A 70 6.37 -7.16 4.62
C LYS A 70 5.19 -7.56 3.71
N TRP A 71 4.48 -6.60 3.12
CA TRP A 71 3.29 -6.86 2.32
C TRP A 71 3.59 -7.52 0.98
N ARG A 72 2.66 -8.33 0.45
CA ARG A 72 2.79 -9.08 -0.81
C ARG A 72 1.42 -9.43 -1.41
N PHE A 73 1.26 -9.18 -2.70
CA PHE A 73 0.19 -9.63 -3.59
C PHE A 73 0.62 -10.72 -4.59
N GLU A 74 -0.35 -11.38 -5.22
CA GLU A 74 -0.16 -12.26 -6.39
C GLU A 74 -1.25 -11.95 -7.45
N PRO A 75 -1.05 -12.28 -8.74
CA PRO A 75 -2.09 -12.15 -9.75
C PRO A 75 -3.30 -13.04 -9.44
N ARG A 76 -4.50 -12.60 -9.81
CA ARG A 76 -5.77 -13.31 -9.53
C ARG A 76 -6.11 -14.38 -10.58
N VAL A 77 -5.54 -14.33 -11.79
CA VAL A 77 -5.60 -15.41 -12.80
C VAL A 77 -4.49 -16.42 -12.48
N SER A 78 -4.81 -17.71 -12.57
CA SER A 78 -3.91 -18.82 -12.26
C SER A 78 -2.69 -18.83 -13.20
N GLY A 79 -1.48 -18.87 -12.64
CA GLY A 79 -0.23 -18.76 -13.40
C GLY A 79 0.04 -17.40 -14.05
N GLY A 80 -0.71 -16.35 -13.71
CA GLY A 80 -0.61 -15.01 -14.31
C GLY A 80 0.63 -14.20 -13.91
N LYS A 81 0.60 -12.90 -14.22
CA LYS A 81 1.69 -11.92 -14.03
C LYS A 81 1.18 -10.54 -13.63
N ILE A 82 2.05 -9.70 -13.04
CA ILE A 82 1.76 -8.33 -12.58
C ILE A 82 2.61 -7.31 -13.34
N VAL A 83 1.97 -6.27 -13.87
CA VAL A 83 2.62 -5.00 -14.25
C VAL A 83 2.67 -4.03 -13.07
N ALA A 84 3.83 -3.46 -12.77
CA ALA A 84 4.04 -2.51 -11.67
C ALA A 84 3.34 -1.15 -11.89
N ARG A 85 2.89 -0.54 -10.80
CA ARG A 85 2.17 0.76 -10.78
C ARG A 85 2.38 1.52 -9.47
N GLN A 86 2.39 2.86 -9.56
CA GLN A 86 2.42 3.77 -8.43
C GLN A 86 1.09 3.69 -7.65
N ALA A 87 1.10 3.99 -6.35
CA ALA A 87 -0.09 3.96 -5.50
C ALA A 87 0.08 4.80 -4.21
N THR A 88 -1.04 5.10 -3.53
CA THR A 88 -1.11 5.72 -2.19
C THR A 88 -2.11 5.06 -1.24
N LYS A 89 -1.97 5.34 0.07
CA LYS A 89 -2.86 4.86 1.16
C LYS A 89 -2.91 5.88 2.31
N MET A 90 -4.12 6.25 2.74
CA MET A 90 -4.37 7.09 3.93
C MET A 90 -4.54 6.22 5.20
N PHE A 91 -3.61 6.33 6.15
CA PHE A 91 -3.65 5.68 7.47
C PHE A 91 -4.26 6.47 8.62
N PHE A 92 -5.16 5.85 9.39
CA PHE A 92 -5.94 6.47 10.46
C PHE A 92 -5.69 5.98 11.89
N PHE A 93 -4.60 6.45 12.49
CA PHE A 93 -4.17 6.12 13.85
C PHE A 93 -5.01 6.70 15.00
N LYS A 94 -6.29 6.31 15.06
CA LYS A 94 -7.27 6.75 16.08
C LYS A 94 -7.39 5.74 17.23
N ILE A 95 -7.69 6.21 18.44
CA ILE A 95 -7.73 5.36 19.65
C ILE A 95 -9.13 4.74 19.80
N GLU A 96 -9.19 3.43 20.06
CA GLU A 96 -10.44 2.64 20.00
C GLU A 96 -11.38 2.79 21.22
N LYS A 97 -10.96 3.52 22.27
CA LYS A 97 -11.68 3.68 23.55
C LYS A 97 -13.03 4.39 23.44
N ARG A 98 -13.18 5.20 22.40
CA ARG A 98 -14.30 6.13 22.14
C ARG A 98 -15.26 5.63 21.07
N ARG A 99 -16.57 5.59 21.38
CA ARG A 99 -17.65 5.16 20.47
C ARG A 99 -17.94 6.11 19.31
N SER A 1 3.86 9.22 -19.65
CA SER A 1 2.77 8.69 -20.48
C SER A 1 2.85 7.18 -20.71
N HIS A 2 1.75 6.60 -21.17
CA HIS A 2 1.62 5.22 -21.66
C HIS A 2 1.70 4.09 -20.60
N MET A 3 1.69 4.42 -19.30
CA MET A 3 1.86 3.43 -18.22
C MET A 3 0.64 2.51 -17.98
N GLY A 4 0.82 1.51 -17.12
CA GLY A 4 -0.21 0.57 -16.66
C GLY A 4 -0.94 0.99 -15.38
N SER A 5 -1.80 0.11 -14.88
CA SER A 5 -2.61 0.32 -13.66
C SER A 5 -2.95 -1.00 -12.98
N LEU A 6 -3.16 -0.98 -11.66
CA LEU A 6 -3.72 -2.10 -10.88
C LEU A 6 -5.20 -2.30 -11.21
N ASN A 7 -5.96 -1.20 -11.27
CA ASN A 7 -7.42 -1.18 -11.53
C ASN A 7 -7.80 -1.42 -13.01
N ASP A 8 -6.89 -2.03 -13.79
CA ASP A 8 -7.10 -2.38 -15.20
C ASP A 8 -7.94 -3.65 -15.41
N SER A 9 -8.97 -3.60 -16.27
CA SER A 9 -9.86 -4.71 -16.57
C SER A 9 -9.21 -5.89 -17.31
N ASP A 10 -8.04 -5.68 -17.92
CA ASP A 10 -7.30 -6.71 -18.67
C ASP A 10 -6.40 -7.65 -17.83
N ILE A 11 -6.41 -7.47 -16.51
CA ILE A 11 -5.72 -8.32 -15.52
C ILE A 11 -6.63 -8.69 -14.35
N LYS A 12 -6.35 -9.82 -13.71
CA LYS A 12 -7.08 -10.40 -12.57
C LYS A 12 -6.31 -10.22 -11.26
N PRO A 13 -6.87 -9.57 -10.22
CA PRO A 13 -6.22 -9.47 -8.90
C PRO A 13 -6.36 -10.78 -8.11
N LEU A 14 -5.28 -11.56 -8.02
CA LEU A 14 -5.25 -12.85 -7.32
C LEU A 14 -4.84 -12.73 -5.84
N ARG A 15 -3.98 -11.76 -5.51
CA ARG A 15 -3.62 -11.39 -4.13
C ARG A 15 -3.29 -9.90 -4.06
N MET A 16 -3.93 -9.18 -3.14
CA MET A 16 -3.76 -7.74 -2.89
C MET A 16 -3.76 -7.40 -1.38
N ASP A 17 -3.07 -8.24 -0.60
CA ASP A 17 -2.93 -8.18 0.87
C ASP A 17 -2.52 -6.79 1.39
N PRO A 18 -3.43 -6.04 2.05
CA PRO A 18 -3.15 -4.68 2.50
C PRO A 18 -1.99 -4.60 3.50
N PRO A 19 -1.16 -3.54 3.48
CA PRO A 19 -0.06 -3.36 4.42
C PRO A 19 -0.54 -3.21 5.88
N VAL A 20 0.37 -3.50 6.81
CA VAL A 20 0.18 -3.24 8.25
C VAL A 20 0.15 -1.74 8.58
N TYR A 21 -0.52 -1.36 9.66
CA TYR A 21 -0.33 -0.02 10.26
C TYR A 21 0.84 -0.23 11.24
N PRO A 22 1.96 0.51 11.14
CA PRO A 22 3.10 0.34 12.05
C PRO A 22 2.72 0.68 13.49
N ARG A 23 3.09 -0.17 14.47
CA ARG A 23 2.73 0.05 15.87
C ARG A 23 3.24 1.38 16.43
N MET A 24 4.40 1.85 15.97
CA MET A 24 4.92 3.19 16.30
C MET A 24 3.94 4.31 15.93
N ALA A 25 3.43 4.30 14.69
CA ALA A 25 2.45 5.29 14.21
C ALA A 25 1.10 5.17 14.95
N GLN A 26 0.70 3.95 15.28
CA GLN A 26 -0.54 3.63 16.02
C GLN A 26 -0.48 4.13 17.48
N ALA A 27 0.66 3.95 18.15
CA ALA A 27 0.91 4.36 19.53
C ALA A 27 1.09 5.88 19.69
N ARG A 28 1.77 6.52 18.73
CA ARG A 28 1.93 8.00 18.65
C ARG A 28 0.69 8.73 18.11
N GLY A 29 -0.27 8.02 17.53
CA GLY A 29 -1.56 8.58 17.09
C GLY A 29 -1.50 9.32 15.75
N ILE A 30 -0.64 8.85 14.82
CA ILE A 30 -0.27 9.52 13.58
C ILE A 30 -1.11 8.99 12.42
N GLU A 31 -1.84 9.88 11.74
CA GLU A 31 -2.31 9.65 10.38
C GLU A 31 -1.30 10.16 9.34
N GLY A 32 -1.35 9.60 8.13
CA GLY A 32 -0.39 9.93 7.07
C GLY A 32 -0.75 9.48 5.65
N ARG A 33 0.11 9.78 4.67
CA ARG A 33 -0.07 9.41 3.25
C ARG A 33 1.27 9.12 2.55
N VAL A 34 1.27 8.27 1.52
CA VAL A 34 2.48 7.88 0.75
C VAL A 34 2.16 7.66 -0.73
N LYS A 35 2.86 8.36 -1.65
CA LYS A 35 2.86 8.05 -3.10
C LYS A 35 3.98 7.09 -3.46
N VAL A 36 3.64 6.06 -4.22
CA VAL A 36 4.57 4.99 -4.63
C VAL A 36 4.43 4.62 -6.11
N LEU A 37 5.56 4.37 -6.78
CA LEU A 37 5.72 4.00 -8.19
C LEU A 37 6.43 2.64 -8.28
N PHE A 38 6.04 1.81 -9.24
CA PHE A 38 6.52 0.43 -9.41
C PHE A 38 6.48 -0.10 -10.85
N THR A 39 7.22 -1.18 -11.13
CA THR A 39 7.04 -2.00 -12.34
C THR A 39 6.22 -3.23 -11.98
N ILE A 40 5.09 -3.44 -12.66
CA ILE A 40 4.37 -4.72 -12.70
C ILE A 40 5.14 -5.64 -13.66
N THR A 41 5.57 -6.81 -13.20
CA THR A 41 6.35 -7.77 -14.01
C THR A 41 5.55 -8.55 -15.04
N SER A 42 6.25 -9.05 -16.04
CA SER A 42 5.73 -10.05 -16.99
C SER A 42 5.48 -11.43 -16.37
N ASP A 43 5.76 -11.61 -15.07
CA ASP A 43 5.33 -12.77 -14.27
C ASP A 43 4.29 -12.46 -13.16
N GLY A 44 3.67 -11.27 -13.21
CA GLY A 44 2.53 -10.90 -12.35
C GLY A 44 2.89 -10.44 -10.93
N ARG A 45 4.17 -10.20 -10.65
CA ARG A 45 4.70 -9.62 -9.41
C ARG A 45 4.80 -8.10 -9.47
N ILE A 46 5.09 -7.48 -8.33
CA ILE A 46 5.43 -6.05 -8.18
C ILE A 46 6.92 -5.90 -7.87
N ASP A 47 7.61 -5.04 -8.62
CA ASP A 47 9.05 -4.80 -8.58
C ASP A 47 9.45 -3.33 -8.82
N ASP A 48 10.76 -3.04 -8.78
CA ASP A 48 11.31 -1.69 -9.01
C ASP A 48 10.80 -0.57 -8.06
N ILE A 49 10.28 -0.95 -6.89
CA ILE A 49 9.38 -0.14 -6.05
C ILE A 49 10.11 1.09 -5.48
N GLN A 50 9.55 2.29 -5.68
CA GLN A 50 10.13 3.56 -5.24
C GLN A 50 9.08 4.58 -4.77
N VAL A 51 9.41 5.38 -3.77
CA VAL A 51 8.48 6.34 -3.11
C VAL A 51 8.74 7.77 -3.61
N LEU A 52 7.66 8.49 -3.90
CA LEU A 52 7.68 9.86 -4.42
C LEU A 52 7.53 10.92 -3.31
N GLU A 53 6.57 10.71 -2.41
CA GLU A 53 6.39 11.44 -1.14
C GLU A 53 5.91 10.48 -0.04
N SER A 54 6.25 10.78 1.21
CA SER A 54 5.73 10.11 2.40
C SER A 54 5.62 11.09 3.56
N VAL A 55 4.50 11.01 4.29
CA VAL A 55 3.95 12.10 5.09
C VAL A 55 3.30 11.54 6.37
N PRO A 56 3.56 12.10 7.56
CA PRO A 56 4.44 13.24 7.85
C PRO A 56 5.95 12.93 7.84
N SER A 57 6.33 11.67 7.59
CA SER A 57 7.72 11.18 7.55
C SER A 57 7.77 9.81 6.85
N ARG A 58 8.97 9.25 6.64
CA ARG A 58 9.28 7.94 6.02
C ARG A 58 8.84 6.68 6.80
N MET A 59 7.72 6.80 7.52
CA MET A 59 7.22 5.86 8.53
C MET A 59 6.67 4.54 7.96
N PHE A 60 6.06 4.58 6.77
CA PHE A 60 5.34 3.44 6.18
C PHE A 60 6.16 2.81 5.01
N ASP A 61 7.14 3.54 4.48
CA ASP A 61 7.86 3.27 3.23
C ASP A 61 8.51 1.88 3.14
N ARG A 62 8.90 1.23 4.25
CA ARG A 62 9.45 -0.14 4.27
C ARG A 62 8.35 -1.22 4.33
N GLU A 63 7.28 -0.97 5.09
CA GLU A 63 6.15 -1.89 5.25
C GLU A 63 5.25 -1.97 4.00
N VAL A 64 5.04 -0.85 3.30
CA VAL A 64 4.26 -0.80 2.06
C VAL A 64 4.85 -1.61 0.91
N ARG A 65 6.16 -1.48 0.65
CA ARG A 65 6.87 -2.24 -0.40
C ARG A 65 6.91 -3.74 -0.10
N GLN A 66 6.97 -4.14 1.17
CA GLN A 66 6.94 -5.55 1.58
C GLN A 66 5.57 -6.18 1.36
N ALA A 67 4.48 -5.47 1.65
CA ALA A 67 3.13 -5.90 1.30
C ALA A 67 2.98 -6.10 -0.22
N MET A 68 3.40 -5.11 -1.01
CA MET A 68 3.40 -5.16 -2.48
C MET A 68 4.22 -6.35 -3.03
N ALA A 69 5.35 -6.69 -2.40
CA ALA A 69 6.18 -7.85 -2.77
C ALA A 69 5.51 -9.24 -2.53
N LYS A 70 4.36 -9.31 -1.83
CA LYS A 70 3.48 -10.50 -1.83
C LYS A 70 2.41 -10.50 -2.92
N TRP A 71 2.00 -9.33 -3.44
CA TRP A 71 0.87 -9.20 -4.36
C TRP A 71 1.04 -10.00 -5.66
N ARG A 72 -0.07 -10.43 -6.26
CA ARG A 72 -0.09 -11.27 -7.47
C ARG A 72 -1.24 -10.93 -8.41
N PHE A 73 -0.91 -10.78 -9.68
CA PHE A 73 -1.84 -10.70 -10.81
C PHE A 73 -1.77 -11.86 -11.82
N GLU A 74 -2.84 -12.09 -12.57
CA GLU A 74 -2.89 -12.97 -13.75
C GLU A 74 -3.45 -12.21 -14.97
N PRO A 75 -3.15 -12.60 -16.23
CA PRO A 75 -3.86 -12.09 -17.40
C PRO A 75 -5.32 -12.55 -17.37
N ARG A 76 -6.21 -11.73 -17.96
CA ARG A 76 -7.65 -12.05 -18.09
C ARG A 76 -7.91 -13.15 -19.12
N VAL A 77 -7.15 -13.19 -20.20
CA VAL A 77 -7.17 -14.31 -21.17
C VAL A 77 -6.33 -15.47 -20.63
N SER A 78 -6.93 -16.63 -20.39
CA SER A 78 -6.28 -17.76 -19.69
C SER A 78 -5.03 -18.30 -20.39
N GLY A 79 -5.00 -18.28 -21.73
CA GLY A 79 -3.84 -18.65 -22.54
C GLY A 79 -2.88 -17.50 -22.87
N GLY A 80 -3.19 -16.27 -22.42
CA GLY A 80 -2.38 -15.08 -22.64
C GLY A 80 -1.26 -14.88 -21.61
N LYS A 81 -0.58 -13.74 -21.70
CA LYS A 81 0.51 -13.30 -20.81
C LYS A 81 0.38 -11.83 -20.41
N ILE A 82 0.99 -11.48 -19.28
CA ILE A 82 1.20 -10.09 -18.84
C ILE A 82 2.45 -9.55 -19.54
N VAL A 83 2.36 -8.35 -20.12
CA VAL A 83 3.51 -7.59 -20.60
C VAL A 83 3.75 -6.48 -19.57
N ALA A 84 4.97 -6.43 -19.02
CA ALA A 84 5.37 -5.53 -17.94
C ALA A 84 5.06 -4.04 -18.22
N ARG A 85 4.71 -3.29 -17.17
CA ARG A 85 4.25 -1.89 -17.25
C ARG A 85 4.57 -1.15 -15.94
N GLN A 86 4.81 0.16 -15.98
CA GLN A 86 4.84 0.98 -14.77
C GLN A 86 3.45 1.20 -14.19
N ALA A 87 3.32 1.41 -12.88
CA ALA A 87 2.07 1.75 -12.20
C ALA A 87 2.33 2.50 -10.88
N THR A 88 1.31 3.18 -10.35
CA THR A 88 1.37 3.91 -9.07
C THR A 88 0.28 3.57 -8.04
N LYS A 89 0.51 4.00 -6.80
CA LYS A 89 -0.47 3.97 -5.69
C LYS A 89 -0.38 5.24 -4.84
N MET A 90 -1.53 5.70 -4.35
CA MET A 90 -1.68 6.75 -3.33
C MET A 90 -2.26 6.11 -2.06
N PHE A 91 -1.41 5.80 -1.09
CA PHE A 91 -1.80 5.25 0.21
C PHE A 91 -2.31 6.27 1.25
N PHE A 92 -3.38 5.96 1.98
CA PHE A 92 -4.02 6.82 2.97
C PHE A 92 -4.18 6.22 4.37
N PHE A 93 -3.11 6.21 5.17
CA PHE A 93 -3.12 5.68 6.52
C PHE A 93 -3.93 6.52 7.52
N LYS A 94 -5.06 6.01 8.04
CA LYS A 94 -5.94 6.69 8.99
C LYS A 94 -6.17 5.85 10.25
N ILE A 95 -6.34 6.52 11.40
CA ILE A 95 -6.70 5.84 12.65
C ILE A 95 -8.22 5.72 12.79
N GLU A 96 -8.69 4.53 12.48
CA GLU A 96 -10.09 4.10 12.52
C GLU A 96 -10.63 3.90 13.95
N LYS A 97 -9.75 3.76 14.94
CA LYS A 97 -10.05 3.51 16.35
C LYS A 97 -11.05 4.53 16.91
N ARG A 98 -12.11 4.04 17.57
CA ARG A 98 -13.18 4.84 18.18
C ARG A 98 -12.72 5.64 19.40
N ARG A 99 -13.35 6.80 19.60
CA ARG A 99 -13.30 7.70 20.78
C ARG A 99 -13.76 7.02 22.08
N SER A 1 -1.88 13.47 -17.81
CA SER A 1 -1.23 12.20 -17.40
C SER A 1 -2.23 11.21 -16.82
N HIS A 2 -1.95 9.91 -16.90
CA HIS A 2 -2.77 8.82 -16.38
C HIS A 2 -2.46 8.50 -14.91
N MET A 3 -3.49 8.21 -14.11
CA MET A 3 -3.36 7.75 -12.71
C MET A 3 -4.41 6.68 -12.35
N GLY A 4 -4.02 5.70 -11.54
CA GLY A 4 -4.84 4.57 -11.13
C GLY A 4 -5.36 4.63 -9.69
N SER A 5 -5.80 3.47 -9.20
CA SER A 5 -6.38 3.21 -7.88
C SER A 5 -6.50 1.69 -7.62
N LEU A 6 -6.31 1.26 -6.37
CA LEU A 6 -6.57 -0.12 -5.93
C LEU A 6 -8.07 -0.46 -5.84
N ASN A 7 -8.95 0.54 -5.88
CA ASN A 7 -10.40 0.36 -5.84
C ASN A 7 -11.03 0.17 -7.24
N ASP A 8 -10.26 0.34 -8.32
CA ASP A 8 -10.71 0.07 -9.68
C ASP A 8 -11.07 -1.40 -9.95
N SER A 9 -12.18 -1.67 -10.66
CA SER A 9 -12.66 -3.05 -10.86
C SER A 9 -11.82 -3.87 -11.83
N ASP A 10 -10.93 -3.21 -12.60
CA ASP A 10 -10.01 -3.82 -13.58
C ASP A 10 -8.97 -4.80 -12.99
N ILE A 11 -8.86 -4.84 -11.66
CA ILE A 11 -7.91 -5.67 -10.91
C ILE A 11 -8.58 -6.33 -9.69
N LYS A 12 -8.02 -7.45 -9.23
CA LYS A 12 -8.49 -8.27 -8.11
C LYS A 12 -7.41 -8.39 -7.03
N PRO A 13 -7.70 -8.14 -5.75
CA PRO A 13 -6.75 -8.36 -4.66
C PRO A 13 -6.58 -9.86 -4.36
N LEU A 14 -5.36 -10.36 -4.52
CA LEU A 14 -4.95 -11.72 -4.15
C LEU A 14 -4.45 -11.79 -2.70
N ARG A 15 -3.76 -10.75 -2.21
CA ARG A 15 -3.37 -10.63 -0.79
C ARG A 15 -3.36 -9.17 -0.34
N MET A 16 -4.03 -8.89 0.76
CA MET A 16 -3.99 -7.61 1.49
C MET A 16 -4.02 -7.87 2.99
N ASP A 17 -2.96 -7.44 3.69
CA ASP A 17 -2.70 -7.71 5.10
C ASP A 17 -2.23 -6.43 5.82
N PRO A 18 -3.03 -5.87 6.76
CA PRO A 18 -2.78 -4.54 7.35
C PRO A 18 -1.45 -4.38 8.12
N PRO A 19 -0.87 -3.15 8.15
CA PRO A 19 0.30 -2.81 8.95
C PRO A 19 0.02 -2.86 10.47
N VAL A 20 1.06 -3.18 11.24
CA VAL A 20 0.97 -3.56 12.66
C VAL A 20 1.18 -2.41 13.66
N TYR A 21 0.29 -2.28 14.64
CA TYR A 21 0.32 -1.22 15.64
C TYR A 21 1.57 -1.13 16.57
N PRO A 22 2.10 0.08 16.84
CA PRO A 22 3.19 0.30 17.79
C PRO A 22 2.69 0.08 19.23
N ARG A 23 3.41 -0.77 19.98
CA ARG A 23 2.89 -1.39 21.20
C ARG A 23 2.61 -0.41 22.34
N MET A 24 3.54 0.50 22.65
CA MET A 24 3.40 1.39 23.79
C MET A 24 2.30 2.44 23.57
N ALA A 25 2.20 3.04 22.38
CA ALA A 25 1.12 3.93 22.00
C ALA A 25 -0.26 3.23 21.99
N GLN A 26 -0.34 2.00 21.46
CA GLN A 26 -1.58 1.21 21.45
C GLN A 26 -2.07 0.90 22.88
N ALA A 27 -1.13 0.60 23.78
CA ALA A 27 -1.39 0.34 25.19
C ALA A 27 -1.77 1.61 25.99
N ARG A 28 -1.09 2.73 25.74
CA ARG A 28 -1.39 4.05 26.34
C ARG A 28 -2.70 4.68 25.82
N GLY A 29 -3.13 4.32 24.61
CA GLY A 29 -4.33 4.84 23.96
C GLY A 29 -4.09 6.08 23.09
N ILE A 30 -2.90 6.18 22.48
CA ILE A 30 -2.53 7.19 21.48
C ILE A 30 -2.85 6.67 20.07
N GLU A 31 -3.39 7.53 19.22
CA GLU A 31 -3.62 7.26 17.80
C GLU A 31 -2.62 7.97 16.87
N GLY A 32 -2.66 7.62 15.58
CA GLY A 32 -1.94 8.31 14.51
C GLY A 32 -2.67 8.22 13.17
N ARG A 33 -2.05 8.71 12.10
CA ARG A 33 -2.48 8.51 10.71
C ARG A 33 -1.33 8.70 9.71
N VAL A 34 -1.43 8.07 8.55
CA VAL A 34 -0.42 8.11 7.48
C VAL A 34 -1.11 8.17 6.11
N LYS A 35 -0.48 8.79 5.12
CA LYS A 35 -0.86 8.69 3.71
C LYS A 35 0.35 8.38 2.84
N VAL A 36 0.13 7.58 1.80
CA VAL A 36 1.19 7.10 0.88
C VAL A 36 0.80 7.19 -0.59
N LEU A 37 1.82 7.35 -1.43
CA LEU A 37 1.82 7.24 -2.90
C LEU A 37 2.67 6.02 -3.30
N PHE A 38 2.27 5.31 -4.35
CA PHE A 38 2.97 4.13 -4.89
C PHE A 38 2.80 3.92 -6.40
N THR A 39 3.51 2.94 -6.95
CA THR A 39 3.23 2.33 -8.26
C THR A 39 2.59 0.96 -8.04
N ILE A 40 1.44 0.73 -8.68
CA ILE A 40 0.90 -0.62 -8.92
C ILE A 40 1.72 -1.22 -10.07
N THR A 41 2.40 -2.35 -9.85
CA THR A 41 3.22 -2.99 -10.89
C THR A 41 2.48 -3.91 -11.86
N SER A 42 3.06 -4.05 -13.05
CA SER A 42 2.55 -4.94 -14.11
C SER A 42 2.62 -6.42 -13.73
N ASP A 43 3.53 -6.79 -12.82
CA ASP A 43 3.65 -8.13 -12.24
C ASP A 43 2.62 -8.39 -11.12
N GLY A 44 1.89 -7.36 -10.68
CA GLY A 44 0.88 -7.47 -9.62
C GLY A 44 1.44 -7.38 -8.20
N ARG A 45 2.47 -6.54 -8.00
CA ARG A 45 3.06 -6.16 -6.70
C ARG A 45 3.00 -4.64 -6.49
N ILE A 46 3.45 -4.16 -5.32
CA ILE A 46 3.51 -2.73 -4.98
C ILE A 46 4.98 -2.26 -4.92
N ASP A 47 5.30 -1.18 -5.63
CA ASP A 47 6.64 -0.60 -5.77
C ASP A 47 6.56 0.93 -5.57
N ASP A 48 7.70 1.62 -5.50
CA ASP A 48 7.79 3.09 -5.48
C ASP A 48 7.11 3.79 -4.28
N ILE A 49 6.90 3.07 -3.18
CA ILE A 49 6.15 3.54 -2.02
C ILE A 49 6.88 4.72 -1.34
N GLN A 50 6.16 5.83 -1.15
CA GLN A 50 6.68 7.09 -0.57
C GLN A 50 5.57 7.88 0.15
N VAL A 51 5.93 8.65 1.18
CA VAL A 51 4.99 9.28 2.13
C VAL A 51 4.43 10.65 1.74
N LEU A 52 3.13 10.87 1.97
CA LEU A 52 2.40 12.12 1.73
C LEU A 52 1.89 12.81 3.02
N GLU A 53 1.69 12.06 4.10
CA GLU A 53 1.31 12.55 5.43
C GLU A 53 1.76 11.52 6.49
N SER A 54 2.25 11.96 7.65
CA SER A 54 2.64 11.06 8.76
C SER A 54 2.46 11.74 10.11
N VAL A 55 1.73 11.09 11.02
CA VAL A 55 1.13 11.69 12.23
C VAL A 55 1.05 10.66 13.37
N PRO A 56 1.43 11.00 14.61
CA PRO A 56 2.05 12.26 15.06
C PRO A 56 3.56 12.33 14.77
N SER A 57 4.20 11.20 14.44
CA SER A 57 5.59 11.09 14.00
C SER A 57 5.83 9.79 13.22
N ARG A 58 7.05 9.61 12.69
CA ARG A 58 7.47 8.58 11.72
C ARG A 58 7.36 7.12 12.18
N MET A 59 6.95 6.85 13.42
CA MET A 59 6.71 5.52 13.99
C MET A 59 5.93 4.56 13.06
N PHE A 60 4.92 5.11 12.38
CA PHE A 60 4.00 4.38 11.51
C PHE A 60 4.45 4.13 10.06
N ASP A 61 5.07 5.13 9.40
CA ASP A 61 5.21 5.12 7.93
C ASP A 61 6.08 4.00 7.33
N ARG A 62 7.22 3.73 7.96
CA ARG A 62 8.09 2.59 7.67
C ARG A 62 7.35 1.24 7.72
N GLU A 63 6.41 1.06 8.65
CA GLU A 63 5.61 -0.18 8.73
C GLU A 63 4.59 -0.28 7.59
N VAL A 64 3.92 0.84 7.25
CA VAL A 64 2.94 0.90 6.15
C VAL A 64 3.59 0.44 4.84
N ARG A 65 4.80 0.93 4.51
CA ARG A 65 5.49 0.52 3.27
C ARG A 65 5.98 -0.92 3.30
N GLN A 66 6.37 -1.47 4.45
CA GLN A 66 6.82 -2.87 4.55
C GLN A 66 5.62 -3.83 4.42
N ALA A 67 4.48 -3.44 4.99
CA ALA A 67 3.20 -4.16 4.84
C ALA A 67 2.71 -4.16 3.39
N MET A 68 2.62 -2.98 2.75
CA MET A 68 2.14 -2.88 1.36
C MET A 68 3.06 -3.59 0.35
N ALA A 69 4.39 -3.61 0.59
CA ALA A 69 5.33 -4.40 -0.23
C ALA A 69 5.14 -5.93 -0.17
N LYS A 70 4.22 -6.44 0.69
CA LYS A 70 3.79 -7.85 0.73
C LYS A 70 2.46 -8.12 0.02
N TRP A 71 1.72 -7.09 -0.41
CA TRP A 71 0.41 -7.21 -1.05
C TRP A 71 0.48 -7.67 -2.52
N ARG A 72 -0.56 -8.35 -3.02
CA ARG A 72 -0.59 -9.02 -4.33
C ARG A 72 -1.88 -8.81 -5.11
N PHE A 73 -1.75 -8.62 -6.43
CA PHE A 73 -2.83 -8.32 -7.39
C PHE A 73 -2.82 -9.07 -8.74
N GLU A 74 -3.98 -9.23 -9.36
CA GLU A 74 -4.17 -9.87 -10.68
C GLU A 74 -5.22 -9.10 -11.53
N PRO A 75 -5.18 -9.16 -12.88
CA PRO A 75 -6.18 -8.51 -13.73
C PRO A 75 -7.56 -9.19 -13.61
N ARG A 76 -8.65 -8.42 -13.77
CA ARG A 76 -10.02 -8.97 -13.67
C ARG A 76 -10.39 -9.85 -14.87
N VAL A 77 -9.85 -9.55 -16.05
CA VAL A 77 -10.04 -10.35 -17.27
C VAL A 77 -9.10 -11.57 -17.22
N SER A 78 -9.67 -12.76 -17.38
CA SER A 78 -8.92 -14.00 -17.61
C SER A 78 -8.14 -13.88 -18.91
N GLY A 79 -6.82 -14.11 -18.84
CA GLY A 79 -5.89 -13.88 -19.95
C GLY A 79 -5.51 -12.41 -20.19
N GLY A 80 -5.95 -11.46 -19.35
CA GLY A 80 -5.46 -10.07 -19.36
C GLY A 80 -4.09 -9.92 -18.67
N LYS A 81 -3.58 -8.68 -18.57
CA LYS A 81 -2.38 -8.28 -17.83
C LYS A 81 -2.55 -6.90 -17.19
N ILE A 82 -1.87 -6.64 -16.08
CA ILE A 82 -1.85 -5.31 -15.44
C ILE A 82 -0.91 -4.36 -16.22
N VAL A 83 -1.34 -3.13 -16.50
CA VAL A 83 -0.46 -2.01 -16.87
C VAL A 83 -0.04 -1.19 -15.65
N ALA A 84 1.24 -0.84 -15.55
CA ALA A 84 1.78 -0.12 -14.39
C ALA A 84 1.22 1.31 -14.28
N ARG A 85 0.88 1.77 -13.06
CA ARG A 85 0.26 3.09 -12.82
C ARG A 85 0.48 3.59 -11.40
N GLN A 86 0.52 4.91 -11.21
CA GLN A 86 0.52 5.55 -9.89
C GLN A 86 -0.80 5.34 -9.13
N ALA A 87 -0.77 5.28 -7.79
CA ALA A 87 -1.94 5.23 -6.92
C ALA A 87 -1.62 5.69 -5.48
N THR A 88 -2.65 6.00 -4.68
CA THR A 88 -2.52 6.45 -3.26
C THR A 88 -3.42 5.67 -2.30
N LYS A 89 -3.10 5.71 -0.99
CA LYS A 89 -3.87 5.10 0.12
C LYS A 89 -3.70 5.88 1.44
N MET A 90 -4.78 6.00 2.22
CA MET A 90 -4.79 6.46 3.61
C MET A 90 -4.78 5.31 4.63
N PHE A 91 -4.05 5.50 5.73
CA PHE A 91 -4.10 4.72 6.96
C PHE A 91 -4.46 5.48 8.24
N PHE A 92 -5.69 5.32 8.74
CA PHE A 92 -6.13 5.86 10.03
C PHE A 92 -5.83 4.94 11.23
N PHE A 93 -4.66 5.09 11.84
CA PHE A 93 -4.23 4.40 13.06
C PHE A 93 -4.99 4.79 14.36
N LYS A 94 -6.32 4.73 14.33
CA LYS A 94 -7.21 5.03 15.47
C LYS A 94 -7.21 3.90 16.50
N ILE A 95 -7.31 4.30 17.77
CA ILE A 95 -7.70 3.44 18.89
C ILE A 95 -9.20 3.66 19.18
N GLU A 96 -9.91 2.59 19.52
CA GLU A 96 -11.36 2.60 19.80
C GLU A 96 -11.64 2.40 21.30
N LYS A 97 -11.04 3.23 22.18
CA LYS A 97 -11.18 3.05 23.64
C LYS A 97 -12.59 3.44 24.08
N ARG A 98 -13.30 2.50 24.71
CA ARG A 98 -14.68 2.66 25.17
C ARG A 98 -14.75 3.74 26.27
N ARG A 99 -15.57 4.77 26.03
CA ARG A 99 -15.56 6.05 26.76
C ARG A 99 -16.17 5.98 28.16
N SER A 1 -7.06 13.69 -19.00
CA SER A 1 -6.34 13.11 -20.16
C SER A 1 -6.27 11.60 -20.01
N HIS A 2 -5.77 10.87 -21.03
CA HIS A 2 -5.67 9.41 -21.02
C HIS A 2 -5.01 8.84 -19.73
N MET A 3 -5.64 7.84 -19.12
CA MET A 3 -5.14 7.01 -18.02
C MET A 3 -5.93 5.69 -17.94
N GLY A 4 -5.37 4.68 -17.28
CA GLY A 4 -6.04 3.41 -17.01
C GLY A 4 -6.66 3.31 -15.61
N SER A 5 -6.93 2.06 -15.20
CA SER A 5 -7.56 1.69 -13.92
C SER A 5 -7.12 0.29 -13.49
N LEU A 6 -6.80 0.07 -12.22
CA LEU A 6 -6.55 -1.28 -11.68
C LEU A 6 -7.84 -2.00 -11.26
N ASN A 7 -8.95 -1.25 -11.17
CA ASN A 7 -10.32 -1.76 -11.07
C ASN A 7 -11.03 -1.85 -12.45
N ASP A 8 -10.26 -2.07 -13.53
CA ASP A 8 -10.78 -2.45 -14.85
C ASP A 8 -11.38 -3.86 -14.80
N SER A 9 -12.61 -4.04 -15.31
CA SER A 9 -13.28 -5.35 -15.31
C SER A 9 -12.50 -6.47 -16.03
N ASP A 10 -11.66 -6.11 -17.00
CA ASP A 10 -10.93 -7.07 -17.84
C ASP A 10 -9.66 -7.73 -17.25
N ILE A 11 -9.41 -7.55 -15.95
CA ILE A 11 -8.34 -8.22 -15.17
C ILE A 11 -8.87 -8.76 -13.83
N LYS A 12 -8.15 -9.73 -13.24
CA LYS A 12 -8.44 -10.35 -11.94
C LYS A 12 -7.22 -10.37 -10.99
N PRO A 13 -7.39 -10.10 -9.68
CA PRO A 13 -6.28 -10.10 -8.72
C PRO A 13 -5.83 -11.50 -8.29
N LEU A 14 -4.53 -11.65 -8.04
CA LEU A 14 -3.87 -12.81 -7.45
C LEU A 14 -3.34 -12.57 -6.03
N ARG A 15 -2.92 -11.34 -5.72
CA ARG A 15 -2.53 -10.88 -4.37
C ARG A 15 -2.94 -9.42 -4.17
N MET A 16 -3.62 -9.15 -3.05
CA MET A 16 -4.13 -7.82 -2.66
C MET A 16 -4.05 -7.57 -1.13
N ASP A 17 -3.00 -8.11 -0.50
CA ASP A 17 -2.70 -7.92 0.93
C ASP A 17 -2.85 -6.48 1.47
N PRO A 18 -3.77 -6.24 2.41
CA PRO A 18 -3.91 -4.94 3.08
C PRO A 18 -2.69 -4.62 3.97
N PRO A 19 -2.31 -3.33 4.11
CA PRO A 19 -1.31 -2.88 5.10
C PRO A 19 -1.82 -3.11 6.54
N VAL A 20 -0.94 -3.53 7.45
CA VAL A 20 -1.26 -3.66 8.90
C VAL A 20 -1.34 -2.31 9.62
N TYR A 21 -2.16 -2.21 10.68
CA TYR A 21 -2.39 -0.94 11.39
C TYR A 21 -1.15 -0.71 12.31
N PRO A 22 -0.59 0.53 12.35
CA PRO A 22 0.46 0.88 13.30
C PRO A 22 -0.06 0.85 14.75
N ARG A 23 0.67 0.18 15.66
CA ARG A 23 0.13 -0.17 16.99
C ARG A 23 -0.16 1.05 17.87
N MET A 24 0.68 2.08 17.80
CA MET A 24 0.48 3.35 18.51
C MET A 24 -0.67 4.16 17.91
N ALA A 25 -0.85 4.19 16.59
CA ALA A 25 -1.98 4.86 15.95
C ALA A 25 -3.32 4.22 16.34
N GLN A 26 -3.35 2.89 16.47
CA GLN A 26 -4.51 2.16 16.96
C GLN A 26 -4.82 2.51 18.42
N ALA A 27 -3.80 2.52 19.28
CA ALA A 27 -3.91 2.80 20.72
C ALA A 27 -4.35 4.25 21.01
N ARG A 28 -3.77 5.24 20.31
CA ARG A 28 -4.11 6.67 20.45
C ARG A 28 -5.50 7.02 19.89
N GLY A 29 -6.04 6.18 19.00
CA GLY A 29 -7.30 6.39 18.31
C GLY A 29 -7.15 7.33 17.12
N ILE A 30 -6.41 6.89 16.10
CA ILE A 30 -6.02 7.68 14.92
C ILE A 30 -6.47 6.98 13.63
N GLU A 31 -7.45 7.58 12.95
CA GLU A 31 -7.83 7.29 11.57
C GLU A 31 -7.03 8.14 10.56
N GLY A 32 -7.17 7.88 9.26
CA GLY A 32 -6.43 8.63 8.23
C GLY A 32 -6.85 8.38 6.77
N ARG A 33 -6.11 8.97 5.82
CA ARG A 33 -6.28 8.74 4.37
C ARG A 33 -4.97 8.95 3.60
N VAL A 34 -4.83 8.29 2.45
CA VAL A 34 -3.64 8.37 1.57
C VAL A 34 -4.04 8.26 0.10
N LYS A 35 -3.50 9.13 -0.77
CA LYS A 35 -3.75 9.13 -2.23
C LYS A 35 -2.51 8.63 -2.98
N VAL A 36 -2.68 7.64 -3.87
CA VAL A 36 -1.59 6.93 -4.56
C VAL A 36 -1.72 6.90 -6.09
N LEU A 37 -0.60 6.99 -6.82
CA LEU A 37 -0.48 6.87 -8.28
C LEU A 37 0.61 5.83 -8.63
N PHE A 38 0.38 5.03 -9.68
CA PHE A 38 1.21 3.90 -10.08
C PHE A 38 1.15 3.52 -11.58
N THR A 39 2.09 2.69 -12.05
CA THR A 39 1.97 1.96 -13.32
C THR A 39 1.56 0.51 -13.02
N ILE A 40 0.54 0.03 -13.73
CA ILE A 40 0.19 -1.39 -13.87
C ILE A 40 1.12 -1.98 -14.92
N THR A 41 1.96 -2.97 -14.57
CA THR A 41 2.82 -3.66 -15.53
C THR A 41 2.14 -4.69 -16.41
N SER A 42 2.67 -4.81 -17.62
CA SER A 42 2.25 -5.87 -18.56
C SER A 42 2.63 -7.28 -18.10
N ASP A 43 3.57 -7.42 -17.17
CA ASP A 43 3.86 -8.67 -16.44
C ASP A 43 2.95 -8.95 -15.22
N GLY A 44 2.02 -8.03 -14.92
CA GLY A 44 0.95 -8.18 -13.92
C GLY A 44 1.23 -7.60 -12.53
N ARG A 45 2.20 -6.67 -12.40
CA ARG A 45 2.68 -6.13 -11.12
C ARG A 45 2.34 -4.65 -10.94
N ILE A 46 2.56 -4.14 -9.72
CA ILE A 46 2.52 -2.71 -9.43
C ILE A 46 3.95 -2.15 -9.44
N ASP A 47 4.17 -1.07 -10.18
CA ASP A 47 5.49 -0.46 -10.42
C ASP A 47 5.34 1.08 -10.50
N ASP A 48 6.45 1.81 -10.46
CA ASP A 48 6.49 3.27 -10.56
C ASP A 48 5.57 4.02 -9.57
N ILE A 49 5.50 3.53 -8.33
CA ILE A 49 4.60 4.03 -7.27
C ILE A 49 5.01 5.44 -6.81
N GLN A 50 4.04 6.31 -6.53
CA GLN A 50 4.22 7.57 -5.80
C GLN A 50 2.96 7.93 -4.98
N VAL A 51 3.14 8.66 -3.87
CA VAL A 51 2.05 9.17 -3.01
C VAL A 51 1.84 10.66 -3.28
N LEU A 52 0.58 11.06 -3.45
CA LEU A 52 0.15 12.44 -3.78
C LEU A 52 -0.29 13.26 -2.56
N GLU A 53 -0.85 12.62 -1.54
CA GLU A 53 -1.29 13.24 -0.28
C GLU A 53 -1.32 12.17 0.84
N SER A 54 -0.95 12.52 2.07
CA SER A 54 -0.90 11.62 3.23
C SER A 54 -1.37 12.29 4.53
N VAL A 55 -2.22 11.59 5.27
CA VAL A 55 -3.04 12.13 6.35
C VAL A 55 -3.25 11.14 7.49
N PRO A 56 -3.06 11.52 8.78
CA PRO A 56 -2.61 12.84 9.27
C PRO A 56 -1.09 13.09 9.13
N SER A 57 -0.30 12.09 8.73
CA SER A 57 1.15 12.14 8.49
C SER A 57 1.60 10.94 7.65
N ARG A 58 2.91 10.83 7.33
CA ARG A 58 3.49 9.74 6.52
C ARG A 58 3.32 8.32 7.10
N MET A 59 2.99 8.21 8.38
CA MET A 59 2.71 6.99 9.15
C MET A 59 1.91 5.93 8.37
N PHE A 60 0.89 6.34 7.63
CA PHE A 60 0.11 5.46 6.74
C PHE A 60 0.70 5.23 5.34
N ASP A 61 1.24 6.28 4.73
CA ASP A 61 1.92 6.30 3.43
C ASP A 61 3.05 5.27 3.28
N ARG A 62 3.96 5.24 4.26
CA ARG A 62 5.09 4.31 4.30
C ARG A 62 4.64 2.84 4.29
N GLU A 63 3.51 2.53 4.94
CA GLU A 63 2.99 1.17 5.03
C GLU A 63 2.18 0.77 3.77
N VAL A 64 1.37 1.70 3.23
CA VAL A 64 0.55 1.49 2.02
C VAL A 64 1.46 1.20 0.82
N ARG A 65 2.49 2.03 0.59
CA ARG A 65 3.35 1.87 -0.60
C ARG A 65 4.13 0.55 -0.58
N GLN A 66 4.46 0.05 0.60
CA GLN A 66 5.08 -1.26 0.78
C GLN A 66 4.09 -2.43 0.58
N ALA A 67 2.85 -2.32 1.08
CA ALA A 67 1.82 -3.32 0.83
C ALA A 67 1.46 -3.43 -0.67
N MET A 68 1.26 -2.30 -1.35
CA MET A 68 1.01 -2.28 -2.80
C MET A 68 2.17 -2.87 -3.62
N ALA A 69 3.42 -2.75 -3.15
CA ALA A 69 4.59 -3.31 -3.84
C ALA A 69 4.60 -4.85 -3.92
N LYS A 70 3.82 -5.58 -3.11
CA LYS A 70 3.69 -7.05 -3.18
C LYS A 70 2.42 -7.57 -3.90
N TRP A 71 1.55 -6.67 -4.38
CA TRP A 71 0.33 -7.02 -5.11
C TRP A 71 0.60 -7.66 -6.49
N ARG A 72 -0.36 -8.43 -7.01
CA ARG A 72 -0.20 -9.23 -8.25
C ARG A 72 -1.53 -9.47 -8.98
N PHE A 73 -1.51 -9.43 -10.31
CA PHE A 73 -2.66 -9.60 -11.23
C PHE A 73 -2.51 -10.64 -12.36
N GLU A 74 -3.63 -11.11 -12.88
CA GLU A 74 -3.77 -11.97 -14.08
C GLU A 74 -4.91 -11.48 -15.01
N PRO A 75 -4.89 -11.80 -16.32
CA PRO A 75 -5.95 -11.45 -17.26
C PRO A 75 -7.29 -12.16 -16.94
N ARG A 76 -8.40 -11.52 -17.29
CA ARG A 76 -9.76 -12.12 -17.29
C ARG A 76 -9.98 -13.07 -18.48
N VAL A 77 -9.38 -12.78 -19.63
CA VAL A 77 -9.47 -13.59 -20.85
C VAL A 77 -8.64 -14.86 -20.68
N SER A 78 -9.24 -16.01 -20.97
CA SER A 78 -8.59 -17.33 -20.95
C SER A 78 -7.38 -17.38 -21.90
N GLY A 79 -6.17 -17.56 -21.34
CA GLY A 79 -4.90 -17.52 -22.06
C GLY A 79 -4.44 -16.13 -22.56
N GLY A 80 -5.08 -15.03 -22.14
CA GLY A 80 -4.79 -13.68 -22.60
C GLY A 80 -3.51 -13.04 -22.02
N LYS A 81 -3.39 -11.72 -22.17
CA LYS A 81 -2.28 -10.86 -21.69
C LYS A 81 -2.76 -9.58 -21.01
N ILE A 82 -1.88 -8.90 -20.27
CA ILE A 82 -2.11 -7.58 -19.64
C ILE A 82 -1.44 -6.48 -20.47
N VAL A 83 -2.11 -5.32 -20.57
CA VAL A 83 -1.60 -4.08 -21.20
C VAL A 83 -1.22 -3.02 -20.18
N ALA A 84 -0.04 -2.40 -20.32
CA ALA A 84 0.53 -1.48 -19.33
C ALA A 84 -0.12 -0.07 -19.38
N ARG A 85 -0.59 0.43 -18.23
CA ARG A 85 -1.24 1.76 -18.07
C ARG A 85 -0.96 2.36 -16.68
N GLN A 86 -1.09 3.68 -16.55
CA GLN A 86 -1.06 4.38 -15.26
C GLN A 86 -2.44 4.32 -14.57
N ALA A 87 -2.46 4.28 -13.24
CA ALA A 87 -3.71 4.22 -12.45
C ALA A 87 -3.54 4.82 -11.03
N THR A 88 -4.65 5.17 -10.39
CA THR A 88 -4.69 5.73 -9.02
C THR A 88 -5.54 4.91 -8.03
N LYS A 89 -5.30 5.12 -6.73
CA LYS A 89 -6.06 4.54 -5.61
C LYS A 89 -6.13 5.48 -4.40
N MET A 90 -7.33 5.63 -3.83
CA MET A 90 -7.55 6.17 -2.48
C MET A 90 -7.51 5.07 -1.41
N PHE A 91 -6.61 5.19 -0.44
CA PHE A 91 -6.71 4.52 0.87
C PHE A 91 -7.42 5.32 1.96
N PHE A 92 -8.29 4.68 2.73
CA PHE A 92 -9.02 5.27 3.85
C PHE A 92 -8.93 4.48 5.17
N PHE A 93 -7.96 4.81 6.02
CA PHE A 93 -7.79 4.16 7.32
C PHE A 93 -8.90 4.46 8.32
N LYS A 94 -9.62 3.43 8.78
CA LYS A 94 -10.67 3.57 9.79
C LYS A 94 -10.60 2.50 10.87
N ILE A 95 -10.76 2.93 12.13
CA ILE A 95 -10.81 2.06 13.30
C ILE A 95 -12.24 1.54 13.51
N GLU A 96 -12.38 0.25 13.75
CA GLU A 96 -13.67 -0.42 13.97
C GLU A 96 -14.26 -0.16 15.36
N LYS A 97 -13.42 0.19 16.34
CA LYS A 97 -13.73 0.36 17.76
C LYS A 97 -14.52 1.65 18.07
N ARG A 98 -15.47 1.54 18.99
CA ARG A 98 -16.33 2.62 19.52
C ARG A 98 -15.62 3.55 20.51
N ARG A 99 -15.80 4.87 20.34
CA ARG A 99 -15.37 5.94 21.28
C ARG A 99 -16.30 7.15 21.25
N SER A 1 -3.05 9.92 -19.94
CA SER A 1 -3.30 8.68 -19.17
C SER A 1 -3.29 8.95 -17.68
N HIS A 2 -4.36 8.61 -16.98
CA HIS A 2 -4.53 8.88 -15.55
C HIS A 2 -3.73 7.93 -14.63
N MET A 3 -3.55 8.36 -13.38
CA MET A 3 -2.83 7.64 -12.33
C MET A 3 -3.49 6.28 -11.99
N GLY A 4 -2.67 5.25 -11.77
CA GLY A 4 -3.12 3.92 -11.36
C GLY A 4 -3.58 3.81 -9.90
N SER A 5 -4.02 2.62 -9.50
CA SER A 5 -4.42 2.32 -8.12
C SER A 5 -4.23 0.86 -7.77
N LEU A 6 -3.91 0.57 -6.49
CA LEU A 6 -3.93 -0.78 -5.93
C LEU A 6 -5.30 -1.47 -6.11
N ASN A 7 -6.39 -0.69 -6.16
CA ASN A 7 -7.76 -1.15 -6.32
C ASN A 7 -8.21 -1.34 -7.79
N ASP A 8 -7.31 -1.24 -8.78
CA ASP A 8 -7.59 -1.48 -10.20
C ASP A 8 -8.14 -2.88 -10.57
N SER A 9 -9.14 -2.92 -11.45
CA SER A 9 -9.84 -4.16 -11.85
C SER A 9 -9.09 -4.99 -12.90
N ASP A 10 -8.10 -4.42 -13.58
CA ASP A 10 -7.23 -5.11 -14.54
C ASP A 10 -6.29 -6.17 -13.92
N ILE A 11 -6.19 -6.17 -12.59
CA ILE A 11 -5.24 -6.94 -11.78
C ILE A 11 -5.92 -7.53 -10.52
N LYS A 12 -5.27 -8.53 -9.91
CA LYS A 12 -5.68 -9.15 -8.64
C LYS A 12 -4.48 -9.32 -7.67
N PRO A 13 -4.65 -9.14 -6.36
CA PRO A 13 -3.55 -9.31 -5.40
C PRO A 13 -3.18 -10.79 -5.16
N LEU A 14 -1.96 -10.98 -4.68
CA LEU A 14 -1.40 -12.22 -4.10
C LEU A 14 -0.75 -11.97 -2.73
N ARG A 15 -0.06 -10.83 -2.57
CA ARG A 15 0.57 -10.36 -1.33
C ARG A 15 0.30 -8.87 -1.12
N MET A 16 -0.32 -8.53 0.00
CA MET A 16 -0.58 -7.17 0.51
C MET A 16 -0.32 -7.05 2.02
N ASP A 17 0.49 -7.96 2.58
CA ASP A 17 0.89 -8.05 3.97
C ASP A 17 1.22 -6.69 4.64
N PRO A 18 0.35 -6.18 5.53
CA PRO A 18 0.41 -4.81 6.01
C PRO A 18 1.65 -4.50 6.87
N PRO A 19 2.02 -3.21 7.02
CA PRO A 19 3.20 -2.80 7.79
C PRO A 19 3.09 -3.10 9.28
N VAL A 20 4.25 -3.34 9.90
CA VAL A 20 4.41 -3.44 11.36
C VAL A 20 4.28 -2.08 12.08
N TYR A 21 4.00 -2.09 13.38
CA TYR A 21 4.13 -0.91 14.23
C TYR A 21 5.55 -0.54 14.67
N PRO A 22 6.00 0.74 14.60
CA PRO A 22 7.28 1.15 15.16
C PRO A 22 7.26 1.02 16.69
N ARG A 23 8.22 0.26 17.24
CA ARG A 23 8.27 -0.16 18.65
C ARG A 23 8.17 1.02 19.62
N MET A 24 8.88 2.12 19.34
CA MET A 24 8.99 3.27 20.24
C MET A 24 7.63 3.96 20.50
N ALA A 25 6.88 4.26 19.44
CA ALA A 25 5.57 4.92 19.52
C ALA A 25 4.49 3.99 20.08
N GLN A 26 4.48 2.71 19.70
CA GLN A 26 3.51 1.74 20.17
C GLN A 26 3.65 1.47 21.68
N ALA A 27 4.90 1.45 22.18
CA ALA A 27 5.23 1.32 23.60
C ALA A 27 4.79 2.52 24.46
N ARG A 28 4.82 3.74 23.89
CA ARG A 28 4.33 4.99 24.52
C ARG A 28 2.86 5.31 24.23
N GLY A 29 2.15 4.47 23.46
CA GLY A 29 0.71 4.56 23.23
C GLY A 29 0.30 5.70 22.28
N ILE A 30 1.09 5.94 21.23
CA ILE A 30 0.96 7.05 20.28
C ILE A 30 0.42 6.55 18.93
N GLU A 31 -0.32 7.39 18.20
CA GLU A 31 -0.74 7.14 16.82
C GLU A 31 -0.28 8.22 15.82
N GLY A 32 -0.24 7.84 14.54
CA GLY A 32 0.28 8.65 13.43
C GLY A 32 -0.37 8.33 12.09
N ARG A 33 0.11 8.96 11.01
CA ARG A 33 -0.28 8.67 9.62
C ARG A 33 0.85 8.95 8.63
N VAL A 34 0.85 8.28 7.48
CA VAL A 34 1.89 8.41 6.44
C VAL A 34 1.31 8.34 5.03
N LYS A 35 1.68 9.27 4.16
CA LYS A 35 1.30 9.30 2.74
C LYS A 35 2.49 8.88 1.87
N VAL A 36 2.30 7.86 1.03
CA VAL A 36 3.36 7.29 0.17
C VAL A 36 2.95 7.16 -1.30
N LEU A 37 3.95 7.24 -2.18
CA LEU A 37 3.86 7.16 -3.64
C LEU A 37 4.79 6.06 -4.17
N PHE A 38 4.35 5.35 -5.21
CA PHE A 38 5.05 4.24 -5.84
C PHE A 38 4.74 4.03 -7.32
N THR A 39 5.55 3.24 -8.02
CA THR A 39 5.19 2.68 -9.34
C THR A 39 4.86 1.21 -9.14
N ILE A 40 3.72 0.78 -9.69
CA ILE A 40 3.36 -0.63 -9.89
C ILE A 40 4.12 -1.10 -11.14
N THR A 41 4.87 -2.20 -11.05
CA THR A 41 5.69 -2.73 -12.17
C THR A 41 4.90 -3.48 -13.23
N SER A 42 5.51 -3.62 -14.41
CA SER A 42 5.06 -4.52 -15.49
C SER A 42 5.19 -6.02 -15.17
N ASP A 43 5.61 -6.36 -13.95
CA ASP A 43 5.68 -7.72 -13.40
C ASP A 43 4.87 -7.98 -12.11
N GLY A 44 4.14 -6.96 -11.63
CA GLY A 44 3.21 -7.06 -10.49
C GLY A 44 3.82 -6.75 -9.12
N ARG A 45 5.07 -6.29 -9.04
CA ARG A 45 5.74 -5.79 -7.82
C ARG A 45 5.48 -4.29 -7.61
N ILE A 46 5.96 -3.76 -6.48
CA ILE A 46 6.02 -2.32 -6.18
C ILE A 46 7.48 -1.84 -6.30
N ASP A 47 7.69 -0.65 -6.87
CA ASP A 47 9.04 -0.10 -7.13
C ASP A 47 8.99 1.44 -7.05
N ASP A 48 10.17 2.10 -7.05
CA ASP A 48 10.29 3.57 -6.98
C ASP A 48 9.64 4.28 -5.75
N ILE A 49 9.48 3.54 -4.64
CA ILE A 49 8.78 3.92 -3.40
C ILE A 49 9.36 5.19 -2.76
N GLN A 50 8.50 6.15 -2.39
CA GLN A 50 8.86 7.35 -1.61
C GLN A 50 7.73 7.85 -0.69
N VAL A 51 8.10 8.55 0.38
CA VAL A 51 7.18 9.30 1.27
C VAL A 51 6.85 10.71 0.75
N LEU A 52 5.61 11.16 0.94
CA LEU A 52 5.12 12.51 0.62
C LEU A 52 4.74 13.35 1.86
N GLU A 53 4.33 12.68 2.94
CA GLU A 53 4.06 13.27 4.25
C GLU A 53 4.18 12.20 5.34
N SER A 54 4.68 12.57 6.53
CA SER A 54 4.82 11.67 7.66
C SER A 54 4.46 12.39 8.97
N VAL A 55 3.67 11.70 9.80
CA VAL A 55 2.97 12.29 10.95
C VAL A 55 2.99 11.33 12.16
N PRO A 56 3.54 11.74 13.33
CA PRO A 56 4.24 13.00 13.58
C PRO A 56 5.53 13.16 12.75
N SER A 57 6.23 12.06 12.47
CA SER A 57 7.56 12.05 11.84
C SER A 57 7.84 10.79 11.01
N ARG A 58 9.00 10.78 10.32
CA ARG A 58 9.51 9.69 9.48
C ARG A 58 9.59 8.31 10.15
N MET A 59 9.51 8.25 11.48
CA MET A 59 9.43 7.06 12.34
C MET A 59 8.57 5.91 11.79
N PHE A 60 7.42 6.26 11.19
CA PHE A 60 6.46 5.32 10.62
C PHE A 60 6.76 4.83 9.18
N ASP A 61 7.40 5.67 8.36
CA ASP A 61 7.81 5.37 6.98
C ASP A 61 8.74 4.16 6.83
N ARG A 62 9.62 3.94 7.81
CA ARG A 62 10.57 2.82 7.85
C ARG A 62 9.88 1.47 7.65
N GLU A 63 8.73 1.24 8.28
CA GLU A 63 8.01 -0.02 8.17
C GLU A 63 7.23 -0.13 6.84
N VAL A 64 6.84 1.00 6.23
CA VAL A 64 6.19 1.03 4.90
C VAL A 64 7.16 0.68 3.78
N ARG A 65 8.40 1.19 3.80
CA ARG A 65 9.49 0.79 2.89
C ARG A 65 9.64 -0.74 2.79
N GLN A 66 9.66 -1.37 3.97
CA GLN A 66 9.84 -2.81 4.15
C GLN A 66 8.59 -3.62 3.76
N ALA A 67 7.39 -3.08 4.03
CA ALA A 67 6.13 -3.74 3.69
C ALA A 67 5.92 -3.81 2.17
N MET A 68 5.98 -2.69 1.46
CA MET A 68 5.76 -2.66 0.01
C MET A 68 6.84 -3.41 -0.80
N ALA A 69 8.03 -3.61 -0.21
CA ALA A 69 9.06 -4.51 -0.75
C ALA A 69 8.65 -6.00 -0.83
N LYS A 70 7.58 -6.42 -0.14
CA LYS A 70 7.08 -7.82 -0.15
C LYS A 70 5.71 -8.01 -0.83
N TRP A 71 5.11 -6.94 -1.37
CA TRP A 71 3.79 -6.97 -2.03
C TRP A 71 3.83 -7.51 -3.48
N ARG A 72 2.76 -8.16 -3.94
CA ARG A 72 2.67 -8.76 -5.28
C ARG A 72 1.23 -8.87 -5.80
N PHE A 73 1.06 -8.52 -7.06
CA PHE A 73 -0.13 -8.65 -7.91
C PHE A 73 0.04 -9.60 -9.12
N GLU A 74 -1.08 -9.96 -9.76
CA GLU A 74 -1.16 -10.62 -11.06
C GLU A 74 -2.11 -9.89 -12.01
N PRO A 75 -2.01 -10.07 -13.35
CA PRO A 75 -3.09 -9.73 -14.27
C PRO A 75 -4.35 -10.55 -13.95
N ARG A 76 -5.53 -9.94 -14.16
CA ARG A 76 -6.82 -10.63 -14.05
C ARG A 76 -7.01 -11.71 -15.11
N VAL A 77 -6.57 -11.45 -16.35
CA VAL A 77 -6.57 -12.44 -17.44
C VAL A 77 -5.37 -13.36 -17.27
N SER A 78 -5.59 -14.68 -17.35
CA SER A 78 -4.51 -15.68 -17.32
C SER A 78 -3.66 -15.57 -18.59
N GLY A 79 -2.43 -15.04 -18.46
CA GLY A 79 -1.58 -14.63 -19.58
C GLY A 79 -1.74 -13.16 -20.03
N GLY A 80 -2.48 -12.33 -19.28
CA GLY A 80 -2.63 -10.88 -19.51
C GLY A 80 -1.34 -10.08 -19.26
N LYS A 81 -1.37 -8.78 -19.57
CA LYS A 81 -0.20 -7.88 -19.50
C LYS A 81 -0.44 -6.67 -18.59
N ILE A 82 0.46 -6.41 -17.64
CA ILE A 82 0.37 -5.26 -16.73
C ILE A 82 1.08 -4.03 -17.33
N VAL A 83 0.37 -2.91 -17.45
CA VAL A 83 0.98 -1.59 -17.72
C VAL A 83 1.51 -0.99 -16.42
N ALA A 84 2.81 -0.69 -16.38
CA ALA A 84 3.45 -0.07 -15.22
C ALA A 84 2.98 1.38 -15.03
N ARG A 85 2.51 1.76 -13.82
CA ARG A 85 1.76 3.01 -13.55
C ARG A 85 2.03 3.54 -12.14
N GLN A 86 1.90 4.85 -11.92
CA GLN A 86 2.01 5.45 -10.58
C GLN A 86 0.78 5.14 -9.72
N ALA A 87 0.97 5.10 -8.40
CA ALA A 87 -0.10 4.90 -7.42
C ALA A 87 0.29 5.40 -6.01
N THR A 88 -0.70 5.63 -5.16
CA THR A 88 -0.53 6.09 -3.77
C THR A 88 -1.25 5.27 -2.70
N LYS A 89 -0.87 5.51 -1.44
CA LYS A 89 -1.56 5.01 -0.24
C LYS A 89 -1.50 6.00 0.92
N MET A 90 -2.64 6.22 1.59
CA MET A 90 -2.74 6.90 2.88
C MET A 90 -2.84 5.85 4.00
N PHE A 91 -1.80 5.74 4.83
CA PHE A 91 -1.74 4.85 6.00
C PHE A 91 -2.21 5.43 7.33
N PHE A 92 -3.23 4.84 7.96
CA PHE A 92 -3.73 5.20 9.30
C PHE A 92 -3.21 4.34 10.46
N PHE A 93 -2.03 4.67 10.97
CA PHE A 93 -1.39 4.03 12.13
C PHE A 93 -2.01 4.35 13.51
N LYS A 94 -3.25 3.93 13.74
CA LYS A 94 -4.04 4.17 14.96
C LYS A 94 -4.24 2.90 15.80
N ILE A 95 -3.91 2.99 17.09
CA ILE A 95 -4.05 1.88 18.07
C ILE A 95 -5.53 1.73 18.47
N GLU A 96 -6.09 0.53 18.33
CA GLU A 96 -7.52 0.22 18.43
C GLU A 96 -7.90 -0.25 19.86
N LYS A 97 -7.76 0.67 20.83
CA LYS A 97 -7.89 0.49 22.29
C LYS A 97 -9.26 0.97 22.82
N ARG A 98 -10.28 0.93 21.96
CA ARG A 98 -11.62 1.55 22.11
C ARG A 98 -12.63 0.84 21.20
N ARG A 99 -13.93 0.89 21.55
CA ARG A 99 -15.05 0.40 20.72
C ARG A 99 -16.33 1.22 20.90
N SER A 1 2.32 6.16 -22.22
CA SER A 1 2.05 5.07 -21.27
C SER A 1 1.23 5.60 -20.10
N HIS A 2 -0.01 5.11 -19.96
CA HIS A 2 -0.93 5.47 -18.87
C HIS A 2 -0.55 4.78 -17.55
N MET A 3 -0.71 5.46 -16.41
CA MET A 3 -0.46 4.88 -15.07
C MET A 3 -1.40 3.69 -14.76
N GLY A 4 -0.92 2.78 -13.91
CA GLY A 4 -1.67 1.62 -13.43
C GLY A 4 -2.64 1.96 -12.27
N SER A 5 -3.20 0.91 -11.66
CA SER A 5 -4.16 1.04 -10.55
C SER A 5 -4.27 -0.25 -9.75
N LEU A 6 -4.52 -0.16 -8.44
CA LEU A 6 -4.92 -1.32 -7.62
C LEU A 6 -6.31 -1.84 -8.02
N ASN A 7 -7.11 -1.04 -8.73
CA ASN A 7 -8.45 -1.37 -9.21
C ASN A 7 -8.46 -1.98 -10.63
N ASP A 8 -7.30 -2.42 -11.13
CA ASP A 8 -7.12 -3.03 -12.45
C ASP A 8 -7.66 -4.47 -12.57
N SER A 9 -8.60 -4.73 -13.48
CA SER A 9 -9.21 -6.05 -13.67
C SER A 9 -8.27 -7.13 -14.25
N ASP A 10 -7.10 -6.75 -14.79
CA ASP A 10 -6.10 -7.69 -15.31
C ASP A 10 -5.27 -8.48 -14.27
N ILE A 11 -5.52 -8.23 -12.98
CA ILE A 11 -4.83 -8.86 -11.82
C ILE A 11 -5.82 -9.26 -10.70
N LYS A 12 -5.43 -10.27 -9.90
CA LYS A 12 -6.16 -10.81 -8.75
C LYS A 12 -5.33 -10.66 -7.44
N PRO A 13 -5.94 -10.28 -6.30
CA PRO A 13 -5.23 -10.17 -5.01
C PRO A 13 -5.02 -11.54 -4.34
N LEU A 14 -3.76 -11.93 -4.16
CA LEU A 14 -3.36 -13.09 -3.34
C LEU A 14 -3.34 -12.74 -1.84
N ARG A 15 -2.79 -11.56 -1.48
CA ARG A 15 -2.62 -11.11 -0.10
C ARG A 15 -2.84 -9.60 0.03
N MET A 16 -3.64 -9.21 1.01
CA MET A 16 -4.00 -7.85 1.40
C MET A 16 -4.08 -7.81 2.94
N ASP A 17 -3.43 -6.81 3.52
CA ASP A 17 -3.39 -6.52 4.97
C ASP A 17 -3.28 -5.00 5.20
N PRO A 18 -4.25 -4.34 5.86
CA PRO A 18 -4.21 -2.89 6.07
C PRO A 18 -3.15 -2.47 7.10
N PRO A 19 -2.65 -1.22 7.05
CA PRO A 19 -1.68 -0.71 8.02
C PRO A 19 -2.26 -0.62 9.44
N VAL A 20 -1.50 -1.09 10.42
CA VAL A 20 -1.86 -1.06 11.85
C VAL A 20 -1.72 0.35 12.43
N TYR A 21 -2.71 0.77 13.22
CA TYR A 21 -2.75 2.08 13.86
C TYR A 21 -1.64 2.40 14.88
N PRO A 22 -0.90 3.51 14.74
CA PRO A 22 0.12 3.92 15.71
C PRO A 22 -0.51 4.24 17.07
N ARG A 23 -0.01 3.56 18.10
CA ARG A 23 -0.70 3.39 19.40
C ARG A 23 -0.90 4.70 20.17
N MET A 24 0.02 5.65 20.07
CA MET A 24 -0.07 6.97 20.70
C MET A 24 -1.14 7.86 20.03
N ALA A 25 -1.19 7.87 18.69
CA ALA A 25 -2.19 8.63 17.94
C ALA A 25 -3.61 8.10 18.15
N GLN A 26 -3.77 6.77 18.22
CA GLN A 26 -5.06 6.14 18.55
C GLN A 26 -5.48 6.44 20.00
N ALA A 27 -4.53 6.39 20.93
CA ALA A 27 -4.73 6.71 22.35
C ALA A 27 -5.14 8.17 22.62
N ARG A 28 -4.82 9.10 21.72
CA ARG A 28 -5.30 10.50 21.74
C ARG A 28 -6.44 10.83 20.75
N GLY A 29 -6.80 9.89 19.87
CA GLY A 29 -7.93 10.04 18.95
C GLY A 29 -7.66 11.04 17.82
N ILE A 30 -6.45 11.00 17.26
CA ILE A 30 -5.98 11.89 16.19
C ILE A 30 -6.19 11.21 14.83
N GLU A 31 -6.91 11.87 13.92
CA GLU A 31 -7.07 11.41 12.54
C GLU A 31 -6.02 12.01 11.59
N GLY A 32 -5.98 11.53 10.35
CA GLY A 32 -5.14 12.08 9.29
C GLY A 32 -5.49 11.53 7.90
N ARG A 33 -4.59 11.74 6.93
CA ARG A 33 -4.52 10.98 5.67
C ARG A 33 -3.12 11.04 5.08
N VAL A 34 -2.77 10.06 4.23
CA VAL A 34 -1.46 9.97 3.55
C VAL A 34 -1.62 9.61 2.08
N LYS A 35 -0.91 10.33 1.20
CA LYS A 35 -0.91 10.15 -0.26
C LYS A 35 0.42 9.48 -0.66
N VAL A 36 0.36 8.31 -1.28
CA VAL A 36 1.55 7.50 -1.61
C VAL A 36 1.56 7.05 -3.07
N LEU A 37 2.77 6.92 -3.62
CA LEU A 37 3.08 6.49 -4.99
C LEU A 37 4.08 5.32 -4.98
N PHE A 38 3.97 4.42 -5.95
CA PHE A 38 4.73 3.17 -6.05
C PHE A 38 4.97 2.64 -7.46
N THR A 39 5.79 1.61 -7.61
CA THR A 39 5.90 0.74 -8.78
C THR A 39 5.31 -0.63 -8.44
N ILE A 40 4.33 -1.09 -9.21
CA ILE A 40 3.86 -2.48 -9.19
C ILE A 40 4.82 -3.32 -10.05
N THR A 41 5.35 -4.42 -9.53
CA THR A 41 6.30 -5.30 -10.23
C THR A 41 5.67 -6.33 -11.16
N SER A 42 6.46 -6.78 -12.13
CA SER A 42 6.19 -7.98 -12.95
C SER A 42 6.22 -9.30 -12.17
N ASP A 43 6.69 -9.27 -10.91
CA ASP A 43 6.52 -10.36 -9.94
C ASP A 43 5.27 -10.29 -9.02
N GLY A 44 4.43 -9.26 -9.18
CA GLY A 44 3.19 -9.10 -8.43
C GLY A 44 3.37 -8.60 -6.99
N ARG A 45 4.43 -7.80 -6.76
CA ARG A 45 4.76 -7.12 -5.50
C ARG A 45 4.74 -5.59 -5.65
N ILE A 46 4.84 -4.87 -4.54
CA ILE A 46 4.98 -3.41 -4.49
C ILE A 46 6.43 -2.99 -4.19
N ASP A 47 6.93 -2.00 -4.91
CA ASP A 47 8.31 -1.48 -4.85
C ASP A 47 8.25 0.04 -5.11
N ASP A 48 9.39 0.75 -5.03
CA ASP A 48 9.53 2.20 -5.22
C ASP A 48 8.67 3.14 -4.31
N ILE A 49 8.16 2.62 -3.19
CA ILE A 49 7.15 3.29 -2.35
C ILE A 49 7.66 4.64 -1.82
N GLN A 50 6.90 5.72 -2.03
CA GLN A 50 7.25 7.09 -1.63
C GLN A 50 6.01 7.95 -1.33
N VAL A 51 6.19 9.00 -0.52
CA VAL A 51 5.11 9.90 -0.09
C VAL A 51 4.97 11.17 -0.93
N LEU A 52 3.73 11.65 -1.15
CA LEU A 52 3.40 12.86 -1.91
C LEU A 52 2.63 13.92 -1.08
N GLU A 53 1.96 13.50 0.00
CA GLU A 53 1.39 14.34 1.07
C GLU A 53 1.22 13.49 2.33
N SER A 54 1.40 14.07 3.53
CA SER A 54 1.25 13.34 4.80
C SER A 54 0.67 14.24 5.88
N VAL A 55 -0.37 13.75 6.56
CA VAL A 55 -1.18 14.50 7.53
C VAL A 55 -1.53 13.64 8.74
N PRO A 56 -1.30 14.06 9.99
CA PRO A 56 -0.65 15.32 10.40
C PRO A 56 0.87 15.36 10.13
N SER A 57 1.52 14.19 9.97
CA SER A 57 2.94 14.00 9.65
C SER A 57 3.21 12.60 9.10
N ARG A 58 4.48 12.29 8.82
CA ARG A 58 4.97 10.94 8.46
C ARG A 58 4.86 9.88 9.57
N MET A 59 4.23 10.19 10.72
CA MET A 59 3.80 9.20 11.73
C MET A 59 3.03 8.03 11.12
N PHE A 60 2.16 8.32 10.12
CA PHE A 60 1.38 7.33 9.35
C PHE A 60 2.08 6.65 8.15
N ASP A 61 3.18 7.23 7.64
CA ASP A 61 3.94 6.70 6.50
C ASP A 61 4.61 5.33 6.72
N ARG A 62 5.13 5.12 7.94
CA ARG A 62 6.00 3.99 8.29
C ARG A 62 5.32 2.62 8.18
N GLU A 63 4.07 2.46 8.63
CA GLU A 63 3.36 1.19 8.47
C GLU A 63 2.67 1.07 7.09
N VAL A 64 2.30 2.18 6.42
CA VAL A 64 1.68 2.13 5.07
C VAL A 64 2.64 1.46 4.09
N ARG A 65 3.92 1.85 4.08
CA ARG A 65 4.93 1.23 3.20
C ARG A 65 5.22 -0.23 3.59
N GLN A 66 5.25 -0.55 4.88
CA GLN A 66 5.46 -1.93 5.36
C GLN A 66 4.27 -2.86 5.05
N ALA A 67 3.04 -2.34 5.10
CA ALA A 67 1.82 -3.03 4.71
C ALA A 67 1.77 -3.30 3.20
N MET A 68 1.97 -2.28 2.35
CA MET A 68 1.97 -2.45 0.90
C MET A 68 3.08 -3.38 0.41
N ALA A 69 4.28 -3.32 1.00
CA ALA A 69 5.37 -4.26 0.72
C ALA A 69 4.99 -5.73 1.03
N LYS A 70 4.08 -5.95 1.98
CA LYS A 70 3.54 -7.25 2.41
C LYS A 70 2.30 -7.71 1.61
N TRP A 71 1.76 -6.90 0.69
CA TRP A 71 0.70 -7.33 -0.24
C TRP A 71 1.24 -8.25 -1.34
N ARG A 72 0.36 -8.96 -2.05
CA ARG A 72 0.73 -9.84 -3.18
C ARG A 72 -0.39 -9.97 -4.22
N PHE A 73 -0.01 -9.97 -5.50
CA PHE A 73 -0.88 -10.11 -6.68
C PHE A 73 -0.48 -11.19 -7.69
N GLU A 74 -1.42 -11.68 -8.50
CA GLU A 74 -1.20 -12.58 -9.64
C GLU A 74 -1.97 -12.08 -10.89
N PRO A 75 -1.53 -12.39 -12.12
CA PRO A 75 -2.26 -12.00 -13.33
C PRO A 75 -3.58 -12.75 -13.45
N ARG A 76 -4.59 -12.12 -14.06
CA ARG A 76 -5.89 -12.74 -14.36
C ARG A 76 -5.80 -13.90 -15.35
N VAL A 77 -4.80 -13.87 -16.24
CA VAL A 77 -4.54 -14.93 -17.23
C VAL A 77 -3.87 -16.14 -16.58
N SER A 78 -4.46 -17.34 -16.75
CA SER A 78 -3.86 -18.60 -16.31
C SER A 78 -2.48 -18.81 -16.95
N GLY A 79 -1.43 -18.87 -16.12
CA GLY A 79 -0.02 -18.97 -16.53
C GLY A 79 0.59 -17.69 -17.12
N GLY A 80 -0.09 -16.54 -17.05
CA GLY A 80 0.38 -15.28 -17.65
C GLY A 80 1.51 -14.57 -16.88
N LYS A 81 1.78 -13.32 -17.30
CA LYS A 81 2.72 -12.37 -16.69
C LYS A 81 2.09 -10.98 -16.48
N ILE A 82 2.45 -10.33 -15.38
CA ILE A 82 2.13 -8.92 -15.09
C ILE A 82 3.14 -7.99 -15.80
N VAL A 83 2.67 -6.84 -16.30
CA VAL A 83 3.54 -5.74 -16.78
C VAL A 83 3.66 -4.68 -15.67
N ALA A 84 4.91 -4.28 -15.39
CA ALA A 84 5.25 -3.37 -14.30
C ALA A 84 4.87 -1.90 -14.62
N ARG A 85 4.28 -1.20 -13.65
CA ARG A 85 3.62 0.11 -13.85
C ARG A 85 3.62 0.98 -12.58
N GLN A 86 3.68 2.31 -12.77
CA GLN A 86 3.49 3.28 -11.69
C GLN A 86 2.03 3.28 -11.21
N ALA A 87 1.81 3.52 -9.91
CA ALA A 87 0.48 3.62 -9.28
C ALA A 87 0.48 4.45 -7.99
N THR A 88 -0.71 4.81 -7.50
CA THR A 88 -0.96 5.60 -6.27
C THR A 88 -2.16 5.14 -5.44
N LYS A 89 -2.23 5.63 -4.18
CA LYS A 89 -3.30 5.36 -3.20
C LYS A 89 -3.41 6.52 -2.18
N MET A 90 -4.63 6.81 -1.70
CA MET A 90 -4.87 7.60 -0.48
C MET A 90 -5.28 6.73 0.71
N PHE A 91 -4.50 6.80 1.78
CA PHE A 91 -4.79 6.22 3.09
C PHE A 91 -5.52 7.14 4.06
N PHE A 92 -6.84 6.98 4.22
CA PHE A 92 -7.67 7.77 5.14
C PHE A 92 -7.74 7.28 6.59
N PHE A 93 -6.71 7.62 7.37
CA PHE A 93 -6.59 7.34 8.81
C PHE A 93 -7.63 7.98 9.75
N LYS A 94 -8.85 7.43 9.76
CA LYS A 94 -9.96 7.89 10.60
C LYS A 94 -10.13 7.05 11.85
N ILE A 95 -10.48 7.68 12.97
CA ILE A 95 -10.64 7.03 14.28
C ILE A 95 -12.11 6.60 14.45
N GLU A 96 -12.34 5.44 15.05
CA GLU A 96 -13.71 4.88 15.19
C GLU A 96 -14.59 5.67 16.17
N LYS A 97 -13.97 6.42 17.10
CA LYS A 97 -14.61 7.43 17.94
C LYS A 97 -15.07 8.61 17.09
N ARG A 98 -16.38 8.80 16.98
CA ARG A 98 -17.03 9.75 16.06
C ARG A 98 -17.27 11.12 16.72
N ARG A 99 -16.72 12.20 16.16
CA ARG A 99 -16.84 13.58 16.69
C ARG A 99 -18.07 14.34 16.17
N SER A 1 2.09 12.04 -17.33
CA SER A 1 2.83 10.78 -17.15
C SER A 1 1.84 9.63 -16.99
N HIS A 2 1.75 8.73 -17.98
CA HIS A 2 0.82 7.59 -17.94
C HIS A 2 1.23 6.58 -16.84
N MET A 3 0.31 6.21 -15.96
CA MET A 3 0.61 5.50 -14.70
C MET A 3 -0.62 4.74 -14.15
N GLY A 4 -0.42 3.87 -13.16
CA GLY A 4 -1.45 2.97 -12.62
C GLY A 4 -2.02 3.40 -11.27
N SER A 5 -2.69 2.46 -10.60
CA SER A 5 -3.23 2.57 -9.24
C SER A 5 -3.18 1.22 -8.52
N LEU A 6 -3.18 1.23 -7.18
CA LEU A 6 -3.34 0.01 -6.38
C LEU A 6 -4.77 -0.56 -6.50
N ASN A 7 -5.76 0.33 -6.60
CA ASN A 7 -7.18 -0.02 -6.74
C ASN A 7 -7.61 -0.36 -8.18
N ASP A 8 -6.68 -0.47 -9.14
CA ASP A 8 -6.98 -0.92 -10.51
C ASP A 8 -7.72 -2.26 -10.61
N SER A 9 -8.81 -2.32 -11.39
CA SER A 9 -9.60 -3.54 -11.58
C SER A 9 -8.88 -4.65 -12.37
N ASP A 10 -7.74 -4.33 -12.97
CA ASP A 10 -6.90 -5.25 -13.75
C ASP A 10 -6.10 -6.23 -12.85
N ILE A 11 -6.16 -6.06 -11.52
CA ILE A 11 -5.43 -6.87 -10.51
C ILE A 11 -6.30 -7.18 -9.28
N LYS A 12 -6.01 -8.31 -8.61
CA LYS A 12 -6.55 -8.68 -7.29
C LYS A 12 -5.50 -8.52 -6.18
N PRO A 13 -5.89 -8.16 -4.94
CA PRO A 13 -4.97 -8.14 -3.81
C PRO A 13 -4.70 -9.56 -3.25
N LEU A 14 -3.53 -9.72 -2.61
CA LEU A 14 -3.23 -10.82 -1.70
C LEU A 14 -3.00 -10.31 -0.27
N ARG A 15 -2.19 -9.26 -0.12
CA ARG A 15 -1.79 -8.66 1.18
C ARG A 15 -1.71 -7.14 1.10
N MET A 16 -2.37 -6.45 2.03
CA MET A 16 -2.48 -4.99 2.14
C MET A 16 -2.27 -4.48 3.59
N ASP A 17 -1.44 -5.19 4.36
CA ASP A 17 -1.08 -4.97 5.76
C ASP A 17 -0.93 -3.50 6.19
N PRO A 18 -1.75 -3.00 7.12
CA PRO A 18 -1.62 -1.63 7.62
C PRO A 18 -0.25 -1.41 8.32
N PRO A 19 0.43 -0.27 8.07
CA PRO A 19 1.63 0.13 8.79
C PRO A 19 1.46 0.15 10.31
N VAL A 20 2.54 -0.16 11.02
CA VAL A 20 2.67 0.00 12.48
C VAL A 20 2.72 1.49 12.84
N TYR A 21 2.01 1.90 13.89
CA TYR A 21 2.17 3.21 14.50
C TYR A 21 3.51 3.41 15.26
N PRO A 22 4.37 4.37 14.90
CA PRO A 22 5.63 4.61 15.61
C PRO A 22 5.36 5.02 17.07
N ARG A 23 6.03 4.35 18.01
CA ARG A 23 5.67 4.31 19.43
C ARG A 23 5.64 5.69 20.09
N MET A 24 6.67 6.52 19.89
CA MET A 24 6.73 7.87 20.50
C MET A 24 5.68 8.85 19.92
N ALA A 25 5.05 8.55 18.77
CA ALA A 25 3.91 9.32 18.29
C ALA A 25 2.59 8.82 18.92
N GLN A 26 2.36 7.49 18.93
CA GLN A 26 1.11 6.91 19.46
C GLN A 26 0.99 7.11 20.97
N ALA A 27 2.07 6.86 21.71
CA ALA A 27 2.15 7.01 23.16
C ALA A 27 1.91 8.47 23.62
N ARG A 28 2.48 9.45 22.91
CA ARG A 28 2.29 10.89 23.16
C ARG A 28 1.00 11.48 22.59
N GLY A 29 0.29 10.75 21.72
CA GLY A 29 -1.00 11.18 21.17
C GLY A 29 -0.89 12.19 20.03
N ILE A 30 0.01 11.92 19.08
CA ILE A 30 0.32 12.75 17.91
C ILE A 30 -0.13 12.04 16.63
N GLU A 31 -0.90 12.73 15.79
CA GLU A 31 -1.28 12.25 14.45
C GLU A 31 -0.38 12.79 13.32
N GLY A 32 -0.47 12.19 12.14
CA GLY A 32 0.30 12.59 10.97
C GLY A 32 -0.25 12.08 9.64
N ARG A 33 0.44 12.39 8.54
CA ARG A 33 0.11 11.98 7.17
C ARG A 33 1.37 11.83 6.30
N VAL A 34 1.31 10.97 5.27
CA VAL A 34 2.45 10.70 4.38
C VAL A 34 2.04 10.47 2.92
N LYS A 35 2.66 11.18 1.97
CA LYS A 35 2.56 10.95 0.52
C LYS A 35 3.74 10.15 0.02
N VAL A 36 3.48 9.05 -0.67
CA VAL A 36 4.51 8.13 -1.21
C VAL A 36 4.29 7.72 -2.66
N LEU A 37 5.39 7.47 -3.37
CA LEU A 37 5.47 7.05 -4.78
C LEU A 37 6.31 5.77 -4.91
N PHE A 38 5.92 4.88 -5.83
CA PHE A 38 6.46 3.52 -5.98
C PHE A 38 6.27 2.89 -7.36
N THR A 39 7.06 1.87 -7.67
CA THR A 39 6.75 0.88 -8.70
C THR A 39 5.87 -0.25 -8.17
N ILE A 40 4.75 -0.55 -8.83
CA ILE A 40 4.05 -1.83 -8.75
C ILE A 40 4.76 -2.76 -9.73
N THR A 41 5.38 -3.85 -9.25
CA THR A 41 6.19 -4.76 -10.07
C THR A 41 5.44 -5.84 -10.84
N SER A 42 6.12 -6.43 -11.83
CA SER A 42 5.59 -7.52 -12.65
C SER A 42 5.42 -8.84 -11.87
N ASP A 43 6.11 -8.99 -10.75
CA ASP A 43 5.85 -10.02 -9.73
C ASP A 43 4.68 -9.71 -8.77
N GLY A 44 4.08 -8.52 -8.87
CA GLY A 44 3.04 -8.04 -7.94
C GLY A 44 3.59 -7.60 -6.58
N ARG A 45 4.87 -7.17 -6.52
CA ARG A 45 5.50 -6.55 -5.35
C ARG A 45 5.44 -5.02 -5.43
N ILE A 46 5.82 -4.34 -4.35
CA ILE A 46 6.06 -2.88 -4.33
C ILE A 46 7.57 -2.61 -4.25
N ASP A 47 8.07 -1.65 -5.04
CA ASP A 47 9.49 -1.34 -5.16
C ASP A 47 9.79 0.16 -5.41
N ASP A 48 11.05 0.56 -5.24
CA ASP A 48 11.59 1.91 -5.48
C ASP A 48 10.87 2.99 -4.64
N ILE A 49 10.39 2.58 -3.46
CA ILE A 49 9.52 3.36 -2.56
C ILE A 49 10.24 4.63 -2.11
N GLN A 50 9.57 5.77 -2.27
CA GLN A 50 10.10 7.10 -1.93
C GLN A 50 8.99 8.06 -1.48
N VAL A 51 9.34 8.98 -0.59
CA VAL A 51 8.44 9.96 0.03
C VAL A 51 8.38 11.31 -0.68
N LEU A 52 7.20 11.91 -0.75
CA LEU A 52 6.96 13.26 -1.30
C LEU A 52 6.75 14.28 -0.17
N GLU A 53 5.91 13.96 0.82
CA GLU A 53 5.72 14.72 2.06
C GLU A 53 5.49 13.79 3.24
N SER A 54 6.10 14.08 4.39
CA SER A 54 5.98 13.33 5.64
C SER A 54 5.71 14.29 6.79
N VAL A 55 4.60 14.07 7.48
CA VAL A 55 3.97 15.07 8.36
C VAL A 55 3.70 14.49 9.75
N PRO A 56 4.20 15.09 10.85
CA PRO A 56 5.06 16.28 10.89
C PRO A 56 6.48 16.07 10.34
N SER A 57 6.96 14.83 10.29
CA SER A 57 8.33 14.47 9.88
C SER A 57 8.45 13.05 9.33
N ARG A 58 9.67 12.65 8.93
CA ARG A 58 10.01 11.32 8.40
C ARG A 58 9.74 10.15 9.35
N MET A 59 9.46 10.41 10.62
CA MET A 59 9.09 9.43 11.64
C MET A 59 8.04 8.41 11.14
N PHE A 60 7.01 8.89 10.45
CA PHE A 60 5.96 8.06 9.85
C PHE A 60 6.31 7.32 8.55
N ASP A 61 7.22 7.90 7.75
CA ASP A 61 7.72 7.30 6.50
C ASP A 61 8.37 5.92 6.67
N ARG A 62 9.21 5.80 7.69
CA ARG A 62 10.03 4.61 7.98
C ARG A 62 9.20 3.33 8.18
N GLU A 63 7.97 3.42 8.71
CA GLU A 63 7.07 2.26 8.87
C GLU A 63 6.26 1.89 7.60
N VAL A 64 5.91 2.87 6.75
CA VAL A 64 5.17 2.63 5.48
C VAL A 64 6.00 1.75 4.54
N ARG A 65 7.30 2.03 4.42
CA ARG A 65 8.23 1.21 3.61
C ARG A 65 8.50 -0.20 4.16
N GLN A 66 8.10 -0.51 5.40
CA GLN A 66 8.07 -1.90 5.90
C GLN A 66 6.77 -2.61 5.50
N ALA A 67 5.63 -1.90 5.56
CA ALA A 67 4.33 -2.45 5.18
C ALA A 67 4.29 -2.79 3.68
N MET A 68 4.68 -1.86 2.81
CA MET A 68 4.73 -2.10 1.35
C MET A 68 5.69 -3.23 0.94
N ALA A 69 6.73 -3.53 1.73
CA ALA A 69 7.63 -4.66 1.50
C ALA A 69 6.95 -6.03 1.63
N LYS A 70 5.92 -6.16 2.49
CA LYS A 70 5.16 -7.40 2.70
C LYS A 70 3.82 -7.47 1.95
N TRP A 71 3.35 -6.35 1.36
CA TRP A 71 2.22 -6.30 0.44
C TRP A 71 2.43 -7.16 -0.83
N ARG A 72 1.33 -7.64 -1.43
CA ARG A 72 1.38 -8.46 -2.65
C ARG A 72 0.08 -8.41 -3.47
N PHE A 73 0.22 -8.50 -4.80
CA PHE A 73 -0.83 -8.54 -5.83
C PHE A 73 -0.83 -9.75 -6.79
N GLU A 74 -1.96 -10.00 -7.45
CA GLU A 74 -2.21 -11.04 -8.46
C GLU A 74 -2.93 -10.46 -9.71
N PRO A 75 -2.87 -11.11 -10.89
CA PRO A 75 -3.69 -10.73 -12.04
C PRO A 75 -5.20 -10.92 -11.77
N ARG A 76 -6.05 -10.20 -12.51
CA ARG A 76 -7.52 -10.33 -12.42
C ARG A 76 -8.03 -11.71 -12.85
N VAL A 77 -7.29 -12.38 -13.75
CA VAL A 77 -7.54 -13.77 -14.17
C VAL A 77 -6.26 -14.59 -14.10
N SER A 78 -6.32 -15.74 -13.42
CA SER A 78 -5.16 -16.62 -13.21
C SER A 78 -4.57 -17.12 -14.52
N GLY A 79 -3.24 -17.10 -14.63
CA GLY A 79 -2.48 -17.29 -15.88
C GLY A 79 -2.15 -15.97 -16.62
N GLY A 80 -2.78 -14.85 -16.25
CA GLY A 80 -2.43 -13.51 -16.76
C GLY A 80 -1.10 -12.98 -16.22
N LYS A 81 -0.53 -11.97 -16.87
CA LYS A 81 0.71 -11.28 -16.46
C LYS A 81 0.41 -9.89 -15.93
N ILE A 82 0.96 -9.53 -14.76
CA ILE A 82 0.77 -8.20 -14.16
C ILE A 82 1.57 -7.15 -14.94
N VAL A 83 0.93 -6.07 -15.37
CA VAL A 83 1.58 -4.91 -15.98
C VAL A 83 2.27 -4.09 -14.89
N ALA A 84 3.60 -4.06 -14.89
CA ALA A 84 4.38 -3.22 -13.98
C ALA A 84 4.14 -1.73 -14.28
N ARG A 85 3.90 -0.92 -13.24
CA ARG A 85 3.45 0.48 -13.40
C ARG A 85 3.85 1.36 -12.21
N GLN A 86 4.11 2.65 -12.47
CA GLN A 86 4.25 3.67 -11.43
C GLN A 86 2.89 3.93 -10.75
N ALA A 87 2.90 4.28 -9.46
CA ALA A 87 1.71 4.67 -8.68
C ALA A 87 2.06 5.53 -7.44
N THR A 88 1.04 6.12 -6.81
CA THR A 88 1.12 6.83 -5.51
C THR A 88 0.08 6.40 -4.45
N LYS A 89 0.34 6.77 -3.18
CA LYS A 89 -0.57 6.55 -2.04
C LYS A 89 -0.49 7.70 -1.02
N MET A 90 -1.64 8.14 -0.53
CA MET A 90 -1.81 9.04 0.61
C MET A 90 -2.14 8.24 1.89
N PHE A 91 -1.31 8.38 2.92
CA PHE A 91 -1.45 7.77 4.26
C PHE A 91 -1.99 8.67 5.37
N PHE A 92 -2.84 8.15 6.25
CA PHE A 92 -3.48 8.88 7.35
C PHE A 92 -3.31 8.29 8.76
N PHE A 93 -2.18 8.58 9.40
CA PHE A 93 -1.84 8.23 10.78
C PHE A 93 -2.65 8.94 11.89
N LYS A 94 -3.97 8.81 11.88
CA LYS A 94 -4.88 9.44 12.86
C LYS A 94 -4.84 8.78 14.24
N ILE A 95 -4.91 9.59 15.29
CA ILE A 95 -5.11 9.11 16.68
C ILE A 95 -6.59 9.21 17.01
N GLU A 96 -7.18 8.07 17.31
CA GLU A 96 -8.63 7.87 17.43
C GLU A 96 -9.12 7.91 18.89
N LYS A 97 -8.20 8.11 19.85
CA LYS A 97 -8.53 8.37 21.27
C LYS A 97 -8.80 9.87 21.50
N ARG A 98 -9.69 10.20 22.43
CA ARG A 98 -10.13 11.57 22.75
C ARG A 98 -10.55 11.75 24.22
N ARG A 99 -10.86 12.98 24.62
CA ARG A 99 -11.47 13.31 25.93
C ARG A 99 -12.87 12.69 26.10
N SER A 1 1.99 9.64 -21.24
CA SER A 1 0.65 9.08 -20.99
C SER A 1 0.25 9.22 -19.53
N HIS A 2 -1.05 9.10 -19.23
CA HIS A 2 -1.57 9.27 -17.87
C HIS A 2 -1.04 8.20 -16.88
N MET A 3 -1.09 8.51 -15.58
CA MET A 3 -0.75 7.60 -14.50
C MET A 3 -1.78 6.48 -14.31
N GLY A 4 -1.38 5.42 -13.63
CA GLY A 4 -2.21 4.25 -13.31
C GLY A 4 -3.01 4.36 -12.01
N SER A 5 -3.80 3.33 -11.71
CA SER A 5 -4.67 3.24 -10.54
C SER A 5 -5.02 1.79 -10.17
N LEU A 6 -5.20 1.52 -8.88
CA LEU A 6 -5.54 0.19 -8.33
C LEU A 6 -7.01 -0.24 -8.55
N ASN A 7 -7.87 0.67 -9.01
CA ASN A 7 -9.26 0.38 -9.41
C ASN A 7 -9.43 0.05 -10.91
N ASP A 8 -8.34 -0.01 -11.68
CA ASP A 8 -8.36 -0.46 -13.09
C ASP A 8 -8.91 -1.88 -13.30
N SER A 9 -9.83 -2.04 -14.27
CA SER A 9 -10.50 -3.32 -14.53
C SER A 9 -9.61 -4.34 -15.24
N ASP A 10 -8.61 -3.89 -16.02
CA ASP A 10 -7.70 -4.75 -16.80
C ASP A 10 -6.62 -5.56 -16.05
N ILE A 11 -6.65 -5.56 -14.71
CA ILE A 11 -5.78 -6.37 -13.85
C ILE A 11 -6.55 -7.05 -12.71
N LYS A 12 -6.26 -8.33 -12.45
CA LYS A 12 -6.79 -9.10 -11.32
C LYS A 12 -5.97 -8.82 -10.04
N PRO A 13 -6.58 -8.44 -8.91
CA PRO A 13 -5.90 -8.39 -7.61
C PRO A 13 -5.69 -9.82 -7.06
N LEU A 14 -4.47 -10.34 -7.19
CA LEU A 14 -4.10 -11.71 -6.81
C LEU A 14 -3.82 -11.84 -5.31
N ARG A 15 -3.04 -10.90 -4.73
CA ARG A 15 -2.73 -10.83 -3.28
C ARG A 15 -2.62 -9.38 -2.84
N MET A 16 -3.28 -9.04 -1.73
CA MET A 16 -3.41 -7.69 -1.18
C MET A 16 -3.60 -7.70 0.36
N ASP A 17 -2.72 -8.39 1.09
CA ASP A 17 -2.73 -8.54 2.55
C ASP A 17 -2.54 -7.16 3.24
N PRO A 18 -3.52 -6.67 4.02
CA PRO A 18 -3.50 -5.34 4.65
C PRO A 18 -2.34 -5.08 5.63
N PRO A 19 -1.93 -3.81 5.83
CA PRO A 19 -0.87 -3.43 6.76
C PRO A 19 -1.26 -3.59 8.24
N VAL A 20 -0.29 -3.99 9.07
CA VAL A 20 -0.44 -4.17 10.52
C VAL A 20 -0.31 -2.89 11.36
N TYR A 21 -0.86 -2.89 12.58
CA TYR A 21 -0.53 -1.92 13.61
C TYR A 21 0.87 -2.07 14.28
N PRO A 22 1.76 -1.05 14.22
CA PRO A 22 3.03 -1.07 14.96
C PRO A 22 2.82 -1.20 16.47
N ARG A 23 3.71 -1.95 17.14
CA ARG A 23 3.53 -2.38 18.54
C ARG A 23 3.58 -1.25 19.58
N MET A 24 4.24 -0.13 19.30
CA MET A 24 4.12 1.09 20.11
C MET A 24 2.85 1.89 19.78
N ALA A 25 2.45 1.95 18.49
CA ALA A 25 1.33 2.76 18.02
C ALA A 25 0.00 2.30 18.62
N GLN A 26 -0.24 0.98 18.67
CA GLN A 26 -1.50 0.45 19.20
C GLN A 26 -1.56 0.52 20.74
N ALA A 27 -0.42 0.36 21.42
CA ALA A 27 -0.33 0.46 22.88
C ALA A 27 -0.52 1.91 23.37
N ARG A 28 0.11 2.88 22.70
CA ARG A 28 -0.11 4.33 22.93
C ARG A 28 -1.50 4.80 22.46
N GLY A 29 -2.11 4.08 21.51
CA GLY A 29 -3.47 4.34 21.03
C GLY A 29 -3.53 5.45 19.97
N ILE A 30 -2.59 5.47 19.03
CA ILE A 30 -2.37 6.58 18.10
C ILE A 30 -3.14 6.35 16.79
N GLU A 31 -3.94 7.33 16.38
CA GLU A 31 -4.59 7.34 15.06
C GLU A 31 -3.84 8.28 14.09
N GLY A 32 -3.98 8.05 12.78
CA GLY A 32 -3.28 8.82 11.74
C GLY A 32 -3.71 8.60 10.29
N ARG A 33 -3.00 9.21 9.34
CA ARG A 33 -3.16 8.97 7.89
C ARG A 33 -1.82 9.05 7.15
N VAL A 34 -1.66 8.27 6.07
CA VAL A 34 -0.42 8.22 5.26
C VAL A 34 -0.72 8.12 3.76
N LYS A 35 -0.04 8.93 2.94
CA LYS A 35 -0.24 9.05 1.48
C LYS A 35 0.98 8.45 0.75
N VAL A 36 0.82 7.27 0.15
CA VAL A 36 1.90 6.50 -0.52
C VAL A 36 1.75 6.48 -2.04
N LEU A 37 2.88 6.60 -2.75
CA LEU A 37 3.00 6.56 -4.21
C LEU A 37 4.02 5.48 -4.64
N PHE A 38 3.77 4.83 -5.76
CA PHE A 38 4.48 3.63 -6.22
C PHE A 38 4.49 3.44 -7.74
N THR A 39 5.37 2.59 -8.28
CA THR A 39 5.23 2.02 -9.62
C THR A 39 4.59 0.62 -9.52
N ILE A 40 3.59 0.35 -10.36
CA ILE A 40 3.04 -0.98 -10.66
C ILE A 40 3.84 -1.58 -11.82
N THR A 41 4.35 -2.80 -11.69
CA THR A 41 5.20 -3.49 -12.70
C THR A 41 4.51 -4.42 -13.68
N SER A 42 5.22 -4.75 -14.77
CA SER A 42 4.77 -5.71 -15.79
C SER A 42 4.64 -7.15 -15.24
N ASP A 43 5.40 -7.50 -14.20
CA ASP A 43 5.21 -8.71 -13.38
C ASP A 43 4.02 -8.67 -12.39
N GLY A 44 3.33 -7.54 -12.30
CA GLY A 44 2.26 -7.30 -11.33
C GLY A 44 2.75 -7.06 -9.90
N ARG A 45 4.02 -6.67 -9.71
CA ARG A 45 4.55 -6.23 -8.40
C ARG A 45 4.29 -4.75 -8.15
N ILE A 46 4.41 -4.35 -6.89
CA ILE A 46 4.58 -2.95 -6.48
C ILE A 46 6.07 -2.68 -6.25
N ASP A 47 6.55 -1.51 -6.68
CA ASP A 47 7.98 -1.15 -6.67
C ASP A 47 8.10 0.39 -6.57
N ASP A 48 9.34 0.88 -6.43
CA ASP A 48 9.73 2.29 -6.33
C ASP A 48 8.91 3.08 -5.27
N ILE A 49 8.63 2.46 -4.12
CA ILE A 49 7.63 2.93 -3.14
C ILE A 49 8.15 4.15 -2.36
N GLN A 50 7.37 5.22 -2.31
CA GLN A 50 7.70 6.48 -1.63
C GLN A 50 6.47 7.09 -0.93
N VAL A 51 6.70 7.77 0.19
CA VAL A 51 5.65 8.40 1.01
C VAL A 51 5.71 9.92 0.89
N LEU A 52 4.57 10.51 0.52
CA LEU A 52 4.46 11.95 0.27
C LEU A 52 4.09 12.74 1.53
N GLU A 53 3.28 12.15 2.40
CA GLU A 53 2.68 12.75 3.60
C GLU A 53 2.42 11.66 4.66
N SER A 54 2.80 11.92 5.92
CA SER A 54 2.67 10.98 7.04
C SER A 54 2.24 11.70 8.31
N VAL A 55 1.11 11.28 8.89
CA VAL A 55 0.38 11.97 9.96
C VAL A 55 0.00 11.00 11.08
N PRO A 56 0.25 11.30 12.38
CA PRO A 56 0.93 12.50 12.89
C PRO A 56 2.44 12.55 12.56
N SER A 57 3.05 11.41 12.24
CA SER A 57 4.45 11.22 11.88
C SER A 57 4.61 9.93 11.05
N ARG A 58 5.83 9.60 10.59
CA ARG A 58 6.17 8.38 9.82
C ARG A 58 6.05 7.06 10.58
N MET A 59 5.31 7.05 11.69
CA MET A 59 5.06 5.90 12.56
C MET A 59 4.59 4.65 11.82
N PHE A 60 3.67 4.83 10.87
CA PHE A 60 3.10 3.77 10.04
C PHE A 60 3.88 3.40 8.77
N ASP A 61 4.78 4.27 8.29
CA ASP A 61 5.42 4.17 6.97
C ASP A 61 6.01 2.81 6.59
N ARG A 62 6.90 2.23 7.42
CA ARG A 62 7.55 0.95 7.11
C ARG A 62 6.59 -0.23 7.05
N GLU A 63 5.62 -0.33 7.96
CA GLU A 63 4.60 -1.40 7.87
C GLU A 63 3.72 -1.28 6.61
N VAL A 64 3.46 -0.07 6.11
CA VAL A 64 2.80 0.15 4.82
C VAL A 64 3.72 -0.23 3.65
N ARG A 65 4.98 0.25 3.63
CA ARG A 65 5.96 -0.03 2.57
C ARG A 65 6.27 -1.53 2.42
N GLN A 66 6.32 -2.24 3.54
CA GLN A 66 6.50 -3.69 3.61
C GLN A 66 5.24 -4.46 3.14
N ALA A 67 4.05 -3.99 3.53
CA ALA A 67 2.77 -4.56 3.09
C ALA A 67 2.56 -4.42 1.57
N MET A 68 2.70 -3.20 1.04
CA MET A 68 2.60 -2.94 -0.40
C MET A 68 3.57 -3.80 -1.22
N ALA A 69 4.79 -4.04 -0.71
CA ALA A 69 5.77 -4.88 -1.39
C ALA A 69 5.32 -6.35 -1.53
N LYS A 70 4.64 -6.97 -0.55
CA LYS A 70 4.15 -8.36 -0.62
C LYS A 70 2.85 -8.56 -1.43
N TRP A 71 2.28 -7.50 -1.99
CA TRP A 71 1.11 -7.59 -2.89
C TRP A 71 1.47 -8.18 -4.27
N ARG A 72 0.45 -8.61 -5.03
CA ARG A 72 0.60 -9.17 -6.40
C ARG A 72 -0.67 -8.96 -7.23
N PHE A 73 -0.48 -8.59 -8.50
CA PHE A 73 -1.48 -8.56 -9.58
C PHE A 73 -1.19 -9.53 -10.74
N GLU A 74 -2.19 -9.84 -11.58
CA GLU A 74 -1.99 -10.52 -12.88
C GLU A 74 -2.91 -9.89 -13.94
N PRO A 75 -2.64 -10.01 -15.26
CA PRO A 75 -3.50 -9.45 -16.31
C PRO A 75 -4.90 -10.08 -16.31
N ARG A 76 -5.92 -9.31 -16.75
CA ARG A 76 -7.32 -9.78 -16.86
C ARG A 76 -7.48 -10.97 -17.84
N VAL A 77 -6.60 -11.07 -18.84
CA VAL A 77 -6.58 -12.12 -19.87
C VAL A 77 -5.27 -12.93 -19.88
N SER A 78 -5.33 -14.24 -20.09
CA SER A 78 -4.16 -15.15 -19.99
C SER A 78 -3.00 -14.81 -20.95
N GLY A 79 -3.31 -14.46 -22.21
CA GLY A 79 -2.33 -13.93 -23.19
C GLY A 79 -2.06 -12.42 -23.08
N GLY A 80 -2.74 -11.71 -22.16
CA GLY A 80 -2.63 -10.28 -21.93
C GLY A 80 -1.34 -9.85 -21.26
N LYS A 81 -1.09 -8.53 -21.19
CA LYS A 81 0.13 -7.91 -20.64
C LYS A 81 -0.21 -6.69 -19.79
N ILE A 82 0.33 -6.63 -18.57
CA ILE A 82 0.14 -5.50 -17.65
C ILE A 82 0.87 -4.25 -18.18
N VAL A 83 0.18 -3.11 -18.24
CA VAL A 83 0.82 -1.81 -18.51
C VAL A 83 1.36 -1.22 -17.20
N ALA A 84 2.69 -1.17 -17.08
CA ALA A 84 3.39 -0.61 -15.93
C ALA A 84 3.19 0.92 -15.84
N ARG A 85 2.95 1.45 -14.64
CA ARG A 85 2.52 2.83 -14.36
C ARG A 85 2.85 3.29 -12.95
N GLN A 86 2.89 4.60 -12.73
CA GLN A 86 2.83 5.18 -11.37
C GLN A 86 1.39 5.15 -10.82
N ALA A 87 1.21 4.99 -9.51
CA ALA A 87 -0.11 5.06 -8.85
C ALA A 87 0.03 5.44 -7.36
N THR A 88 -1.10 5.79 -6.71
CA THR A 88 -1.20 6.13 -5.29
C THR A 88 -2.25 5.38 -4.46
N LYS A 89 -2.11 5.48 -3.14
CA LYS A 89 -3.08 5.02 -2.13
C LYS A 89 -3.05 5.89 -0.86
N MET A 90 -4.23 6.18 -0.31
CA MET A 90 -4.42 6.70 1.05
C MET A 90 -4.67 5.58 2.08
N PHE A 91 -3.91 5.61 3.19
CA PHE A 91 -4.14 4.81 4.39
C PHE A 91 -4.73 5.57 5.58
N PHE A 92 -5.82 5.04 6.17
CA PHE A 92 -6.57 5.63 7.28
C PHE A 92 -6.58 4.83 8.58
N PHE A 93 -5.47 4.90 9.32
CA PHE A 93 -5.27 4.23 10.59
C PHE A 93 -6.07 4.81 11.74
N LYS A 94 -7.00 4.05 12.31
CA LYS A 94 -7.78 4.42 13.49
C LYS A 94 -8.22 3.17 14.25
N ILE A 95 -7.87 3.12 15.52
CA ILE A 95 -8.13 1.99 16.41
C ILE A 95 -9.60 2.04 16.85
N GLU A 96 -10.32 0.91 16.80
CA GLU A 96 -11.74 0.88 17.20
C GLU A 96 -11.92 0.71 18.73
N LYS A 97 -10.86 0.27 19.43
CA LYS A 97 -10.78 0.22 20.90
C LYS A 97 -10.61 1.61 21.52
N ARG A 98 -11.52 1.99 22.41
CA ARG A 98 -11.49 3.22 23.23
C ARG A 98 -10.79 2.98 24.58
N ARG A 99 -9.92 3.90 24.97
CA ARG A 99 -9.19 3.97 26.25
C ARG A 99 -9.10 5.42 26.73
N SER A 1 -5.02 10.72 -15.92
CA SER A 1 -5.21 9.62 -16.89
C SER A 1 -4.39 8.39 -16.52
N HIS A 2 -4.99 7.21 -16.64
CA HIS A 2 -4.35 5.89 -16.50
C HIS A 2 -3.68 5.57 -15.14
N MET A 3 -4.22 6.07 -14.03
CA MET A 3 -3.90 5.55 -12.69
C MET A 3 -4.60 4.20 -12.42
N GLY A 4 -3.83 3.18 -11.99
CA GLY A 4 -4.32 1.87 -11.61
C GLY A 4 -4.82 1.76 -10.16
N SER A 5 -5.16 0.55 -9.73
CA SER A 5 -5.71 0.25 -8.39
C SER A 5 -5.32 -1.12 -7.84
N LEU A 6 -5.11 -1.23 -6.53
CA LEU A 6 -5.01 -2.51 -5.81
C LEU A 6 -6.35 -3.29 -5.78
N ASN A 7 -7.48 -2.59 -5.88
CA ASN A 7 -8.81 -3.17 -6.06
C ASN A 7 -9.20 -3.50 -7.53
N ASP A 8 -8.29 -3.37 -8.50
CA ASP A 8 -8.56 -3.70 -9.91
C ASP A 8 -8.98 -5.17 -10.13
N SER A 9 -10.08 -5.41 -10.85
CA SER A 9 -10.59 -6.75 -11.14
C SER A 9 -9.63 -7.67 -11.93
N ASP A 10 -8.62 -7.11 -12.59
CA ASP A 10 -7.55 -7.88 -13.24
C ASP A 10 -6.74 -8.85 -12.34
N ILE A 11 -6.73 -8.65 -11.03
CA ILE A 11 -5.73 -9.24 -10.10
C ILE A 11 -6.32 -9.75 -8.76
N LYS A 12 -5.65 -10.73 -8.15
CA LYS A 12 -5.87 -11.25 -6.79
C LYS A 12 -4.63 -11.06 -5.89
N PRO A 13 -4.77 -10.70 -4.60
CA PRO A 13 -3.66 -10.58 -3.66
C PRO A 13 -3.17 -11.95 -3.15
N LEU A 14 -1.87 -12.21 -3.28
CA LEU A 14 -1.20 -13.33 -2.63
C LEU A 14 -0.82 -13.01 -1.18
N ARG A 15 -0.16 -11.85 -0.95
CA ARG A 15 0.41 -11.44 0.36
C ARG A 15 0.35 -9.92 0.53
N MET A 16 -0.09 -9.45 1.69
CA MET A 16 -0.27 -8.03 2.02
C MET A 16 0.04 -7.71 3.51
N ASP A 17 1.07 -8.33 4.09
CA ASP A 17 1.45 -8.22 5.51
C ASP A 17 1.53 -6.77 6.02
N PRO A 18 0.62 -6.32 6.90
CA PRO A 18 0.50 -4.92 7.32
C PRO A 18 1.78 -4.35 7.98
N PRO A 19 2.07 -3.05 7.80
CA PRO A 19 3.19 -2.39 8.48
C PRO A 19 3.01 -2.37 10.00
N VAL A 20 4.11 -2.55 10.74
CA VAL A 20 4.12 -2.65 12.22
C VAL A 20 4.24 -1.32 12.98
N TYR A 21 3.47 -1.20 14.07
CA TYR A 21 3.47 -0.03 14.94
C TYR A 21 4.80 0.29 15.66
N PRO A 22 5.38 1.51 15.51
CA PRO A 22 6.58 1.89 16.24
C PRO A 22 6.28 2.08 17.74
N ARG A 23 7.23 1.66 18.59
CA ARG A 23 7.08 1.65 20.06
C ARG A 23 6.65 3.01 20.62
N MET A 24 7.30 4.10 20.17
CA MET A 24 7.01 5.47 20.63
C MET A 24 5.53 5.84 20.44
N ALA A 25 4.98 5.62 19.25
CA ALA A 25 3.58 5.96 18.95
C ALA A 25 2.60 5.12 19.78
N GLN A 26 2.83 3.81 19.87
CA GLN A 26 1.95 2.88 20.60
C GLN A 26 1.98 3.15 22.12
N ALA A 27 3.15 3.47 22.66
CA ALA A 27 3.37 3.79 24.08
C ALA A 27 2.84 5.18 24.50
N ARG A 28 3.08 6.23 23.69
CA ARG A 28 2.55 7.60 23.92
C ARG A 28 1.05 7.74 23.62
N GLY A 29 0.51 6.83 22.79
CA GLY A 29 -0.90 6.80 22.37
C GLY A 29 -1.19 7.68 21.16
N ILE A 30 -0.19 7.94 20.32
CA ILE A 30 -0.26 8.85 19.17
C ILE A 30 -0.84 8.10 17.98
N GLU A 31 -2.05 8.45 17.57
CA GLU A 31 -2.65 7.98 16.33
C GLU A 31 -2.05 8.77 15.14
N GLY A 32 -2.02 8.16 13.96
CA GLY A 32 -1.51 8.79 12.74
C GLY A 32 -2.11 8.24 11.44
N ARG A 33 -1.62 8.75 10.31
CA ARG A 33 -1.92 8.24 8.95
C ARG A 33 -0.77 8.54 7.98
N VAL A 34 -0.65 7.73 6.94
CA VAL A 34 0.40 7.85 5.89
C VAL A 34 -0.17 7.55 4.51
N LYS A 35 0.20 8.35 3.50
CA LYS A 35 -0.33 8.28 2.14
C LYS A 35 0.82 7.99 1.18
N VAL A 36 0.80 6.83 0.52
CA VAL A 36 1.88 6.33 -0.35
C VAL A 36 1.49 6.20 -1.82
N LEU A 37 2.50 6.33 -2.69
CA LEU A 37 2.43 6.26 -4.15
C LEU A 37 3.45 5.24 -4.66
N PHE A 38 3.08 4.42 -5.64
CA PHE A 38 3.88 3.32 -6.17
C PHE A 38 3.59 2.96 -7.63
N THR A 39 4.48 2.22 -8.29
CA THR A 39 4.18 1.52 -9.55
C THR A 39 3.93 0.05 -9.22
N ILE A 40 2.76 -0.48 -9.60
CA ILE A 40 2.49 -1.92 -9.66
C ILE A 40 3.21 -2.49 -10.88
N THR A 41 3.98 -3.56 -10.72
CA THR A 41 4.71 -4.23 -11.82
C THR A 41 3.94 -5.27 -12.62
N SER A 42 4.41 -5.51 -13.84
CA SER A 42 3.79 -6.43 -14.82
C SER A 42 3.95 -7.93 -14.46
N ASP A 43 4.69 -8.23 -13.40
CA ASP A 43 4.76 -9.54 -12.73
C ASP A 43 3.97 -9.68 -11.41
N GLY A 44 3.36 -8.59 -10.93
CA GLY A 44 2.60 -8.59 -9.67
C GLY A 44 3.46 -8.32 -8.43
N ARG A 45 4.43 -7.40 -8.53
CA ARG A 45 5.21 -6.83 -7.42
C ARG A 45 4.97 -5.32 -7.29
N ILE A 46 5.48 -4.72 -6.22
CA ILE A 46 5.40 -3.26 -5.96
C ILE A 46 6.80 -2.64 -6.13
N ASP A 47 6.86 -1.50 -6.82
CA ASP A 47 8.08 -0.75 -7.16
C ASP A 47 7.79 0.76 -7.05
N ASP A 48 8.82 1.60 -7.21
CA ASP A 48 8.68 3.07 -7.27
C ASP A 48 8.04 3.72 -6.01
N ILE A 49 8.22 3.07 -4.86
CA ILE A 49 7.51 3.38 -3.61
C ILE A 49 8.01 4.71 -3.03
N GLN A 50 7.09 5.63 -2.71
CA GLN A 50 7.38 6.90 -2.02
C GLN A 50 6.19 7.37 -1.15
N VAL A 51 6.45 8.26 -0.19
CA VAL A 51 5.43 8.91 0.65
C VAL A 51 5.07 10.30 0.11
N LEU A 52 3.77 10.56 -0.03
CA LEU A 52 3.21 11.87 -0.40
C LEU A 52 2.85 12.72 0.84
N GLU A 53 2.31 12.08 1.88
CA GLU A 53 1.96 12.69 3.18
C GLU A 53 2.17 11.69 4.32
N SER A 54 2.61 12.17 5.49
CA SER A 54 2.69 11.39 6.73
C SER A 54 2.44 12.26 7.96
N VAL A 55 1.68 11.70 8.90
CA VAL A 55 0.88 12.41 9.91
C VAL A 55 0.91 11.68 11.25
N PRO A 56 1.18 12.36 12.38
CA PRO A 56 1.55 13.78 12.49
C PRO A 56 2.90 14.13 11.83
N SER A 57 3.81 13.16 11.70
CA SER A 57 5.04 13.27 10.92
C SER A 57 5.49 11.87 10.45
N ARG A 58 6.71 11.76 9.90
CA ARG A 58 7.34 10.57 9.28
C ARG A 58 7.64 9.38 10.21
N MET A 59 6.89 9.23 11.30
CA MET A 59 7.10 8.24 12.37
C MET A 59 6.99 6.77 11.92
N PHE A 60 6.22 6.49 10.85
CA PHE A 60 5.90 5.13 10.39
C PHE A 60 6.59 4.81 9.04
N ASP A 61 6.95 5.84 8.25
CA ASP A 61 7.36 5.75 6.84
C ASP A 61 8.43 4.66 6.54
N ARG A 62 9.45 4.55 7.40
CA ARG A 62 10.59 3.61 7.26
C ARG A 62 10.18 2.14 7.42
N GLU A 63 9.10 1.84 8.14
CA GLU A 63 8.46 0.51 8.14
C GLU A 63 7.49 0.35 6.95
N VAL A 64 6.67 1.36 6.64
CA VAL A 64 5.66 1.31 5.56
C VAL A 64 6.33 1.03 4.20
N ARG A 65 7.45 1.68 3.88
CA ARG A 65 8.17 1.48 2.62
C ARG A 65 8.71 0.05 2.45
N GLN A 66 8.99 -0.66 3.56
CA GLN A 66 9.51 -2.02 3.57
C GLN A 66 8.36 -3.05 3.50
N ALA A 67 7.25 -2.75 4.20
CA ALA A 67 6.02 -3.53 4.15
C ALA A 67 5.46 -3.61 2.71
N MET A 68 5.30 -2.45 2.04
CA MET A 68 4.79 -2.37 0.67
C MET A 68 5.62 -3.21 -0.33
N ALA A 69 6.94 -3.22 -0.18
CA ALA A 69 7.84 -4.01 -1.04
C ALA A 69 7.65 -5.54 -0.87
N LYS A 70 7.23 -5.98 0.33
CA LYS A 70 6.99 -7.38 0.69
C LYS A 70 5.62 -7.91 0.20
N TRP A 71 4.77 -7.08 -0.40
CA TRP A 71 3.46 -7.47 -0.93
C TRP A 71 3.53 -8.15 -2.31
N ARG A 72 2.57 -9.04 -2.61
CA ARG A 72 2.54 -9.87 -3.84
C ARG A 72 1.13 -10.08 -4.42
N PHE A 73 1.04 -10.10 -5.75
CA PHE A 73 -0.19 -10.26 -6.56
C PHE A 73 -0.09 -11.25 -7.73
N GLU A 74 -1.22 -11.83 -8.17
CA GLU A 74 -1.33 -12.64 -9.40
C GLU A 74 -2.54 -12.20 -10.25
N PRO A 75 -2.53 -12.37 -11.59
CA PRO A 75 -3.71 -12.12 -12.43
C PRO A 75 -4.87 -13.05 -12.06
N ARG A 76 -6.11 -12.55 -12.15
CA ARG A 76 -7.32 -13.34 -11.96
C ARG A 76 -7.49 -14.43 -13.04
N VAL A 77 -7.23 -14.09 -14.30
CA VAL A 77 -7.39 -15.01 -15.44
C VAL A 77 -6.22 -16.00 -15.49
N SER A 78 -6.52 -17.28 -15.64
CA SER A 78 -5.54 -18.34 -15.91
C SER A 78 -4.77 -18.10 -17.21
N GLY A 79 -3.46 -17.89 -17.11
CA GLY A 79 -2.58 -17.46 -18.20
C GLY A 79 -2.74 -15.99 -18.63
N GLY A 80 -3.55 -15.21 -17.91
CA GLY A 80 -3.74 -13.77 -18.10
C GLY A 80 -2.51 -12.95 -17.71
N LYS A 81 -2.57 -11.63 -17.92
CA LYS A 81 -1.42 -10.71 -17.78
C LYS A 81 -1.77 -9.42 -17.04
N ILE A 82 -0.76 -8.91 -16.33
CA ILE A 82 -0.80 -7.63 -15.62
C ILE A 82 -0.16 -6.54 -16.47
N VAL A 83 -0.78 -5.36 -16.57
CA VAL A 83 -0.18 -4.12 -17.10
C VAL A 83 0.36 -3.27 -15.95
N ALA A 84 1.64 -2.90 -16.00
CA ALA A 84 2.28 -2.06 -14.99
C ALA A 84 1.72 -0.62 -15.00
N ARG A 85 1.47 -0.07 -13.80
CA ARG A 85 0.64 1.15 -13.61
C ARG A 85 0.97 1.85 -12.29
N GLN A 86 0.91 3.18 -12.27
CA GLN A 86 0.99 3.97 -11.03
C GLN A 86 -0.31 3.84 -10.21
N ALA A 87 -0.22 3.81 -8.88
CA ALA A 87 -1.34 3.67 -7.94
C ALA A 87 -1.01 4.20 -6.53
N THR A 88 -2.04 4.31 -5.66
CA THR A 88 -1.95 4.81 -4.27
C THR A 88 -2.57 3.94 -3.19
N LYS A 89 -2.17 4.17 -1.94
CA LYS A 89 -2.71 3.55 -0.70
C LYS A 89 -2.60 4.47 0.52
N MET A 90 -3.70 4.58 1.27
CA MET A 90 -3.76 5.13 2.63
C MET A 90 -3.49 4.07 3.69
N PHE A 91 -2.68 4.43 4.70
CA PHE A 91 -2.52 3.73 5.96
C PHE A 91 -3.13 4.44 7.17
N PHE A 92 -3.99 3.73 7.92
CA PHE A 92 -4.71 4.27 9.07
C PHE A 92 -4.20 3.78 10.43
N PHE A 93 -3.11 4.38 10.90
CA PHE A 93 -2.46 4.14 12.20
C PHE A 93 -3.24 4.51 13.47
N LYS A 94 -4.44 3.93 13.64
CA LYS A 94 -5.34 4.14 14.79
C LYS A 94 -4.86 3.46 16.08
N ILE A 95 -5.16 4.08 17.24
CA ILE A 95 -4.97 3.47 18.56
C ILE A 95 -6.31 3.01 19.12
N GLU A 96 -6.38 1.77 19.59
CA GLU A 96 -7.64 1.10 19.98
C GLU A 96 -8.08 1.47 21.40
N LYS A 97 -8.55 2.73 21.56
CA LYS A 97 -9.06 3.33 22.79
C LYS A 97 -10.03 4.47 22.48
N ARG A 98 -11.33 4.16 22.61
CA ARG A 98 -12.45 5.11 22.37
C ARG A 98 -13.67 4.88 23.26
N ARG A 99 -14.53 5.90 23.34
CA ARG A 99 -15.87 5.81 23.94
C ARG A 99 -16.79 4.87 23.16
N SER A 1 -0.40 5.24 -19.54
CA SER A 1 -1.00 4.01 -18.99
C SER A 1 -1.70 4.29 -17.67
N HIS A 2 -2.96 3.87 -17.52
CA HIS A 2 -3.77 4.19 -16.33
C HIS A 2 -3.29 3.46 -15.06
N MET A 3 -3.58 4.05 -13.91
CA MET A 3 -3.28 3.56 -12.56
C MET A 3 -3.89 2.18 -12.32
N GLY A 4 -3.13 1.26 -11.72
CA GLY A 4 -3.60 -0.08 -11.35
C GLY A 4 -4.09 -0.21 -9.90
N SER A 5 -4.22 -1.46 -9.47
CA SER A 5 -4.74 -1.83 -8.15
C SER A 5 -4.40 -3.27 -7.77
N LEU A 6 -4.31 -3.58 -6.47
CA LEU A 6 -4.31 -4.97 -6.00
C LEU A 6 -5.64 -5.67 -6.37
N ASN A 7 -6.76 -4.94 -6.31
CA ASN A 7 -8.10 -5.38 -6.73
C ASN A 7 -8.37 -5.21 -8.25
N ASP A 8 -7.33 -5.15 -9.09
CA ASP A 8 -7.46 -5.05 -10.55
C ASP A 8 -7.95 -6.38 -11.19
N SER A 9 -8.85 -6.30 -12.16
CA SER A 9 -9.47 -7.42 -12.87
C SER A 9 -8.51 -8.28 -13.70
N ASP A 10 -7.27 -7.84 -13.90
CA ASP A 10 -6.16 -8.62 -14.48
C ASP A 10 -5.49 -9.68 -13.58
N ILE A 11 -5.62 -9.59 -12.25
CA ILE A 11 -4.78 -10.34 -11.29
C ILE A 11 -5.56 -10.89 -10.08
N LYS A 12 -5.01 -11.90 -9.40
CA LYS A 12 -5.50 -12.49 -8.14
C LYS A 12 -4.37 -12.83 -7.15
N PRO A 13 -4.62 -12.81 -5.82
CA PRO A 13 -3.57 -12.98 -4.81
C PRO A 13 -3.13 -14.44 -4.58
N LEU A 14 -1.89 -14.62 -4.13
CA LEU A 14 -1.33 -15.88 -3.61
C LEU A 14 -0.84 -15.74 -2.16
N ARG A 15 -0.11 -14.65 -1.89
CA ARG A 15 0.45 -14.27 -0.58
C ARG A 15 0.09 -12.82 -0.23
N MET A 16 -0.55 -12.61 0.93
CA MET A 16 -1.02 -11.30 1.42
C MET A 16 -0.99 -11.16 2.97
N ASP A 17 -0.17 -11.93 3.69
CA ASP A 17 -0.03 -11.90 5.14
C ASP A 17 0.18 -10.46 5.71
N PRO A 18 -0.78 -9.93 6.50
CA PRO A 18 -0.72 -8.56 7.02
C PRO A 18 0.49 -8.30 7.93
N PRO A 19 1.01 -7.05 7.99
CA PRO A 19 2.20 -6.70 8.77
C PRO A 19 2.04 -6.94 10.28
N VAL A 20 3.16 -7.24 10.93
CA VAL A 20 3.29 -7.27 12.39
C VAL A 20 3.42 -5.87 12.98
N TYR A 21 3.17 -5.71 14.29
CA TYR A 21 3.39 -4.46 15.00
C TYR A 21 4.85 -4.20 15.43
N PRO A 22 5.36 -2.95 15.41
CA PRO A 22 6.59 -2.59 16.11
C PRO A 22 6.39 -2.71 17.63
N ARG A 23 7.26 -3.47 18.29
CA ARG A 23 7.04 -4.06 19.63
C ARG A 23 6.89 -3.01 20.73
N MET A 24 7.87 -2.11 20.88
CA MET A 24 7.85 -1.09 21.92
C MET A 24 6.64 -0.14 21.79
N ALA A 25 6.22 0.17 20.55
CA ALA A 25 5.08 1.06 20.30
C ALA A 25 3.74 0.39 20.65
N GLN A 26 3.55 -0.91 20.37
CA GLN A 26 2.32 -1.61 20.77
C GLN A 26 2.24 -1.79 22.29
N ALA A 27 3.37 -2.06 22.94
CA ALA A 27 3.48 -2.18 24.40
C ALA A 27 3.20 -0.84 25.12
N ARG A 28 3.87 0.25 24.70
CA ARG A 28 3.64 1.62 25.21
C ARG A 28 2.38 2.29 24.65
N GLY A 29 1.66 1.60 23.76
CA GLY A 29 0.26 1.84 23.44
C GLY A 29 0.01 2.98 22.46
N ILE A 30 0.87 3.10 21.44
CA ILE A 30 0.85 4.14 20.40
C ILE A 30 0.21 3.58 19.12
N GLU A 31 -0.86 4.22 18.65
CA GLU A 31 -1.46 3.93 17.33
C GLU A 31 -0.80 4.77 16.22
N GLY A 32 -0.78 4.23 15.01
CA GLY A 32 -0.21 4.88 13.82
C GLY A 32 -0.95 4.58 12.51
N ARG A 33 -0.57 5.26 11.43
CA ARG A 33 -1.10 5.07 10.07
C ARG A 33 -0.05 5.36 9.00
N VAL A 34 -0.12 4.67 7.86
CA VAL A 34 0.89 4.74 6.78
C VAL A 34 0.26 4.66 5.40
N LYS A 35 0.48 5.69 4.57
CA LYS A 35 0.01 5.77 3.17
C LYS A 35 1.17 5.38 2.24
N VAL A 36 0.98 4.37 1.38
CA VAL A 36 2.07 3.74 0.60
C VAL A 36 1.74 3.53 -0.89
N LEU A 37 2.75 3.64 -1.74
CA LEU A 37 2.69 3.54 -3.21
C LEU A 37 3.74 2.51 -3.71
N PHE A 38 3.43 1.78 -4.77
CA PHE A 38 4.25 0.72 -5.34
C PHE A 38 4.05 0.42 -6.83
N THR A 39 4.95 -0.36 -7.43
CA THR A 39 4.75 -1.03 -8.72
C THR A 39 4.42 -2.51 -8.49
N ILE A 40 3.29 -2.99 -9.01
CA ILE A 40 2.98 -4.42 -9.17
C ILE A 40 3.69 -4.92 -10.43
N THR A 41 4.50 -5.97 -10.32
CA THR A 41 5.34 -6.50 -11.42
C THR A 41 4.73 -7.54 -12.34
N SER A 42 5.37 -7.72 -13.50
CA SER A 42 5.03 -8.77 -14.48
C SER A 42 5.20 -10.20 -13.94
N ASP A 43 6.03 -10.38 -12.91
CA ASP A 43 6.16 -11.60 -12.09
C ASP A 43 5.18 -11.74 -10.92
N GLY A 44 4.29 -10.76 -10.72
CA GLY A 44 3.36 -10.71 -9.59
C GLY A 44 3.99 -10.32 -8.25
N ARG A 45 5.18 -9.69 -8.25
CA ARG A 45 5.80 -9.11 -7.04
C ARG A 45 5.26 -7.70 -6.74
N ILE A 46 5.50 -7.23 -5.52
CA ILE A 46 5.43 -5.81 -5.16
C ILE A 46 6.85 -5.24 -5.13
N ASP A 47 7.09 -4.19 -5.90
CA ASP A 47 8.41 -3.61 -6.18
C ASP A 47 8.31 -2.07 -6.21
N ASP A 48 9.46 -1.37 -6.19
CA ASP A 48 9.52 0.09 -6.25
C ASP A 48 8.74 0.83 -5.13
N ILE A 49 8.64 0.18 -3.96
CA ILE A 49 7.81 0.60 -2.81
C ILE A 49 8.29 1.94 -2.23
N GLN A 50 7.37 2.87 -1.97
CA GLN A 50 7.65 4.16 -1.34
C GLN A 50 6.49 4.66 -0.46
N VAL A 51 6.82 5.32 0.64
CA VAL A 51 5.86 6.01 1.52
C VAL A 51 5.43 7.39 1.01
N LEU A 52 4.17 7.75 1.26
CA LEU A 52 3.59 9.06 0.96
C LEU A 52 3.32 9.86 2.26
N GLU A 53 2.80 9.20 3.30
CA GLU A 53 2.61 9.77 4.64
C GLU A 53 2.86 8.69 5.72
N SER A 54 3.48 9.07 6.83
CA SER A 54 4.03 8.15 7.84
C SER A 54 3.81 8.69 9.25
N VAL A 55 2.94 8.04 10.03
CA VAL A 55 2.42 8.55 11.30
C VAL A 55 2.54 7.52 12.43
N PRO A 56 3.14 7.85 13.59
CA PRO A 56 3.78 9.12 13.94
C PRO A 56 5.13 9.38 13.24
N SER A 57 5.72 8.37 12.62
CA SER A 57 7.04 8.41 11.97
C SER A 57 7.27 7.23 11.02
N ARG A 58 8.45 7.19 10.38
CA ARG A 58 8.89 6.11 9.47
C ARG A 58 9.15 4.76 10.18
N MET A 59 9.05 4.69 11.51
CA MET A 59 9.15 3.44 12.28
C MET A 59 8.13 2.37 11.83
N PHE A 60 6.90 2.78 11.53
CA PHE A 60 5.86 1.90 10.99
C PHE A 60 6.03 1.48 9.52
N ASP A 61 6.63 2.35 8.70
CA ASP A 61 6.93 2.10 7.30
C ASP A 61 7.81 0.86 7.03
N ARG A 62 8.82 0.65 7.89
CA ARG A 62 9.69 -0.54 7.88
C ARG A 62 8.91 -1.86 7.94
N GLU A 63 7.85 -1.92 8.73
CA GLU A 63 7.05 -3.14 8.91
C GLU A 63 6.05 -3.35 7.75
N VAL A 64 5.55 -2.27 7.14
CA VAL A 64 4.70 -2.33 5.94
C VAL A 64 5.49 -2.84 4.75
N ARG A 65 6.64 -2.23 4.42
CA ARG A 65 7.40 -2.60 3.21
C ARG A 65 7.99 -4.02 3.30
N GLN A 66 8.36 -4.49 4.49
CA GLN A 66 8.88 -5.84 4.68
C GLN A 66 7.78 -6.89 4.49
N ALA A 67 6.57 -6.60 4.99
CA ALA A 67 5.38 -7.42 4.75
C ALA A 67 5.02 -7.46 3.25
N MET A 68 4.94 -6.31 2.57
CA MET A 68 4.67 -6.26 1.13
C MET A 68 5.74 -6.97 0.27
N ALA A 69 6.99 -7.03 0.73
CA ALA A 69 8.03 -7.86 0.10
C ALA A 69 7.76 -9.38 0.20
N LYS A 70 6.99 -9.86 1.20
CA LYS A 70 6.52 -11.26 1.28
C LYS A 70 5.33 -11.55 0.35
N TRP A 71 4.57 -10.52 -0.04
CA TRP A 71 3.35 -10.67 -0.85
C TRP A 71 3.63 -11.11 -2.29
N ARG A 72 2.66 -11.80 -2.91
CA ARG A 72 2.78 -12.35 -4.28
C ARG A 72 1.41 -12.55 -4.95
N PHE A 73 1.36 -12.33 -6.26
CA PHE A 73 0.19 -12.44 -7.14
C PHE A 73 0.31 -13.44 -8.32
N GLU A 74 -0.83 -13.75 -8.95
CA GLU A 74 -0.99 -14.50 -10.19
C GLU A 74 -1.94 -13.77 -11.17
N PRO A 75 -1.96 -14.08 -12.48
CA PRO A 75 -2.99 -13.56 -13.38
C PRO A 75 -4.39 -14.09 -13.02
N ARG A 76 -5.42 -13.32 -13.39
CA ARG A 76 -6.85 -13.70 -13.33
C ARG A 76 -7.22 -14.77 -14.37
N VAL A 77 -6.57 -14.75 -15.54
CA VAL A 77 -6.71 -15.75 -16.61
C VAL A 77 -5.72 -16.90 -16.37
N SER A 78 -6.19 -18.15 -16.52
CA SER A 78 -5.40 -19.37 -16.33
C SER A 78 -4.35 -19.51 -17.45
N GLY A 79 -3.07 -19.47 -17.08
CA GLY A 79 -1.95 -19.33 -18.01
C GLY A 79 -1.74 -17.92 -18.57
N GLY A 80 -2.40 -16.91 -18.01
CA GLY A 80 -2.41 -15.52 -18.53
C GLY A 80 -1.15 -14.70 -18.31
N LYS A 81 -1.17 -13.46 -18.83
CA LYS A 81 -0.12 -12.43 -18.69
C LYS A 81 -0.49 -11.41 -17.59
N ILE A 82 0.51 -10.92 -16.86
CA ILE A 82 0.39 -9.76 -15.97
C ILE A 82 1.04 -8.54 -16.63
N VAL A 83 0.26 -7.48 -16.86
CA VAL A 83 0.77 -6.13 -17.18
C VAL A 83 1.16 -5.46 -15.85
N ALA A 84 2.39 -4.93 -15.77
CA ALA A 84 2.86 -4.21 -14.59
C ALA A 84 2.18 -2.83 -14.46
N ARG A 85 1.78 -2.44 -13.23
CA ARG A 85 1.02 -1.21 -12.94
C ARG A 85 1.42 -0.57 -11.61
N GLN A 86 1.24 0.75 -11.48
CA GLN A 86 1.36 1.45 -10.20
C GLN A 86 0.10 1.20 -9.33
N ALA A 87 0.25 1.14 -8.01
CA ALA A 87 -0.84 0.92 -7.05
C ALA A 87 -0.54 1.47 -5.65
N THR A 88 -1.57 1.66 -4.82
CA THR A 88 -1.48 2.17 -3.43
C THR A 88 -2.13 1.28 -2.37
N LYS A 89 -1.82 1.58 -1.10
CA LYS A 89 -2.51 1.07 0.11
C LYS A 89 -2.53 2.12 1.23
N MET A 90 -3.61 2.14 2.02
CA MET A 90 -3.72 2.90 3.29
C MET A 90 -3.70 1.93 4.49
N PHE A 91 -2.62 1.95 5.28
CA PHE A 91 -2.44 1.13 6.49
C PHE A 91 -2.88 1.76 7.81
N PHE A 92 -3.54 0.97 8.68
CA PHE A 92 -4.11 1.41 9.96
C PHE A 92 -3.65 0.62 11.20
N PHE A 93 -2.48 0.98 11.73
CA PHE A 93 -1.89 0.42 12.96
C PHE A 93 -2.57 0.81 14.29
N LYS A 94 -3.88 0.60 14.38
CA LYS A 94 -4.68 0.89 15.59
C LYS A 94 -4.69 -0.30 16.55
N ILE A 95 -4.62 -0.05 17.85
CA ILE A 95 -4.73 -1.08 18.89
C ILE A 95 -6.21 -1.28 19.22
N GLU A 96 -6.68 -2.53 19.39
CA GLU A 96 -8.10 -2.88 19.45
C GLU A 96 -8.77 -2.62 20.82
N LYS A 97 -8.27 -1.63 21.57
CA LYS A 97 -8.76 -1.17 22.90
C LYS A 97 -10.13 -0.45 22.87
N ARG A 98 -10.97 -0.76 21.89
CA ARG A 98 -12.14 0.03 21.48
C ARG A 98 -13.17 0.19 22.62
N ARG A 99 -13.66 1.42 22.79
CA ARG A 99 -14.85 1.79 23.59
C ARG A 99 -16.13 1.34 22.92
N SER A 1 0.94 13.19 -13.87
CA SER A 1 1.38 11.90 -13.29
C SER A 1 0.89 10.75 -14.15
N HIS A 2 1.67 9.66 -14.20
CA HIS A 2 1.41 8.47 -15.01
C HIS A 2 1.38 7.16 -14.18
N MET A 3 1.51 7.27 -12.86
CA MET A 3 1.45 6.15 -11.92
C MET A 3 0.12 5.37 -11.98
N GLY A 4 0.20 4.07 -11.70
CA GLY A 4 -0.94 3.16 -11.60
C GLY A 4 -1.60 3.19 -10.22
N SER A 5 -2.37 2.15 -9.90
CA SER A 5 -3.12 2.05 -8.66
C SER A 5 -3.50 0.60 -8.33
N LEU A 6 -3.78 0.32 -7.05
CA LEU A 6 -4.44 -0.91 -6.60
C LEU A 6 -5.93 -0.96 -7.00
N ASN A 7 -6.53 0.21 -7.30
CA ASN A 7 -7.93 0.37 -7.68
C ASN A 7 -8.22 0.07 -9.18
N ASP A 8 -7.19 -0.15 -10.00
CA ASP A 8 -7.32 -0.45 -11.44
C ASP A 8 -8.11 -1.74 -11.72
N SER A 9 -9.12 -1.65 -12.58
CA SER A 9 -10.07 -2.73 -12.87
C SER A 9 -9.48 -3.91 -13.66
N ASP A 10 -8.26 -3.79 -14.19
CA ASP A 10 -7.52 -4.89 -14.83
C ASP A 10 -6.87 -5.95 -13.91
N ILE A 11 -6.98 -5.75 -12.58
CA ILE A 11 -6.46 -6.64 -11.53
C ILE A 11 -7.48 -6.83 -10.39
N LYS A 12 -7.24 -7.83 -9.54
CA LYS A 12 -7.98 -8.10 -8.29
C LYS A 12 -7.04 -8.72 -7.22
N PRO A 13 -7.31 -8.61 -5.91
CA PRO A 13 -6.42 -9.11 -4.86
C PRO A 13 -6.58 -10.61 -4.57
N LEU A 14 -5.46 -11.31 -4.31
CA LEU A 14 -5.44 -12.60 -3.62
C LEU A 14 -5.34 -12.42 -2.10
N ARG A 15 -4.44 -11.52 -1.63
CA ARG A 15 -4.14 -11.28 -0.22
C ARG A 15 -3.80 -9.80 0.02
N MET A 16 -4.50 -9.18 0.95
CA MET A 16 -4.29 -7.79 1.41
C MET A 16 -4.34 -7.65 2.94
N ASP A 17 -3.87 -8.70 3.65
CA ASP A 17 -3.81 -8.80 5.12
C ASP A 17 -3.41 -7.51 5.86
N PRO A 18 -4.33 -6.83 6.57
CA PRO A 18 -4.02 -5.58 7.25
C PRO A 18 -2.98 -5.75 8.38
N PRO A 19 -2.12 -4.75 8.60
CA PRO A 19 -1.18 -4.71 9.73
C PRO A 19 -1.92 -4.76 11.08
N VAL A 20 -1.38 -5.50 12.03
CA VAL A 20 -1.85 -5.52 13.43
C VAL A 20 -1.72 -4.16 14.13
N TYR A 21 -2.52 -3.88 15.17
CA TYR A 21 -2.26 -2.75 16.06
C TYR A 21 -0.92 -2.82 16.83
N PRO A 22 -0.10 -1.75 16.89
CA PRO A 22 1.06 -1.70 17.77
C PRO A 22 0.62 -1.79 19.24
N ARG A 23 1.28 -2.64 20.01
CA ARG A 23 0.84 -3.05 21.35
C ARG A 23 0.71 -1.87 22.32
N MET A 24 1.74 -1.02 22.38
CA MET A 24 1.74 0.21 23.17
C MET A 24 0.69 1.22 22.69
N ALA A 25 0.58 1.43 21.37
CA ALA A 25 -0.35 2.41 20.79
C ALA A 25 -1.81 2.08 21.15
N GLN A 26 -2.18 0.80 21.15
CA GLN A 26 -3.52 0.38 21.59
C GLN A 26 -3.70 0.50 23.11
N ALA A 27 -2.70 0.06 23.89
CA ALA A 27 -2.74 0.12 25.36
C ALA A 27 -2.89 1.56 25.89
N ARG A 28 -2.09 2.49 25.34
CA ARG A 28 -2.09 3.93 25.65
C ARG A 28 -3.24 4.70 24.97
N GLY A 29 -3.84 4.13 23.93
CA GLY A 29 -5.00 4.69 23.21
C GLY A 29 -4.61 5.86 22.30
N ILE A 30 -3.74 5.58 21.32
CA ILE A 30 -3.21 6.55 20.36
C ILE A 30 -3.82 6.31 18.98
N GLU A 31 -4.34 7.36 18.36
CA GLU A 31 -4.80 7.38 16.97
C GLU A 31 -3.72 7.96 16.04
N GLY A 32 -3.73 7.59 14.76
CA GLY A 32 -2.74 8.04 13.78
C GLY A 32 -3.05 7.61 12.35
N ARG A 33 -2.23 8.03 11.38
CA ARG A 33 -2.32 7.57 9.99
C ARG A 33 -0.96 7.60 9.29
N VAL A 34 -0.82 6.84 8.21
CA VAL A 34 0.41 6.71 7.42
C VAL A 34 0.13 6.73 5.93
N LYS A 35 0.95 7.44 5.16
CA LYS A 35 0.89 7.59 3.69
C LYS A 35 2.14 6.93 3.11
N VAL A 36 1.99 5.92 2.26
CA VAL A 36 3.10 5.13 1.67
C VAL A 36 3.06 5.05 0.15
N LEU A 37 4.23 4.88 -0.47
CA LEU A 37 4.47 4.79 -1.91
C LEU A 37 5.29 3.54 -2.22
N PHE A 38 4.94 2.85 -3.30
CA PHE A 38 5.49 1.55 -3.70
C PHE A 38 5.47 1.30 -5.20
N THR A 39 6.19 0.28 -5.65
CA THR A 39 6.03 -0.31 -6.98
C THR A 39 5.26 -1.62 -6.88
N ILE A 40 4.17 -1.74 -7.66
CA ILE A 40 3.43 -2.97 -7.90
C ILE A 40 4.20 -3.74 -8.98
N THR A 41 4.60 -4.98 -8.69
CA THR A 41 5.33 -5.86 -9.62
C THR A 41 4.48 -6.62 -10.63
N SER A 42 5.13 -7.10 -11.69
CA SER A 42 4.50 -7.90 -12.76
C SER A 42 4.18 -9.33 -12.31
N ASP A 43 4.87 -9.81 -11.27
CA ASP A 43 4.45 -10.98 -10.48
C ASP A 43 3.33 -10.72 -9.45
N GLY A 44 2.88 -9.47 -9.32
CA GLY A 44 1.76 -9.07 -8.45
C GLY A 44 2.13 -8.84 -6.99
N ARG A 45 3.42 -8.73 -6.66
CA ARG A 45 3.92 -8.35 -5.32
C ARG A 45 4.02 -6.83 -5.17
N ILE A 46 4.26 -6.40 -3.93
CA ILE A 46 4.59 -5.01 -3.57
C ILE A 46 6.08 -4.92 -3.23
N ASP A 47 6.78 -3.95 -3.81
CA ASP A 47 8.24 -3.79 -3.69
C ASP A 47 8.55 -2.28 -3.68
N ASP A 48 9.81 -1.93 -3.41
CA ASP A 48 10.29 -0.54 -3.46
C ASP A 48 9.54 0.46 -2.54
N ILE A 49 9.12 -0.06 -1.38
CA ILE A 49 8.21 0.56 -0.39
C ILE A 49 8.93 1.68 0.37
N GLN A 50 8.30 2.85 0.48
CA GLN A 50 8.79 4.01 1.23
C GLN A 50 7.67 4.91 1.76
N VAL A 51 7.95 5.65 2.84
CA VAL A 51 7.01 6.55 3.52
C VAL A 51 6.99 7.99 2.99
N LEU A 52 5.80 8.62 2.99
CA LEU A 52 5.57 10.01 2.58
C LEU A 52 5.03 10.91 3.71
N GLU A 53 4.31 10.33 4.68
CA GLU A 53 3.88 10.96 5.94
C GLU A 53 3.54 9.86 6.96
N SER A 54 3.92 10.03 8.24
CA SER A 54 3.70 9.03 9.30
C SER A 54 3.47 9.67 10.67
N VAL A 55 2.25 9.50 11.19
CA VAL A 55 1.69 10.34 12.25
C VAL A 55 1.06 9.46 13.34
N PRO A 56 1.35 9.69 14.64
CA PRO A 56 2.23 10.74 15.18
C PRO A 56 3.73 10.51 14.91
N SER A 57 4.12 9.26 14.60
CA SER A 57 5.49 8.83 14.28
C SER A 57 5.47 7.58 13.39
N ARG A 58 6.64 7.07 13.03
CA ARG A 58 6.78 5.82 12.27
C ARG A 58 6.42 4.53 13.04
N MET A 59 5.92 4.63 14.28
CA MET A 59 5.36 3.53 15.08
C MET A 59 4.41 2.62 14.27
N PHE A 60 3.51 3.25 13.50
CA PHE A 60 2.59 2.55 12.59
C PHE A 60 3.25 2.06 11.28
N ASP A 61 4.16 2.86 10.72
CA ASP A 61 4.93 2.54 9.51
C ASP A 61 5.70 1.21 9.54
N ARG A 62 6.40 0.92 10.66
CA ARG A 62 7.14 -0.35 10.83
C ARG A 62 6.26 -1.61 10.72
N GLU A 63 5.00 -1.53 11.11
CA GLU A 63 4.06 -2.65 10.96
C GLU A 63 3.45 -2.69 9.54
N VAL A 64 3.14 -1.52 8.95
CA VAL A 64 2.59 -1.38 7.59
C VAL A 64 3.59 -1.93 6.55
N ARG A 65 4.84 -1.46 6.56
CA ARG A 65 5.86 -1.86 5.56
C ARG A 65 6.24 -3.33 5.66
N GLN A 66 6.06 -3.95 6.83
CA GLN A 66 6.21 -5.39 6.99
C GLN A 66 5.00 -6.18 6.48
N ALA A 67 3.76 -5.74 6.73
CA ALA A 67 2.56 -6.44 6.27
C ALA A 67 2.39 -6.39 4.74
N MET A 68 2.59 -5.22 4.13
CA MET A 68 2.47 -5.05 2.67
C MET A 68 3.44 -5.92 1.86
N ALA A 69 4.59 -6.29 2.44
CA ALA A 69 5.54 -7.22 1.82
C ALA A 69 5.00 -8.65 1.64
N LYS A 70 3.89 -9.01 2.30
CA LYS A 70 3.14 -10.27 2.09
C LYS A 70 1.94 -10.15 1.14
N TRP A 71 1.54 -8.94 0.75
CA TRP A 71 0.40 -8.72 -0.13
C TRP A 71 0.62 -9.23 -1.57
N ARG A 72 -0.44 -9.72 -2.22
CA ARG A 72 -0.42 -10.27 -3.58
C ARG A 72 -1.69 -9.93 -4.37
N PHE A 73 -1.49 -9.42 -5.59
CA PHE A 73 -2.48 -9.28 -6.65
C PHE A 73 -2.45 -10.36 -7.76
N GLU A 74 -3.54 -10.46 -8.50
CA GLU A 74 -3.75 -11.35 -9.64
C GLU A 74 -4.46 -10.58 -10.79
N PRO A 75 -4.37 -11.05 -12.05
CA PRO A 75 -5.20 -10.52 -13.13
C PRO A 75 -6.70 -10.68 -12.85
N ARG A 76 -7.50 -9.74 -13.37
CA ARG A 76 -8.98 -9.72 -13.26
C ARG A 76 -9.64 -10.99 -13.83
N VAL A 77 -9.02 -11.61 -14.83
CA VAL A 77 -9.37 -12.94 -15.38
C VAL A 77 -8.15 -13.86 -15.33
N SER A 78 -8.33 -15.14 -15.00
CA SER A 78 -7.23 -16.11 -14.78
C SER A 78 -6.38 -16.48 -16.01
N GLY A 79 -6.77 -15.99 -17.20
CA GLY A 79 -5.97 -16.03 -18.43
C GLY A 79 -5.10 -14.78 -18.69
N GLY A 80 -5.20 -13.74 -17.85
CA GLY A 80 -4.49 -12.47 -18.01
C GLY A 80 -3.08 -12.45 -17.41
N LYS A 81 -2.52 -11.23 -17.30
CA LYS A 81 -1.22 -10.89 -16.67
C LYS A 81 -1.28 -9.57 -15.88
N ILE A 82 -0.18 -9.19 -15.24
CA ILE A 82 0.00 -7.90 -14.53
C ILE A 82 1.19 -7.14 -15.14
N VAL A 83 1.01 -5.85 -15.40
CA VAL A 83 2.09 -4.90 -15.73
C VAL A 83 2.57 -4.10 -14.51
N ALA A 84 3.88 -3.95 -14.36
CA ALA A 84 4.49 -3.26 -13.23
C ALA A 84 4.29 -1.74 -13.28
N ARG A 85 3.83 -1.13 -12.16
CA ARG A 85 3.49 0.30 -12.03
C ARG A 85 3.89 0.87 -10.68
N GLN A 86 4.01 2.19 -10.61
CA GLN A 86 4.10 2.94 -9.35
C GLN A 86 2.69 3.15 -8.75
N ALA A 87 2.54 3.27 -7.43
CA ALA A 87 1.26 3.56 -6.74
C ALA A 87 1.44 4.05 -5.28
N THR A 88 0.42 4.70 -4.70
CA THR A 88 0.29 4.99 -3.24
C THR A 88 -0.81 4.23 -2.49
N LYS A 89 -0.79 4.29 -1.15
CA LYS A 89 -1.84 3.83 -0.23
C LYS A 89 -1.81 4.60 1.10
N MET A 90 -2.97 4.82 1.72
CA MET A 90 -3.11 5.26 3.11
C MET A 90 -3.47 4.14 4.10
N PHE A 91 -3.08 4.35 5.36
CA PHE A 91 -3.48 3.58 6.54
C PHE A 91 -4.07 4.40 7.68
N PHE A 92 -5.31 4.12 8.13
CA PHE A 92 -6.05 4.89 9.14
C PHE A 92 -6.33 4.21 10.49
N PHE A 93 -5.32 4.14 11.35
CA PHE A 93 -5.42 3.63 12.73
C PHE A 93 -6.24 4.49 13.71
N LYS A 94 -7.41 3.99 14.16
CA LYS A 94 -8.26 4.64 15.19
C LYS A 94 -8.77 3.67 16.25
N ILE A 95 -8.75 4.11 17.51
CA ILE A 95 -9.18 3.32 18.67
C ILE A 95 -10.71 3.23 18.75
N GLU A 96 -11.25 2.06 19.04
CA GLU A 96 -12.70 1.77 19.09
C GLU A 96 -13.33 2.08 20.46
N LYS A 97 -12.98 3.23 21.04
CA LYS A 97 -13.21 3.55 22.47
C LYS A 97 -14.66 3.86 22.89
N ARG A 98 -15.57 4.02 21.93
CA ARG A 98 -16.95 4.55 22.10
C ARG A 98 -17.76 3.79 23.16
N ARG A 99 -18.11 4.46 24.26
CA ARG A 99 -18.75 3.87 25.46
C ARG A 99 -20.20 3.43 25.30
N SER A 1 4.45 4.74 -21.27
CA SER A 1 3.27 4.01 -20.77
C SER A 1 2.67 4.76 -19.58
N HIS A 2 1.39 4.55 -19.30
CA HIS A 2 0.69 5.16 -18.17
C HIS A 2 0.77 4.30 -16.88
N MET A 3 0.33 4.84 -15.74
CA MET A 3 0.17 4.09 -14.49
C MET A 3 -0.74 2.87 -14.64
N GLY A 4 -0.36 1.75 -14.02
CA GLY A 4 -1.23 0.60 -13.75
C GLY A 4 -1.93 0.70 -12.40
N SER A 5 -2.39 -0.44 -11.86
CA SER A 5 -3.02 -0.53 -10.54
C SER A 5 -2.92 -1.94 -9.96
N LEU A 6 -2.87 -2.08 -8.63
CA LEU A 6 -3.10 -3.38 -7.97
C LEU A 6 -4.52 -3.92 -8.24
N ASN A 7 -5.48 -3.03 -8.47
CA ASN A 7 -6.84 -3.37 -8.89
C ASN A 7 -6.99 -3.67 -10.40
N ASP A 8 -5.91 -3.72 -11.19
CA ASP A 8 -5.97 -4.20 -12.58
C ASP A 8 -6.55 -5.61 -12.79
N SER A 9 -7.28 -5.81 -13.90
CA SER A 9 -7.93 -7.08 -14.24
C SER A 9 -6.94 -8.20 -14.58
N ASP A 10 -5.73 -7.86 -15.04
CA ASP A 10 -4.64 -8.80 -15.36
C ASP A 10 -4.20 -9.79 -14.26
N ILE A 11 -4.44 -9.46 -12.99
CA ILE A 11 -3.76 -10.06 -11.82
C ILE A 11 -4.70 -10.30 -10.63
N LYS A 12 -4.29 -11.23 -9.76
CA LYS A 12 -4.94 -11.63 -8.49
C LYS A 12 -3.89 -11.66 -7.36
N PRO A 13 -4.22 -11.27 -6.11
CA PRO A 13 -3.28 -11.34 -5.00
C PRO A 13 -3.03 -12.78 -4.52
N LEU A 14 -1.83 -13.03 -4.01
CA LEU A 14 -1.43 -14.20 -3.22
C LEU A 14 -1.24 -13.83 -1.74
N ARG A 15 -0.53 -12.72 -1.47
CA ARG A 15 -0.15 -12.21 -0.15
C ARG A 15 -0.05 -10.68 -0.12
N MET A 16 -0.58 -10.04 0.93
CA MET A 16 -0.69 -8.59 1.11
C MET A 16 -0.55 -8.16 2.59
N ASP A 17 0.27 -8.88 3.36
CA ASP A 17 0.41 -8.74 4.81
C ASP A 17 0.65 -7.28 5.29
N PRO A 18 -0.24 -6.73 6.14
CA PRO A 18 -0.15 -5.37 6.66
C PRO A 18 1.14 -5.10 7.50
N PRO A 19 1.64 -3.86 7.54
CA PRO A 19 2.83 -3.48 8.31
C PRO A 19 2.62 -3.51 9.84
N VAL A 20 3.73 -3.54 10.58
CA VAL A 20 3.75 -3.42 12.04
C VAL A 20 3.28 -2.03 12.48
N TYR A 21 2.28 -1.97 13.37
CA TYR A 21 1.90 -0.72 14.05
C TYR A 21 3.06 -0.49 15.05
N PRO A 22 3.76 0.66 15.00
CA PRO A 22 4.90 0.91 15.88
C PRO A 22 4.54 0.80 17.36
N ARG A 23 5.32 0.07 18.16
CA ARG A 23 5.01 -0.25 19.57
C ARG A 23 4.75 0.99 20.44
N MET A 24 5.56 2.04 20.29
CA MET A 24 5.32 3.31 21.01
C MET A 24 4.04 4.01 20.52
N ALA A 25 3.80 4.08 19.21
CA ALA A 25 2.59 4.67 18.65
C ALA A 25 1.31 3.95 19.13
N GLN A 26 1.31 2.61 19.20
CA GLN A 26 0.17 1.83 19.67
C GLN A 26 -0.05 1.98 21.19
N ALA A 27 1.04 2.03 21.96
CA ALA A 27 1.02 2.22 23.41
C ALA A 27 0.57 3.63 23.83
N ARG A 28 1.07 4.68 23.16
CA ARG A 28 0.75 6.10 23.43
C ARG A 28 -0.57 6.56 22.80
N GLY A 29 -1.03 5.89 21.74
CA GLY A 29 -2.31 6.12 21.07
C GLY A 29 -2.25 7.06 19.86
N ILE A 30 -1.20 6.98 19.03
CA ILE A 30 -0.99 7.77 17.82
C ILE A 30 -1.72 7.13 16.64
N GLU A 31 -2.27 7.95 15.75
CA GLU A 31 -2.73 7.53 14.42
C GLU A 31 -2.20 8.44 13.29
N GLY A 32 -2.06 7.88 12.08
CA GLY A 32 -1.32 8.48 10.97
C GLY A 32 -1.55 7.83 9.61
N ARG A 33 -1.01 8.45 8.56
CA ARG A 33 -1.25 8.09 7.14
C ARG A 33 0.01 8.27 6.28
N VAL A 34 0.17 7.44 5.27
CA VAL A 34 1.32 7.48 4.35
C VAL A 34 0.86 7.19 2.91
N LYS A 35 1.23 8.05 1.97
CA LYS A 35 0.93 7.93 0.54
C LYS A 35 2.19 7.49 -0.22
N VAL A 36 2.12 6.39 -0.96
CA VAL A 36 3.29 5.68 -1.50
C VAL A 36 3.10 5.22 -2.95
N LEU A 37 4.18 5.19 -3.73
CA LEU A 37 4.25 4.84 -5.15
C LEU A 37 5.32 3.75 -5.37
N PHE A 38 5.06 2.83 -6.29
CA PHE A 38 5.89 1.64 -6.57
C PHE A 38 5.81 1.10 -8.01
N THR A 39 6.73 0.23 -8.40
CA THR A 39 6.60 -0.63 -9.59
C THR A 39 6.02 -1.98 -9.17
N ILE A 40 4.99 -2.46 -9.87
CA ILE A 40 4.54 -3.86 -9.85
C ILE A 40 5.35 -4.63 -10.90
N THR A 41 6.03 -5.71 -10.51
CA THR A 41 6.90 -6.53 -11.38
C THR A 41 6.24 -7.65 -12.19
N SER A 42 6.92 -8.05 -13.26
CA SER A 42 6.51 -9.15 -14.15
C SER A 42 6.57 -10.54 -13.50
N ASP A 43 7.23 -10.68 -12.34
CA ASP A 43 7.18 -11.87 -11.47
C ASP A 43 6.08 -11.87 -10.39
N GLY A 44 5.31 -10.78 -10.29
CA GLY A 44 4.26 -10.60 -9.27
C GLY A 44 4.78 -10.11 -7.91
N ARG A 45 5.80 -9.25 -7.91
CA ARG A 45 6.38 -8.58 -6.72
C ARG A 45 6.23 -7.06 -6.77
N ILE A 46 6.57 -6.39 -5.68
CA ILE A 46 6.68 -4.92 -5.58
C ILE A 46 8.17 -4.50 -5.59
N ASP A 47 8.49 -3.39 -6.24
CA ASP A 47 9.85 -2.84 -6.38
C ASP A 47 9.78 -1.30 -6.51
N ASP A 48 10.93 -0.62 -6.60
CA ASP A 48 11.06 0.81 -6.91
C ASP A 48 10.37 1.81 -5.93
N ILE A 49 10.13 1.37 -4.70
CA ILE A 49 9.22 1.99 -3.73
C ILE A 49 9.69 3.39 -3.30
N GLN A 50 8.80 4.38 -3.37
CA GLN A 50 9.06 5.79 -3.06
C GLN A 50 7.85 6.45 -2.38
N VAL A 51 8.09 7.35 -1.43
CA VAL A 51 7.03 8.08 -0.70
C VAL A 51 6.61 9.40 -1.35
N LEU A 52 5.33 9.77 -1.18
CA LEU A 52 4.73 11.03 -1.67
C LEU A 52 4.34 11.95 -0.51
N GLU A 53 3.67 11.42 0.53
CA GLU A 53 3.31 12.14 1.76
C GLU A 53 3.40 11.19 2.97
N SER A 54 3.82 11.67 4.13
CA SER A 54 4.10 10.82 5.31
C SER A 54 3.79 11.56 6.61
N VAL A 55 2.96 10.93 7.45
CA VAL A 55 2.36 11.54 8.65
C VAL A 55 2.16 10.51 9.78
N PRO A 56 2.64 10.74 11.01
CA PRO A 56 3.47 11.86 11.47
C PRO A 56 4.98 11.66 11.26
N SER A 57 5.45 10.41 11.17
CA SER A 57 6.86 10.06 11.38
C SER A 57 7.37 9.06 10.32
N ARG A 58 8.60 9.24 9.84
CA ARG A 58 9.19 8.44 8.73
C ARG A 58 9.26 6.93 8.97
N MET A 59 9.25 6.49 10.23
CA MET A 59 9.02 5.09 10.65
C MET A 59 7.81 4.44 9.95
N PHE A 60 6.75 5.21 9.68
CA PHE A 60 5.53 4.74 9.06
C PHE A 60 5.75 4.35 7.58
N ASP A 61 6.50 5.15 6.82
CA ASP A 61 6.97 4.71 5.49
C ASP A 61 7.98 3.57 5.49
N ARG A 62 8.96 3.64 6.40
CA ARG A 62 10.00 2.60 6.61
C ARG A 62 9.38 1.22 6.81
N GLU A 63 8.35 1.10 7.65
CA GLU A 63 7.67 -0.17 7.85
C GLU A 63 6.66 -0.53 6.74
N VAL A 64 6.04 0.44 6.06
CA VAL A 64 5.15 0.19 4.90
C VAL A 64 5.96 -0.40 3.74
N ARG A 65 7.12 0.16 3.38
CA ARG A 65 7.94 -0.38 2.28
C ARG A 65 8.49 -1.77 2.61
N GLN A 66 8.86 -2.02 3.88
CA GLN A 66 9.32 -3.35 4.33
C GLN A 66 8.20 -4.39 4.38
N ALA A 67 6.93 -3.98 4.51
CA ALA A 67 5.77 -4.84 4.34
C ALA A 67 5.49 -5.14 2.85
N MET A 68 5.41 -4.12 1.98
CA MET A 68 5.19 -4.30 0.54
C MET A 68 6.29 -5.11 -0.15
N ALA A 69 7.52 -5.04 0.35
CA ALA A 69 8.64 -5.91 -0.04
C ALA A 69 8.35 -7.43 0.10
N LYS A 70 7.38 -7.82 0.97
CA LYS A 70 6.94 -9.21 1.19
C LYS A 70 5.68 -9.61 0.42
N TRP A 71 4.97 -8.66 -0.21
CA TRP A 71 3.71 -8.92 -0.92
C TRP A 71 3.91 -9.74 -2.21
N ARG A 72 2.86 -10.45 -2.65
CA ARG A 72 2.92 -11.35 -3.82
C ARG A 72 1.60 -11.38 -4.62
N PHE A 73 1.73 -11.41 -5.94
CA PHE A 73 0.65 -11.52 -6.95
C PHE A 73 0.83 -12.67 -7.97
N GLU A 74 -0.26 -13.06 -8.64
CA GLU A 74 -0.29 -14.05 -9.73
C GLU A 74 -1.26 -13.59 -10.85
N PRO A 75 -1.12 -14.07 -12.11
CA PRO A 75 -2.00 -13.67 -13.20
C PRO A 75 -3.46 -14.15 -13.02
N ARG A 76 -4.41 -13.41 -13.60
CA ARG A 76 -5.84 -13.74 -13.63
C ARG A 76 -6.16 -15.01 -14.42
N VAL A 77 -5.40 -15.29 -15.47
CA VAL A 77 -5.44 -16.57 -16.22
C VAL A 77 -4.39 -17.54 -15.65
N SER A 78 -4.79 -18.79 -15.39
CA SER A 78 -3.93 -19.81 -14.75
C SER A 78 -2.66 -20.11 -15.56
N GLY A 79 -1.49 -19.81 -14.99
CA GLY A 79 -0.19 -19.93 -15.67
C GLY A 79 0.08 -18.84 -16.71
N GLY A 80 -0.57 -17.67 -16.61
CA GLY A 80 -0.38 -16.53 -17.51
C GLY A 80 0.91 -15.72 -17.30
N LYS A 81 0.99 -14.57 -17.99
CA LYS A 81 2.12 -13.62 -18.01
C LYS A 81 1.69 -12.19 -17.66
N ILE A 82 2.62 -11.37 -17.14
CA ILE A 82 2.37 -10.05 -16.53
C ILE A 82 3.30 -8.98 -17.14
N VAL A 83 2.78 -7.76 -17.39
CA VAL A 83 3.56 -6.56 -17.75
C VAL A 83 3.77 -5.66 -16.52
N ALA A 84 4.98 -5.12 -16.34
CA ALA A 84 5.28 -4.22 -15.22
C ALA A 84 4.70 -2.80 -15.41
N ARG A 85 4.21 -2.19 -14.31
CA ARG A 85 3.56 -0.86 -14.29
C ARG A 85 3.80 -0.13 -12.96
N GLN A 86 3.75 1.20 -12.98
CA GLN A 86 3.70 2.05 -11.77
C GLN A 86 2.31 2.04 -11.12
N ALA A 87 2.23 2.09 -9.78
CA ALA A 87 0.97 2.20 -9.03
C ALA A 87 1.16 2.81 -7.63
N THR A 88 0.07 3.33 -7.04
CA THR A 88 0.05 3.92 -5.68
C THR A 88 -0.83 3.20 -4.65
N LYS A 89 -0.59 3.50 -3.37
CA LYS A 89 -1.40 3.10 -2.21
C LYS A 89 -1.50 4.22 -1.16
N MET A 90 -2.62 4.27 -0.45
CA MET A 90 -2.90 5.20 0.66
C MET A 90 -3.04 4.41 1.97
N PHE A 91 -1.98 4.40 2.78
CA PHE A 91 -1.94 3.73 4.09
C PHE A 91 -2.61 4.43 5.27
N PHE A 92 -3.30 3.66 6.11
CA PHE A 92 -4.03 4.14 7.30
C PHE A 92 -3.76 3.38 8.61
N PHE A 93 -2.85 3.88 9.43
CA PHE A 93 -2.59 3.41 10.80
C PHE A 93 -3.51 4.11 11.84
N LYS A 94 -4.49 3.41 12.43
CA LYS A 94 -5.45 4.01 13.38
C LYS A 94 -5.89 3.10 14.52
N ILE A 95 -5.80 3.64 15.74
CA ILE A 95 -6.27 3.02 16.98
C ILE A 95 -7.80 2.98 16.99
N GLU A 96 -8.38 1.87 17.45
CA GLU A 96 -9.83 1.65 17.43
C GLU A 96 -10.56 2.30 18.61
N LYS A 97 -10.58 3.63 18.62
CA LYS A 97 -11.49 4.50 19.40
C LYS A 97 -12.65 4.99 18.51
N ARG A 98 -13.69 5.61 19.10
CA ARG A 98 -14.81 6.26 18.39
C ARG A 98 -15.47 7.32 19.28
N ARG A 99 -15.75 8.51 18.77
CA ARG A 99 -16.50 9.58 19.47
C ARG A 99 -18.01 9.44 19.32
N SER A 1 -1.41 13.81 -14.23
CA SER A 1 -0.14 13.08 -14.35
C SER A 1 -0.18 12.11 -15.52
N HIS A 2 0.97 11.78 -16.09
CA HIS A 2 1.16 10.71 -17.09
C HIS A 2 1.79 9.41 -16.54
N MET A 3 1.94 9.29 -15.22
CA MET A 3 2.43 8.08 -14.54
C MET A 3 1.43 6.91 -14.64
N GLY A 4 1.87 5.71 -14.23
CA GLY A 4 1.08 4.49 -14.17
C GLY A 4 0.27 4.31 -12.87
N SER A 5 -0.17 3.07 -12.63
CA SER A 5 -0.93 2.65 -11.45
C SER A 5 -0.99 1.13 -11.30
N LEU A 6 -1.23 0.63 -10.09
CA LEU A 6 -1.60 -0.76 -9.80
C LEU A 6 -3.05 -1.08 -10.23
N ASN A 7 -3.90 -0.06 -10.44
CA ASN A 7 -5.23 -0.18 -11.04
C ASN A 7 -5.21 -0.20 -12.59
N ASP A 8 -4.03 -0.20 -13.22
CA ASP A 8 -3.90 -0.20 -14.69
C ASP A 8 -4.47 -1.42 -15.43
N SER A 9 -5.10 -1.18 -16.58
CA SER A 9 -5.80 -2.19 -17.38
C SER A 9 -4.88 -3.06 -18.25
N ASP A 10 -3.61 -3.19 -17.87
CA ASP A 10 -2.58 -3.95 -18.60
C ASP A 10 -1.88 -4.94 -17.64
N ILE A 11 -2.38 -5.09 -16.41
CA ILE A 11 -1.79 -5.94 -15.35
C ILE A 11 -2.88 -6.62 -14.49
N LYS A 12 -2.51 -7.71 -13.80
CA LYS A 12 -3.28 -8.38 -12.73
C LYS A 12 -2.38 -8.60 -11.50
N PRO A 13 -2.92 -8.60 -10.26
CA PRO A 13 -2.13 -8.92 -9.06
C PRO A 13 -1.60 -10.36 -9.03
N LEU A 14 -0.60 -10.59 -8.19
CA LEU A 14 -0.18 -11.92 -7.71
C LEU A 14 -0.12 -11.95 -6.17
N ARG A 15 0.38 -10.87 -5.54
CA ARG A 15 0.52 -10.74 -4.09
C ARG A 15 0.34 -9.27 -3.65
N MET A 16 -0.56 -9.03 -2.69
CA MET A 16 -0.91 -7.70 -2.15
C MET A 16 -1.17 -7.70 -0.63
N ASP A 17 -0.64 -8.68 0.09
CA ASP A 17 -0.70 -8.86 1.55
C ASP A 17 -0.54 -7.55 2.35
N PRO A 18 -1.61 -7.02 2.97
CA PRO A 18 -1.63 -5.68 3.57
C PRO A 18 -0.57 -5.47 4.65
N PRO A 19 -0.04 -4.24 4.82
CA PRO A 19 0.92 -3.93 5.87
C PRO A 19 0.34 -4.21 7.26
N VAL A 20 1.15 -4.81 8.12
CA VAL A 20 0.84 -4.91 9.55
C VAL A 20 0.90 -3.55 10.22
N TYR A 21 0.10 -3.33 11.27
CA TYR A 21 0.25 -2.15 12.10
C TYR A 21 1.54 -2.08 12.94
N PRO A 22 2.20 -0.91 13.09
CA PRO A 22 3.36 -0.79 13.97
C PRO A 22 2.97 -1.03 15.44
N ARG A 23 3.61 -1.99 16.08
CA ARG A 23 3.25 -2.50 17.42
C ARG A 23 3.22 -1.42 18.51
N MET A 24 4.08 -0.40 18.46
CA MET A 24 4.04 0.72 19.41
C MET A 24 2.82 1.64 19.15
N ALA A 25 2.60 2.04 17.90
CA ALA A 25 1.53 2.97 17.53
C ALA A 25 0.13 2.38 17.73
N GLN A 26 -0.05 1.10 17.36
CA GLN A 26 -1.33 0.41 17.51
C GLN A 26 -1.68 0.21 18.99
N ALA A 27 -0.70 -0.20 19.80
CA ALA A 27 -0.88 -0.36 21.25
C ALA A 27 -1.25 0.97 21.91
N ARG A 28 -0.51 2.04 21.60
CA ARG A 28 -0.77 3.40 22.09
C ARG A 28 -2.01 4.08 21.50
N GLY A 29 -2.65 3.48 20.50
CA GLY A 29 -3.93 3.92 19.92
C GLY A 29 -3.80 5.15 19.01
N ILE A 30 -2.64 5.31 18.37
CA ILE A 30 -2.28 6.45 17.52
C ILE A 30 -2.63 6.13 16.07
N GLU A 31 -3.52 6.91 15.46
CA GLU A 31 -3.76 6.83 14.02
C GLU A 31 -2.64 7.55 13.25
N GLY A 32 -2.51 7.25 11.95
CA GLY A 32 -1.55 7.91 11.08
C GLY A 32 -1.93 7.87 9.60
N ARG A 33 -1.02 8.39 8.76
CA ARG A 33 -1.04 8.27 7.30
C ARG A 33 0.37 8.20 6.74
N VAL A 34 0.52 7.61 5.55
CA VAL A 34 1.80 7.59 4.80
C VAL A 34 1.54 7.71 3.30
N LYS A 35 2.22 8.63 2.62
CA LYS A 35 2.13 8.73 1.15
C LYS A 35 3.43 8.28 0.49
N VAL A 36 3.32 7.54 -0.59
CA VAL A 36 4.39 6.73 -1.20
C VAL A 36 4.44 6.85 -2.71
N LEU A 37 5.65 7.05 -3.27
CA LEU A 37 5.97 6.91 -4.69
C LEU A 37 6.79 5.62 -4.88
N PHE A 38 6.55 4.89 -5.96
CA PHE A 38 7.31 3.69 -6.33
C PHE A 38 7.45 3.48 -7.85
N THR A 39 8.31 2.54 -8.25
CA THR A 39 8.39 1.99 -9.61
C THR A 39 7.79 0.59 -9.63
N ILE A 40 6.88 0.34 -10.59
CA ILE A 40 6.42 -1.00 -10.96
C ILE A 40 7.42 -1.56 -11.99
N THR A 41 8.05 -2.70 -11.71
CA THR A 41 9.07 -3.32 -12.59
C THR A 41 8.55 -4.20 -13.73
N SER A 42 9.43 -4.43 -14.70
CA SER A 42 9.22 -5.35 -15.83
C SER A 42 9.13 -6.83 -15.43
N ASP A 43 9.67 -7.22 -14.27
CA ASP A 43 9.38 -8.48 -13.58
C ASP A 43 8.07 -8.51 -12.75
N GLY A 44 7.35 -7.39 -12.68
CA GLY A 44 6.17 -7.21 -11.84
C GLY A 44 6.49 -7.08 -10.34
N ARG A 45 7.72 -6.71 -10.00
CA ARG A 45 8.13 -6.35 -8.63
C ARG A 45 7.77 -4.89 -8.32
N ILE A 46 7.88 -4.52 -7.05
CA ILE A 46 7.90 -3.12 -6.62
C ILE A 46 9.36 -2.72 -6.28
N ASP A 47 9.76 -1.53 -6.72
CA ASP A 47 11.12 -0.97 -6.58
C ASP A 47 11.01 0.54 -6.31
N ASP A 48 12.12 1.22 -6.01
CA ASP A 48 12.19 2.69 -5.88
C ASP A 48 11.30 3.34 -4.81
N ILE A 49 10.82 2.52 -3.85
CA ILE A 49 9.84 2.89 -2.83
C ILE A 49 10.38 4.02 -1.95
N GLN A 50 9.77 5.20 -2.05
CA GLN A 50 10.17 6.42 -1.35
C GLN A 50 8.93 7.15 -0.81
N VAL A 51 9.06 7.74 0.38
CA VAL A 51 7.93 8.24 1.16
C VAL A 51 7.93 9.77 1.10
N LEU A 52 6.78 10.33 0.69
CA LEU A 52 6.56 11.76 0.54
C LEU A 52 6.15 12.41 1.87
N GLU A 53 5.38 11.70 2.69
CA GLU A 53 5.10 12.04 4.10
C GLU A 53 4.83 10.78 4.92
N SER A 54 5.21 10.79 6.20
CA SER A 54 4.88 9.75 7.19
C SER A 54 4.48 10.43 8.51
N VAL A 55 3.33 10.03 9.03
CA VAL A 55 2.57 10.80 10.03
C VAL A 55 2.10 9.91 11.19
N PRO A 56 2.37 10.24 12.47
CA PRO A 56 3.13 11.42 12.94
C PRO A 56 4.64 11.40 12.67
N SER A 57 5.24 10.24 12.39
CA SER A 57 6.68 10.12 12.07
C SER A 57 6.99 8.83 11.27
N ARG A 58 8.27 8.50 11.09
CA ARG A 58 8.80 7.30 10.39
C ARG A 58 8.32 5.96 10.95
N MET A 59 7.71 5.97 12.13
CA MET A 59 6.95 4.90 12.78
C MET A 59 6.08 4.04 11.83
N PHE A 60 5.46 4.65 10.80
CA PHE A 60 4.68 3.95 9.78
C PHE A 60 5.40 3.57 8.46
N ASP A 61 6.44 4.33 8.09
CA ASP A 61 7.23 4.18 6.87
C ASP A 61 7.87 2.79 6.62
N ARG A 62 8.61 2.25 7.59
CA ARG A 62 9.25 0.93 7.42
C ARG A 62 8.22 -0.19 7.27
N GLU A 63 7.14 -0.16 8.05
CA GLU A 63 6.04 -1.12 7.97
C GLU A 63 5.38 -1.16 6.57
N VAL A 64 5.16 0.01 5.96
CA VAL A 64 4.63 0.12 4.59
C VAL A 64 5.61 -0.35 3.51
N ARG A 65 6.90 0.02 3.64
CA ARG A 65 7.99 -0.39 2.74
C ARG A 65 8.24 -1.90 2.75
N GLN A 66 8.16 -2.52 3.93
CA GLN A 66 8.35 -3.98 4.10
C GLN A 66 7.22 -4.79 3.45
N ALA A 67 5.99 -4.26 3.50
CA ALA A 67 4.83 -4.84 2.82
C ALA A 67 4.91 -4.65 1.30
N MET A 68 5.07 -3.40 0.84
CA MET A 68 5.08 -3.08 -0.59
C MET A 68 6.25 -3.75 -1.33
N ALA A 69 7.42 -3.89 -0.71
CA ALA A 69 8.54 -4.63 -1.29
C ALA A 69 8.23 -6.12 -1.54
N LYS A 70 7.34 -6.73 -0.72
CA LYS A 70 6.87 -8.10 -0.89
C LYS A 70 5.77 -8.24 -1.96
N TRP A 71 5.06 -7.17 -2.33
CA TRP A 71 3.99 -7.21 -3.33
C TRP A 71 4.47 -7.60 -4.73
N ARG A 72 3.57 -8.16 -5.54
CA ARG A 72 3.87 -8.77 -6.85
C ARG A 72 2.68 -8.67 -7.82
N PHE A 73 2.97 -8.37 -9.08
CA PHE A 73 2.06 -8.28 -10.23
C PHE A 73 2.46 -9.11 -11.46
N GLU A 74 1.54 -9.31 -12.42
CA GLU A 74 1.81 -9.96 -13.71
C GLU A 74 1.08 -9.23 -14.87
N PRO A 75 1.55 -9.34 -16.13
CA PRO A 75 0.89 -8.71 -17.28
C PRO A 75 -0.52 -9.28 -17.53
N ARG A 76 -1.44 -8.44 -18.03
CA ARG A 76 -2.77 -8.86 -18.49
C ARG A 76 -2.68 -9.92 -19.60
N VAL A 77 -1.80 -9.70 -20.57
CA VAL A 77 -1.46 -10.68 -21.61
C VAL A 77 -0.22 -11.46 -21.15
N SER A 78 -0.38 -12.72 -20.75
CA SER A 78 0.70 -13.47 -20.10
C SER A 78 1.83 -13.94 -21.03
N GLY A 79 1.66 -13.82 -22.36
CA GLY A 79 2.74 -13.85 -23.36
C GLY A 79 3.49 -12.53 -23.55
N GLY A 80 2.98 -11.42 -22.98
CA GLY A 80 3.66 -10.13 -22.89
C GLY A 80 4.60 -10.03 -21.70
N LYS A 81 5.13 -8.82 -21.47
CA LYS A 81 5.86 -8.42 -20.25
C LYS A 81 5.41 -7.03 -19.81
N ILE A 82 5.51 -6.75 -18.52
CA ILE A 82 5.14 -5.43 -17.95
C ILE A 82 6.03 -4.32 -18.51
N VAL A 83 5.42 -3.20 -18.88
CA VAL A 83 6.11 -1.93 -19.15
C VAL A 83 6.32 -1.19 -17.83
N ALA A 84 7.57 -0.90 -17.49
CA ALA A 84 7.93 -0.34 -16.18
C ALA A 84 7.56 1.16 -16.09
N ARG A 85 6.84 1.54 -15.02
CA ARG A 85 6.23 2.87 -14.79
C ARG A 85 6.28 3.30 -13.32
N GLN A 86 6.21 4.60 -13.05
CA GLN A 86 6.00 5.13 -11.70
C GLN A 86 4.53 4.99 -11.27
N ALA A 87 4.28 4.89 -9.97
CA ALA A 87 2.95 4.83 -9.36
C ALA A 87 2.97 5.33 -7.90
N THR A 88 1.80 5.61 -7.33
CA THR A 88 1.62 6.09 -5.94
C THR A 88 0.64 5.32 -5.08
N LYS A 89 0.75 5.50 -3.76
CA LYS A 89 -0.22 5.06 -2.76
C LYS A 89 -0.36 6.06 -1.62
N MET A 90 -1.60 6.27 -1.19
CA MET A 90 -1.98 7.09 -0.04
C MET A 90 -2.59 6.18 1.04
N PHE A 91 -1.79 5.81 2.04
CA PHE A 91 -2.18 4.92 3.14
C PHE A 91 -2.85 5.58 4.35
N PHE A 92 -3.93 4.98 4.85
CA PHE A 92 -4.73 5.48 5.98
C PHE A 92 -4.76 4.57 7.22
N PHE A 93 -3.71 4.67 8.04
CA PHE A 93 -3.50 3.91 9.27
C PHE A 93 -4.44 4.25 10.46
N LYS A 94 -5.75 4.09 10.28
CA LYS A 94 -6.78 4.43 11.28
C LYS A 94 -6.91 3.36 12.37
N ILE A 95 -7.18 3.78 13.60
CA ILE A 95 -7.50 2.91 14.76
C ILE A 95 -9.02 2.89 14.97
N GLU A 96 -9.59 1.84 15.57
CA GLU A 96 -11.04 1.66 15.69
C GLU A 96 -11.73 2.61 16.69
N LYS A 97 -11.00 3.05 17.71
CA LYS A 97 -11.51 3.80 18.86
C LYS A 97 -11.76 5.27 18.51
N ARG A 98 -13.02 5.71 18.63
CA ARG A 98 -13.48 7.03 18.19
C ARG A 98 -13.05 8.14 19.17
N ARG A 99 -12.14 9.02 18.74
CA ARG A 99 -11.71 10.23 19.50
C ARG A 99 -11.90 11.51 18.70
N SER A 1 -5.42 13.35 -19.84
CA SER A 1 -5.16 11.90 -19.79
C SER A 1 -5.83 11.26 -18.59
N HIS A 2 -6.31 10.02 -18.74
CA HIS A 2 -7.05 9.28 -17.71
C HIS A 2 -6.13 8.53 -16.71
N MET A 3 -6.71 8.04 -15.61
CA MET A 3 -6.09 7.10 -14.67
C MET A 3 -7.05 5.95 -14.31
N GLY A 4 -6.52 4.85 -13.77
CA GLY A 4 -7.29 3.71 -13.25
C GLY A 4 -7.56 3.79 -11.75
N SER A 5 -7.92 2.66 -11.14
CA SER A 5 -8.08 2.51 -9.68
C SER A 5 -8.00 1.05 -9.24
N LEU A 6 -7.78 0.80 -7.94
CA LEU A 6 -8.00 -0.52 -7.32
C LEU A 6 -9.49 -0.89 -7.25
N ASN A 7 -10.40 0.09 -7.34
CA ASN A 7 -11.85 -0.09 -7.39
C ASN A 7 -12.40 -0.47 -8.79
N ASP A 8 -11.53 -0.69 -9.77
CA ASP A 8 -11.94 -1.05 -11.13
C ASP A 8 -12.78 -2.33 -11.23
N SER A 9 -13.93 -2.25 -11.91
CA SER A 9 -14.89 -3.36 -12.01
C SER A 9 -14.41 -4.51 -12.90
N ASP A 10 -13.43 -4.27 -13.78
CA ASP A 10 -12.75 -5.26 -14.62
C ASP A 10 -11.78 -6.23 -13.91
N ILE A 11 -11.52 -6.04 -12.60
CA ILE A 11 -10.57 -6.82 -11.79
C ILE A 11 -11.14 -7.17 -10.40
N LYS A 12 -10.47 -8.05 -9.66
CA LYS A 12 -10.78 -8.38 -8.25
C LYS A 12 -9.49 -8.74 -7.46
N PRO A 13 -9.42 -8.47 -6.15
CA PRO A 13 -8.25 -8.79 -5.34
C PRO A 13 -8.13 -10.30 -5.08
N LEU A 14 -6.89 -10.79 -5.01
CA LEU A 14 -6.56 -12.04 -4.31
C LEU A 14 -6.28 -11.75 -2.83
N ARG A 15 -5.44 -10.74 -2.54
CA ARG A 15 -5.01 -10.38 -1.18
C ARG A 15 -4.53 -8.93 -1.11
N MET A 16 -4.89 -8.22 -0.05
CA MET A 16 -4.57 -6.82 0.23
C MET A 16 -4.15 -6.58 1.69
N ASP A 17 -3.26 -7.44 2.22
CA ASP A 17 -2.75 -7.42 3.60
C ASP A 17 -2.40 -6.01 4.13
N PRO A 18 -3.17 -5.45 5.08
CA PRO A 18 -2.99 -4.09 5.59
C PRO A 18 -1.57 -3.80 6.12
N PRO A 19 -1.12 -2.54 6.10
CA PRO A 19 0.24 -2.18 6.53
C PRO A 19 0.48 -2.39 8.02
N VAL A 20 1.73 -2.72 8.35
CA VAL A 20 2.26 -2.77 9.72
C VAL A 20 2.45 -1.38 10.33
N TYR A 21 2.46 -1.28 11.66
CA TYR A 21 2.58 -0.03 12.41
C TYR A 21 3.99 0.31 12.93
N PRO A 22 4.44 1.58 12.90
CA PRO A 22 5.62 1.99 13.66
C PRO A 22 5.31 1.89 15.17
N ARG A 23 6.15 1.18 15.92
CA ARG A 23 5.89 0.75 17.31
C ARG A 23 5.52 1.90 18.26
N MET A 24 6.26 3.01 18.20
CA MET A 24 6.04 4.18 19.05
C MET A 24 4.64 4.77 18.89
N ALA A 25 4.15 4.91 17.65
CA ALA A 25 2.84 5.51 17.36
C ALA A 25 1.69 4.71 18.01
N GLN A 26 1.74 3.37 17.92
CA GLN A 26 0.78 2.47 18.56
C GLN A 26 0.86 2.57 20.09
N ALA A 27 2.08 2.47 20.64
CA ALA A 27 2.33 2.40 22.08
C ALA A 27 2.05 3.72 22.83
N ARG A 28 2.38 4.86 22.22
CA ARG A 28 2.25 6.23 22.77
C ARG A 28 0.91 6.89 22.40
N GLY A 29 0.26 6.46 21.31
CA GLY A 29 -1.14 6.75 20.98
C GLY A 29 -1.36 7.88 19.98
N ILE A 30 -0.56 7.95 18.91
CA ILE A 30 -0.58 9.03 17.92
C ILE A 30 -0.95 8.47 16.54
N GLU A 31 -2.08 8.92 15.99
CA GLU A 31 -2.51 8.57 14.63
C GLU A 31 -1.61 9.16 13.54
N GLY A 32 -1.70 8.61 12.35
CA GLY A 32 -1.11 9.16 11.13
C GLY A 32 -1.99 8.93 9.90
N ARG A 33 -1.60 9.53 8.77
CA ARG A 33 -2.21 9.28 7.45
C ARG A 33 -1.22 9.52 6.31
N VAL A 34 -1.35 8.77 5.23
CA VAL A 34 -0.40 8.77 4.09
C VAL A 34 -1.11 8.67 2.74
N LYS A 35 -0.77 9.54 1.80
CA LYS A 35 -1.38 9.59 0.46
C LYS A 35 -0.39 9.05 -0.57
N VAL A 36 -0.75 7.97 -1.27
CA VAL A 36 0.17 7.17 -2.10
C VAL A 36 -0.33 6.98 -3.53
N LEU A 37 0.54 7.22 -4.51
CA LEU A 37 0.33 7.01 -5.94
C LEU A 37 1.20 5.83 -6.44
N PHE A 38 0.68 5.06 -7.39
CA PHE A 38 1.27 3.82 -7.88
C PHE A 38 0.84 3.40 -9.31
N THR A 39 1.48 2.38 -9.88
CA THR A 39 1.00 1.65 -11.07
C THR A 39 0.56 0.25 -10.64
N ILE A 40 -0.65 -0.15 -11.04
CA ILE A 40 -1.14 -1.54 -11.03
C ILE A 40 -0.57 -2.25 -12.25
N THR A 41 0.02 -3.45 -12.06
CA THR A 41 0.68 -4.23 -13.13
C THR A 41 -0.15 -5.31 -13.80
N SER A 42 0.26 -5.68 -15.02
CA SER A 42 -0.37 -6.77 -15.79
C SER A 42 -0.18 -8.17 -15.17
N ASP A 43 0.87 -8.36 -14.37
CA ASP A 43 1.04 -9.49 -13.45
C ASP A 43 0.14 -9.47 -12.19
N GLY A 44 -0.64 -8.39 -12.01
CA GLY A 44 -1.49 -8.15 -10.85
C GLY A 44 -0.73 -7.77 -9.58
N ARG A 45 0.44 -7.13 -9.71
CA ARG A 45 1.25 -6.56 -8.62
C ARG A 45 1.10 -5.04 -8.57
N ILE A 46 1.75 -4.41 -7.59
CA ILE A 46 1.92 -2.94 -7.50
C ILE A 46 3.39 -2.55 -7.76
N ASP A 47 3.62 -1.43 -8.42
CA ASP A 47 4.94 -0.87 -8.75
C ASP A 47 4.80 0.68 -8.84
N ASP A 48 5.86 1.41 -9.17
CA ASP A 48 5.88 2.88 -9.31
C ASP A 48 5.50 3.69 -8.05
N ILE A 49 5.64 3.08 -6.86
CA ILE A 49 5.07 3.57 -5.61
C ILE A 49 5.77 4.85 -5.11
N GLN A 50 4.98 5.89 -4.81
CA GLN A 50 5.46 7.17 -4.27
C GLN A 50 4.42 7.91 -3.43
N VAL A 51 4.89 8.62 -2.40
CA VAL A 51 4.09 9.42 -1.47
C VAL A 51 3.86 10.86 -1.96
N LEU A 52 2.65 11.37 -1.76
CA LEU A 52 2.27 12.77 -2.05
C LEU A 52 2.12 13.62 -0.77
N GLU A 53 1.73 12.99 0.34
CA GLU A 53 1.53 13.60 1.66
C GLU A 53 1.71 12.55 2.77
N SER A 54 2.31 12.95 3.91
CA SER A 54 2.76 12.06 4.98
C SER A 54 2.60 12.73 6.34
N VAL A 55 1.88 12.09 7.25
CA VAL A 55 1.38 12.70 8.49
C VAL A 55 1.54 11.73 9.68
N PRO A 56 2.18 12.15 10.80
CA PRO A 56 2.77 13.47 11.05
C PRO A 56 3.99 13.84 10.19
N SER A 57 4.68 12.84 9.62
CA SER A 57 5.85 12.98 8.75
C SER A 57 6.11 11.66 7.99
N ARG A 58 7.26 11.54 7.32
CA ARG A 58 7.69 10.41 6.48
C ARG A 58 7.90 9.08 7.21
N MET A 59 7.75 9.05 8.55
CA MET A 59 7.71 7.89 9.45
C MET A 59 7.07 6.62 8.86
N PHE A 60 5.97 6.76 8.13
CA PHE A 60 5.15 5.67 7.59
C PHE A 60 5.46 5.12 6.17
N ASP A 61 6.18 5.88 5.35
CA ASP A 61 6.46 5.59 3.92
C ASP A 61 7.00 4.21 3.55
N ARG A 62 7.98 3.67 4.27
CA ARG A 62 8.57 2.35 3.97
C ARG A 62 7.64 1.20 4.33
N GLU A 63 6.75 1.41 5.30
CA GLU A 63 5.79 0.40 5.76
C GLU A 63 4.58 0.30 4.82
N VAL A 64 4.07 1.43 4.32
CA VAL A 64 2.98 1.43 3.34
C VAL A 64 3.36 0.75 2.02
N ARG A 65 4.54 1.05 1.46
CA ARG A 65 5.00 0.43 0.19
C ARG A 65 5.41 -1.04 0.31
N GLN A 66 5.99 -1.47 1.44
CA GLN A 66 6.34 -2.89 1.64
C GLN A 66 5.09 -3.76 1.77
N ALA A 67 4.05 -3.22 2.40
CA ALA A 67 2.72 -3.83 2.45
C ALA A 67 2.09 -3.95 1.05
N MET A 68 2.06 -2.86 0.27
CA MET A 68 1.55 -2.87 -1.11
C MET A 68 2.29 -3.87 -2.04
N ALA A 69 3.60 -4.08 -1.85
CA ALA A 69 4.36 -5.10 -2.56
C ALA A 69 3.96 -6.56 -2.22
N LYS A 70 3.26 -6.79 -1.09
CA LYS A 70 2.66 -8.10 -0.74
C LYS A 70 1.24 -8.30 -1.31
N TRP A 71 0.59 -7.25 -1.80
CA TRP A 71 -0.76 -7.32 -2.39
C TRP A 71 -0.75 -8.01 -3.77
N ARG A 72 -1.89 -8.61 -4.17
CA ARG A 72 -2.05 -9.28 -5.47
C ARG A 72 -3.49 -9.20 -6.00
N PHE A 73 -3.64 -9.00 -7.31
CA PHE A 73 -4.90 -8.96 -8.08
C PHE A 73 -5.07 -10.03 -9.19
N GLU A 74 -6.31 -10.29 -9.58
CA GLU A 74 -6.73 -11.12 -10.73
C GLU A 74 -7.77 -10.37 -11.61
N PRO A 75 -7.97 -10.76 -12.88
CA PRO A 75 -9.11 -10.31 -13.68
C PRO A 75 -10.44 -10.78 -13.07
N ARG A 76 -11.51 -10.01 -13.30
CA ARG A 76 -12.88 -10.36 -12.90
C ARG A 76 -13.39 -11.59 -13.67
N VAL A 77 -13.05 -11.69 -14.95
CA VAL A 77 -13.27 -12.86 -15.81
C VAL A 77 -12.09 -13.82 -15.64
N SER A 78 -12.34 -15.03 -15.12
CA SER A 78 -11.26 -16.04 -15.01
C SER A 78 -10.76 -16.45 -16.41
N GLY A 79 -9.43 -16.37 -16.58
CA GLY A 79 -8.76 -16.48 -17.88
C GLY A 79 -8.61 -15.16 -18.66
N GLY A 80 -9.06 -14.02 -18.11
CA GLY A 80 -8.74 -12.68 -18.61
C GLY A 80 -7.29 -12.26 -18.33
N LYS A 81 -6.92 -11.03 -18.72
CA LYS A 81 -5.58 -10.44 -18.54
C LYS A 81 -5.68 -8.99 -18.03
N ILE A 82 -4.91 -8.64 -16.99
CA ILE A 82 -5.00 -7.31 -16.35
C ILE A 82 -4.32 -6.23 -17.22
N VAL A 83 -5.01 -5.10 -17.44
CA VAL A 83 -4.42 -3.90 -18.07
C VAL A 83 -3.72 -3.00 -17.03
N ALA A 84 -2.42 -2.73 -17.24
CA ALA A 84 -1.59 -1.97 -16.30
C ALA A 84 -1.87 -0.45 -16.36
N ARG A 85 -2.06 0.20 -15.20
CA ARG A 85 -2.61 1.58 -15.10
C ARG A 85 -2.24 2.28 -13.79
N GLN A 86 -2.17 3.61 -13.79
CA GLN A 86 -1.92 4.41 -12.57
C GLN A 86 -3.14 4.42 -11.63
N ALA A 87 -2.91 4.51 -10.33
CA ALA A 87 -3.93 4.57 -9.28
C ALA A 87 -3.42 5.24 -7.98
N THR A 88 -4.32 5.64 -7.08
CA THR A 88 -4.02 6.13 -5.72
C THR A 88 -4.85 5.55 -4.57
N LYS A 89 -4.35 5.71 -3.35
CA LYS A 89 -5.03 5.36 -2.08
C LYS A 89 -4.68 6.33 -0.94
N MET A 90 -5.69 6.71 -0.16
CA MET A 90 -5.58 7.45 1.11
C MET A 90 -5.56 6.48 2.30
N PHE A 91 -4.40 6.34 2.97
CA PHE A 91 -4.18 5.45 4.11
C PHE A 91 -4.49 6.02 5.50
N PHE A 92 -5.30 5.31 6.29
CA PHE A 92 -5.72 5.68 7.64
C PHE A 92 -5.02 4.96 8.81
N PHE A 93 -3.80 5.38 9.12
CA PHE A 93 -2.98 4.90 10.24
C PHE A 93 -3.45 5.26 11.67
N LYS A 94 -4.74 5.03 11.96
CA LYS A 94 -5.37 5.30 13.26
C LYS A 94 -5.12 4.15 14.25
N ILE A 95 -4.87 4.48 15.51
CA ILE A 95 -4.56 3.49 16.56
C ILE A 95 -5.85 2.80 17.00
N GLU A 96 -5.81 1.48 17.12
CA GLU A 96 -6.97 0.63 17.47
C GLU A 96 -7.39 0.78 18.94
N LYS A 97 -6.43 1.12 19.81
CA LYS A 97 -6.63 1.36 21.24
C LYS A 97 -7.13 2.78 21.48
N ARG A 98 -8.33 2.89 22.08
CA ARG A 98 -8.89 4.13 22.62
C ARG A 98 -8.36 4.38 24.04
N ARG A 99 -8.25 5.64 24.45
CA ARG A 99 -7.81 6.04 25.79
C ARG A 99 -8.93 5.97 26.83
N SER A 1 0.80 13.27 -17.59
CA SER A 1 2.24 13.10 -17.36
C SER A 1 2.70 11.70 -17.76
N HIS A 2 3.96 11.54 -18.18
CA HIS A 2 4.62 10.27 -18.54
C HIS A 2 4.97 9.37 -17.32
N MET A 3 4.39 9.67 -16.16
CA MET A 3 4.53 8.91 -14.91
C MET A 3 3.51 7.76 -14.85
N GLY A 4 3.98 6.57 -14.47
CA GLY A 4 3.14 5.40 -14.15
C GLY A 4 2.66 5.39 -12.70
N SER A 5 2.10 4.27 -12.24
CA SER A 5 1.65 4.07 -10.86
C SER A 5 1.45 2.58 -10.54
N LEU A 6 1.70 2.17 -9.29
CA LEU A 6 1.33 0.83 -8.82
C LEU A 6 -0.20 0.65 -8.74
N ASN A 7 -0.99 1.73 -8.80
CA ASN A 7 -2.45 1.68 -8.99
C ASN A 7 -2.88 1.33 -10.42
N ASP A 8 -1.97 1.28 -11.41
CA ASP A 8 -2.31 0.90 -12.78
C ASP A 8 -2.93 -0.49 -12.95
N SER A 9 -4.01 -0.57 -13.71
CA SER A 9 -4.80 -1.81 -13.89
C SER A 9 -4.11 -2.86 -14.77
N ASP A 10 -3.13 -2.47 -15.59
CA ASP A 10 -2.32 -3.38 -16.42
C ASP A 10 -1.33 -4.27 -15.66
N ILE A 11 -1.22 -4.14 -14.33
CA ILE A 11 -0.31 -4.91 -13.47
C ILE A 11 -1.01 -5.43 -12.20
N LYS A 12 -0.46 -6.49 -11.59
CA LYS A 12 -0.86 -7.07 -10.30
C LYS A 12 0.36 -7.46 -9.44
N PRO A 13 0.27 -7.46 -8.10
CA PRO A 13 1.40 -7.84 -7.24
C PRO A 13 1.64 -9.36 -7.20
N LEU A 14 2.92 -9.75 -7.13
CA LEU A 14 3.39 -11.10 -6.79
C LEU A 14 3.78 -11.23 -5.30
N ARG A 15 4.43 -10.19 -4.75
CA ARG A 15 4.97 -10.14 -3.38
C ARG A 15 5.07 -8.69 -2.90
N MET A 16 4.75 -8.42 -1.63
CA MET A 16 4.80 -7.10 -1.01
C MET A 16 5.38 -7.09 0.43
N ASP A 17 4.50 -7.12 1.44
CA ASP A 17 4.67 -6.63 2.83
C ASP A 17 4.59 -5.10 3.05
N PRO A 18 3.84 -4.62 4.06
CA PRO A 18 3.82 -3.20 4.44
C PRO A 18 5.05 -2.79 5.27
N PRO A 19 5.53 -1.54 5.19
CA PRO A 19 6.61 -1.05 6.04
C PRO A 19 6.20 -0.88 7.51
N VAL A 20 7.17 -1.09 8.42
CA VAL A 20 6.99 -1.22 9.88
C VAL A 20 6.83 0.10 10.67
N TYR A 21 6.11 0.05 11.79
CA TYR A 21 5.97 1.12 12.78
C TYR A 21 7.01 1.10 13.92
N PRO A 22 7.51 2.25 14.43
CA PRO A 22 8.29 2.27 15.67
C PRO A 22 7.39 1.99 16.89
N ARG A 23 7.72 0.95 17.68
CA ARG A 23 6.90 0.52 18.83
C ARG A 23 6.73 1.59 19.92
N MET A 24 7.67 2.52 20.08
CA MET A 24 7.49 3.68 20.97
C MET A 24 6.41 4.65 20.45
N ALA A 25 6.51 5.08 19.19
CA ALA A 25 5.57 6.03 18.58
C ALA A 25 4.16 5.45 18.47
N GLN A 26 4.05 4.14 18.22
CA GLN A 26 2.80 3.41 18.20
C GLN A 26 2.13 3.42 19.58
N ALA A 27 2.89 3.09 20.63
CA ALA A 27 2.40 2.98 22.00
C ALA A 27 2.09 4.33 22.67
N ARG A 28 2.86 5.39 22.35
CA ARG A 28 2.60 6.78 22.78
C ARG A 28 1.40 7.41 22.05
N GLY A 29 1.18 7.00 20.78
CA GLY A 29 0.09 7.50 19.93
C GLY A 29 0.50 8.73 19.13
N ILE A 30 1.40 8.55 18.16
CA ILE A 30 2.01 9.62 17.36
C ILE A 30 2.01 9.23 15.86
N GLU A 31 1.23 9.94 15.05
CA GLU A 31 1.11 9.74 13.61
C GLU A 31 2.33 10.19 12.80
N GLY A 32 2.42 9.76 11.55
CA GLY A 32 3.42 10.19 10.57
C GLY A 32 2.96 10.05 9.12
N ARG A 33 3.79 10.45 8.16
CA ARG A 33 3.57 10.27 6.71
C ARG A 33 4.89 10.29 5.94
N VAL A 34 4.95 9.61 4.79
CA VAL A 34 6.15 9.56 3.92
C VAL A 34 5.74 9.47 2.45
N LYS A 35 6.35 10.25 1.55
CA LYS A 35 6.18 10.06 0.09
C LYS A 35 7.50 9.70 -0.58
N VAL A 36 7.45 8.73 -1.49
CA VAL A 36 8.61 8.08 -2.11
C VAL A 36 8.47 7.95 -3.63
N LEU A 37 9.55 8.20 -4.37
CA LEU A 37 9.66 8.07 -5.83
C LEU A 37 10.51 6.85 -6.21
N PHE A 38 10.17 6.22 -7.34
CA PHE A 38 10.81 5.01 -7.87
C PHE A 38 10.71 4.87 -9.40
N THR A 39 11.45 3.92 -9.96
CA THR A 39 11.28 3.39 -11.33
C THR A 39 10.74 1.95 -11.25
N ILE A 40 9.58 1.70 -11.85
CA ILE A 40 9.03 0.35 -12.05
C ILE A 40 9.71 -0.21 -13.30
N THR A 41 10.42 -1.34 -13.19
CA THR A 41 11.11 -1.97 -14.33
C THR A 41 10.29 -2.90 -15.19
N SER A 42 10.76 -3.14 -16.41
CA SER A 42 10.14 -4.11 -17.34
C SER A 42 10.26 -5.58 -16.90
N ASP A 43 11.06 -5.88 -15.87
CA ASP A 43 11.10 -7.20 -15.22
C ASP A 43 10.09 -7.24 -14.04
N GLY A 44 9.41 -6.12 -13.73
CA GLY A 44 8.46 -6.00 -12.61
C GLY A 44 9.11 -5.75 -11.24
N ARG A 45 10.40 -5.40 -11.22
CA ARG A 45 11.17 -5.00 -10.03
C ARG A 45 10.97 -3.50 -9.73
N ILE A 46 11.32 -3.07 -8.51
CA ILE A 46 11.32 -1.65 -8.11
C ILE A 46 12.77 -1.16 -8.00
N ASP A 47 13.10 -0.09 -8.71
CA ASP A 47 14.44 0.49 -8.82
C ASP A 47 14.38 2.01 -8.54
N ASP A 48 15.52 2.71 -8.51
CA ASP A 48 15.60 4.18 -8.36
C ASP A 48 14.96 4.79 -7.09
N ILE A 49 14.73 3.98 -6.05
CA ILE A 49 13.94 4.34 -4.86
C ILE A 49 14.58 5.53 -4.13
N GLN A 50 13.83 6.60 -3.87
CA GLN A 50 14.28 7.78 -3.11
C GLN A 50 13.12 8.54 -2.46
N VAL A 51 13.33 9.09 -1.26
CA VAL A 51 12.30 9.83 -0.52
C VAL A 51 12.12 11.28 -0.98
N LEU A 52 10.88 11.76 -0.96
CA LEU A 52 10.51 13.15 -1.29
C LEU A 52 10.14 13.96 -0.04
N GLU A 53 9.46 13.34 0.93
CA GLU A 53 9.21 13.89 2.26
C GLU A 53 9.00 12.78 3.30
N SER A 54 9.32 13.07 4.57
CA SER A 54 9.25 12.12 5.68
C SER A 54 8.91 12.84 7.00
N VAL A 55 7.95 12.29 7.73
CA VAL A 55 7.28 12.93 8.86
C VAL A 55 6.92 11.90 9.95
N PRO A 56 7.25 12.12 11.24
CA PRO A 56 7.93 13.30 11.79
C PRO A 56 9.45 13.35 11.51
N SER A 57 10.03 12.30 10.90
CA SER A 57 11.43 12.23 10.46
C SER A 57 11.70 11.06 9.51
N ARG A 58 12.95 10.91 9.07
CA ARG A 58 13.47 9.75 8.30
C ARG A 58 13.34 8.39 9.01
N MET A 59 12.89 8.35 10.26
CA MET A 59 12.60 7.13 11.04
C MET A 59 11.74 6.10 10.29
N PHE A 60 10.82 6.56 9.42
CA PHE A 60 10.05 5.71 8.50
C PHE A 60 10.71 5.32 7.16
N ASP A 61 11.52 6.22 6.59
CA ASP A 61 12.17 6.10 5.27
C ASP A 61 12.96 4.81 5.00
N ARG A 62 13.82 4.42 5.95
CA ARG A 62 14.60 3.17 5.92
C ARG A 62 13.73 1.93 5.70
N GLU A 63 12.61 1.87 6.39
CA GLU A 63 11.72 0.70 6.39
C GLU A 63 10.84 0.66 5.13
N VAL A 64 10.46 1.83 4.60
CA VAL A 64 9.72 1.98 3.33
C VAL A 64 10.57 1.43 2.19
N ARG A 65 11.84 1.83 2.05
CA ARG A 65 12.70 1.29 0.98
C ARG A 65 13.04 -0.18 1.18
N GLN A 66 13.17 -0.67 2.42
CA GLN A 66 13.43 -2.09 2.69
C GLN A 66 12.21 -2.99 2.43
N ALA A 67 11.00 -2.47 2.59
CA ALA A 67 9.77 -3.08 2.10
C ALA A 67 9.76 -3.11 0.55
N MET A 68 9.91 -1.95 -0.09
CA MET A 68 9.83 -1.85 -1.56
C MET A 68 10.96 -2.59 -2.31
N ALA A 69 12.10 -2.85 -1.65
CA ALA A 69 13.13 -3.78 -2.13
C ALA A 69 12.66 -5.25 -2.19
N LYS A 70 11.71 -5.68 -1.36
CA LYS A 70 11.04 -6.99 -1.44
C LYS A 70 9.96 -7.05 -2.52
N TRP A 71 9.31 -5.92 -2.78
CA TRP A 71 8.16 -5.82 -3.68
C TRP A 71 8.44 -6.32 -5.11
N ARG A 72 7.47 -7.01 -5.72
CA ARG A 72 7.55 -7.53 -7.09
C ARG A 72 6.15 -7.58 -7.75
N PHE A 73 6.08 -7.17 -9.01
CA PHE A 73 4.87 -7.12 -9.84
C PHE A 73 4.87 -8.01 -11.10
N GLU A 74 3.67 -8.33 -11.60
CA GLU A 74 3.40 -9.06 -12.85
C GLU A 74 2.43 -8.27 -13.76
N PRO A 75 2.40 -8.52 -15.08
CA PRO A 75 1.35 -8.00 -15.96
C PRO A 75 -0.03 -8.64 -15.66
N ARG A 76 -1.11 -7.89 -15.92
CA ARG A 76 -2.51 -8.37 -15.88
C ARG A 76 -2.72 -9.55 -16.83
N VAL A 77 -2.18 -9.43 -18.04
CA VAL A 77 -2.13 -10.49 -19.06
C VAL A 77 -0.94 -11.40 -18.76
N SER A 78 -1.17 -12.62 -18.29
CA SER A 78 -0.10 -13.46 -17.73
C SER A 78 1.02 -13.84 -18.72
N GLY A 79 0.74 -13.84 -20.03
CA GLY A 79 1.71 -13.99 -21.12
C GLY A 79 2.20 -12.68 -21.78
N GLY A 80 1.78 -11.51 -21.26
CA GLY A 80 2.18 -10.17 -21.73
C GLY A 80 3.48 -9.65 -21.10
N LYS A 81 3.76 -8.35 -21.24
CA LYS A 81 4.97 -7.67 -20.72
C LYS A 81 4.66 -6.34 -20.03
N ILE A 82 5.56 -5.90 -19.15
CA ILE A 82 5.47 -4.63 -18.42
C ILE A 82 6.23 -3.50 -19.14
N VAL A 83 5.57 -2.36 -19.37
CA VAL A 83 6.21 -1.10 -19.82
C VAL A 83 6.81 -0.36 -18.61
N ALA A 84 8.13 -0.16 -18.58
CA ALA A 84 8.83 0.49 -17.47
C ALA A 84 8.50 1.99 -17.36
N ARG A 85 8.26 2.50 -16.13
CA ARG A 85 7.81 3.88 -15.84
C ARG A 85 8.36 4.40 -14.51
N GLN A 86 8.51 5.72 -14.35
CA GLN A 86 8.62 6.37 -13.05
C GLN A 86 7.28 6.33 -12.30
N ALA A 87 7.30 6.30 -10.96
CA ALA A 87 6.09 6.41 -10.14
C ALA A 87 6.39 6.94 -8.72
N THR A 88 5.33 7.35 -8.01
CA THR A 88 5.33 7.66 -6.57
C THR A 88 4.24 6.97 -5.76
N LYS A 89 4.43 6.93 -4.43
CA LYS A 89 3.51 6.31 -3.46
C LYS A 89 3.46 7.11 -2.15
N MET A 90 2.25 7.40 -1.67
CA MET A 90 1.97 8.12 -0.42
C MET A 90 1.68 7.13 0.73
N PHE A 91 2.54 7.13 1.75
CA PHE A 91 2.38 6.37 2.99
C PHE A 91 1.71 7.09 4.16
N PHE A 92 0.62 6.54 4.68
CA PHE A 92 -0.18 7.09 5.78
C PHE A 92 0.04 6.35 7.11
N PHE A 93 1.11 6.70 7.83
CA PHE A 93 1.47 6.14 9.14
C PHE A 93 0.54 6.52 10.33
N LYS A 94 -0.77 6.29 10.16
CA LYS A 94 -1.84 6.53 11.13
C LYS A 94 -1.97 5.35 12.09
N ILE A 95 -2.26 5.60 13.36
CA ILE A 95 -2.31 4.56 14.41
C ILE A 95 -3.51 3.63 14.15
N GLU A 96 -3.33 2.32 14.35
CA GLU A 96 -4.36 1.29 14.06
C GLU A 96 -5.57 1.33 14.99
N LYS A 97 -5.50 2.05 16.11
CA LYS A 97 -6.62 2.46 16.97
C LYS A 97 -7.77 3.04 16.15
N ARG A 98 -8.94 2.40 16.24
CA ARG A 98 -10.17 2.69 15.48
C ARG A 98 -10.95 3.90 16.01
N ARG A 99 -12.10 4.18 15.42
CA ARG A 99 -13.10 5.16 15.93
C ARG A 99 -13.62 4.79 17.33
N SER A 1 -3.91 12.00 -17.15
CA SER A 1 -3.54 10.60 -16.82
C SER A 1 -4.67 9.91 -16.07
N HIS A 2 -5.05 8.70 -16.52
CA HIS A 2 -6.17 7.91 -15.99
C HIS A 2 -5.84 7.23 -14.64
N MET A 3 -6.88 6.79 -13.91
CA MET A 3 -6.75 6.05 -12.64
C MET A 3 -7.87 5.01 -12.44
N GLY A 4 -7.50 3.84 -11.92
CA GLY A 4 -8.41 2.79 -11.43
C GLY A 4 -8.33 2.58 -9.91
N SER A 5 -8.63 1.36 -9.45
CA SER A 5 -8.73 1.07 -8.01
C SER A 5 -8.67 -0.43 -7.70
N LEU A 6 -8.36 -0.76 -6.44
CA LEU A 6 -8.50 -2.11 -5.89
C LEU A 6 -9.98 -2.53 -5.71
N ASN A 7 -10.92 -1.61 -5.92
CA ASN A 7 -12.37 -1.85 -5.88
C ASN A 7 -12.98 -2.04 -7.29
N ASP A 8 -12.16 -1.97 -8.35
CA ASP A 8 -12.63 -2.13 -9.73
C ASP A 8 -13.28 -3.49 -10.03
N SER A 9 -14.35 -3.48 -10.83
CA SER A 9 -15.10 -4.69 -11.24
C SER A 9 -14.38 -5.55 -12.29
N ASP A 10 -13.08 -5.34 -12.50
CA ASP A 10 -12.21 -6.19 -13.34
C ASP A 10 -11.48 -7.31 -12.58
N ILE A 11 -11.38 -7.18 -11.25
CA ILE A 11 -10.42 -7.89 -10.38
C ILE A 11 -11.04 -8.31 -9.04
N LYS A 12 -10.34 -9.17 -8.29
CA LYS A 12 -10.68 -9.65 -6.93
C LYS A 12 -9.42 -9.80 -6.04
N PRO A 13 -9.51 -9.62 -4.71
CA PRO A 13 -8.37 -9.75 -3.80
C PRO A 13 -7.81 -11.18 -3.68
N LEU A 14 -6.56 -11.29 -3.23
CA LEU A 14 -5.98 -12.52 -2.65
C LEU A 14 -5.40 -12.29 -1.25
N ARG A 15 -4.58 -11.24 -1.05
CA ARG A 15 -3.99 -10.86 0.26
C ARG A 15 -3.91 -9.33 0.39
N MET A 16 -4.38 -8.80 1.53
CA MET A 16 -4.46 -7.36 1.83
C MET A 16 -4.00 -7.03 3.27
N ASP A 17 -2.99 -7.75 3.76
CA ASP A 17 -2.36 -7.62 5.07
C ASP A 17 -2.09 -6.17 5.57
N PRO A 18 -2.91 -5.63 6.49
CA PRO A 18 -2.81 -4.24 6.92
C PRO A 18 -1.55 -3.99 7.76
N PRO A 19 -1.02 -2.75 7.79
CA PRO A 19 0.26 -2.44 8.44
C PRO A 19 0.22 -2.62 9.96
N VAL A 20 1.35 -3.03 10.51
CA VAL A 20 1.63 -2.98 11.96
C VAL A 20 1.73 -1.53 12.45
N TYR A 21 1.39 -1.28 13.71
CA TYR A 21 1.53 0.05 14.30
C TYR A 21 3.00 0.13 14.74
N PRO A 22 3.76 1.19 14.40
CA PRO A 22 5.10 1.40 14.96
C PRO A 22 5.03 1.65 16.47
N ARG A 23 5.65 0.76 17.26
CA ARG A 23 5.53 0.78 18.74
C ARG A 23 5.97 2.10 19.37
N MET A 24 6.96 2.80 18.79
CA MET A 24 7.37 4.14 19.24
C MET A 24 6.23 5.18 19.22
N ALA A 25 5.36 5.14 18.19
CA ALA A 25 4.18 5.99 18.14
C ALA A 25 3.13 5.59 19.18
N GLN A 26 3.01 4.30 19.52
CA GLN A 26 2.17 3.84 20.64
C GLN A 26 2.72 4.34 21.98
N ALA A 27 4.05 4.29 22.17
CA ALA A 27 4.74 4.72 23.38
C ALA A 27 4.66 6.23 23.63
N ARG A 28 4.87 7.06 22.60
CA ARG A 28 4.71 8.54 22.66
C ARG A 28 3.25 9.00 22.60
N GLY A 29 2.32 8.12 22.20
CA GLY A 29 0.87 8.35 22.22
C GLY A 29 0.36 9.15 21.01
N ILE A 30 0.69 8.70 19.80
CA ILE A 30 0.45 9.40 18.53
C ILE A 30 -0.48 8.57 17.63
N GLU A 31 -1.66 9.11 17.31
CA GLU A 31 -2.44 8.72 16.13
C GLU A 31 -1.88 9.40 14.87
N GLY A 32 -2.11 8.78 13.70
CA GLY A 32 -1.56 9.27 12.42
C GLY A 32 -2.28 8.78 11.18
N ARG A 33 -1.97 9.34 10.00
CA ARG A 33 -2.60 8.98 8.71
C ARG A 33 -1.64 9.14 7.53
N VAL A 34 -1.80 8.30 6.50
CA VAL A 34 -0.90 8.22 5.34
C VAL A 34 -1.71 7.91 4.07
N LYS A 35 -1.59 8.73 3.03
CA LYS A 35 -2.14 8.42 1.69
C LYS A 35 -1.01 7.95 0.79
N VAL A 36 -1.17 6.74 0.23
CA VAL A 36 -0.21 6.08 -0.66
C VAL A 36 -0.79 5.77 -2.03
N LEU A 37 -0.01 5.98 -3.10
CA LEU A 37 -0.37 5.76 -4.50
C LEU A 37 0.56 4.69 -5.12
N PHE A 38 0.03 3.93 -6.08
CA PHE A 38 0.67 2.76 -6.68
C PHE A 38 0.25 2.43 -8.13
N THR A 39 0.88 1.43 -8.74
CA THR A 39 0.42 0.75 -9.96
C THR A 39 0.02 -0.69 -9.61
N ILE A 40 -1.18 -1.10 -9.99
CA ILE A 40 -1.66 -2.49 -9.99
C ILE A 40 -1.11 -3.17 -11.25
N THR A 41 -0.35 -4.26 -11.10
CA THR A 41 0.24 -5.00 -12.23
C THR A 41 -0.66 -5.99 -12.95
N SER A 42 -0.30 -6.30 -14.20
CA SER A 42 -0.99 -7.29 -15.05
C SER A 42 -0.72 -8.76 -14.67
N ASP A 43 0.27 -9.00 -13.80
CA ASP A 43 0.42 -10.25 -13.02
C ASP A 43 -0.50 -10.30 -11.77
N GLY A 44 -0.68 -9.15 -11.11
CA GLY A 44 -1.54 -8.97 -9.93
C GLY A 44 -0.78 -8.56 -8.65
N ARG A 45 0.35 -7.86 -8.80
CA ARG A 45 1.18 -7.29 -7.73
C ARG A 45 0.90 -5.80 -7.52
N ILE A 46 1.48 -5.21 -6.48
CA ILE A 46 1.49 -3.76 -6.21
C ILE A 46 2.90 -3.18 -6.41
N ASP A 47 3.02 -2.25 -7.35
CA ASP A 47 4.28 -1.66 -7.83
C ASP A 47 4.20 -0.12 -7.73
N ASP A 48 5.28 0.58 -8.05
CA ASP A 48 5.35 2.05 -8.14
C ASP A 48 5.11 2.88 -6.86
N ILE A 49 5.09 2.22 -5.70
CA ILE A 49 4.61 2.73 -4.41
C ILE A 49 5.25 4.08 -4.03
N GLN A 50 4.42 5.11 -3.87
CA GLN A 50 4.82 6.50 -3.61
C GLN A 50 3.83 7.23 -2.69
N VAL A 51 4.29 8.26 -1.96
CA VAL A 51 3.50 8.96 -0.94
C VAL A 51 2.85 10.29 -1.39
N LEU A 52 1.68 10.62 -0.82
CA LEU A 52 0.97 11.89 -1.04
C LEU A 52 0.76 12.69 0.26
N GLU A 53 0.56 12.03 1.41
CA GLU A 53 0.56 12.66 2.74
C GLU A 53 1.11 11.69 3.81
N SER A 54 1.59 12.22 4.93
CA SER A 54 2.20 11.46 6.03
C SER A 54 2.17 12.26 7.33
N VAL A 55 1.25 11.90 8.21
CA VAL A 55 0.91 12.62 9.43
C VAL A 55 1.28 11.75 10.64
N PRO A 56 2.12 12.24 11.58
CA PRO A 56 2.87 13.51 11.54
C PRO A 56 4.09 13.51 10.61
N SER A 57 4.73 12.35 10.40
CA SER A 57 6.06 12.19 9.78
C SER A 57 6.26 10.79 9.17
N ARG A 58 7.44 10.53 8.57
CA ARG A 58 7.80 9.29 7.85
C ARG A 58 7.69 8.00 8.67
N MET A 59 7.66 8.07 10.01
CA MET A 59 7.40 6.96 10.93
C MET A 59 6.25 6.03 10.50
N PHE A 60 5.15 6.60 9.97
CA PHE A 60 4.04 5.83 9.42
C PHE A 60 4.17 5.38 7.95
N ASP A 61 4.81 6.22 7.12
CA ASP A 61 5.20 5.90 5.72
C ASP A 61 5.99 4.60 5.59
N ARG A 62 6.99 4.39 6.45
CA ARG A 62 7.88 3.24 6.39
C ARG A 62 7.11 1.92 6.58
N GLU A 63 6.26 1.86 7.61
CA GLU A 63 5.45 0.68 7.94
C GLU A 63 4.33 0.41 6.91
N VAL A 64 3.75 1.45 6.30
CA VAL A 64 2.76 1.32 5.19
C VAL A 64 3.46 0.76 3.94
N ARG A 65 4.62 1.30 3.58
CA ARG A 65 5.39 0.86 2.39
C ARG A 65 5.93 -0.56 2.52
N GLN A 66 6.17 -1.01 3.75
CA GLN A 66 6.46 -2.41 4.10
C GLN A 66 5.23 -3.33 3.98
N ALA A 67 4.04 -2.86 4.35
CA ALA A 67 2.80 -3.64 4.26
C ALA A 67 2.32 -3.84 2.81
N MET A 68 2.21 -2.74 2.05
CA MET A 68 1.73 -2.74 0.66
C MET A 68 2.58 -3.61 -0.27
N ALA A 69 3.88 -3.74 0.00
CA ALA A 69 4.83 -4.50 -0.81
C ALA A 69 4.49 -6.00 -0.98
N LYS A 70 3.65 -6.58 -0.11
CA LYS A 70 3.23 -8.00 -0.19
C LYS A 70 1.73 -8.22 -0.46
N TRP A 71 1.01 -7.15 -0.80
CA TRP A 71 -0.39 -7.25 -1.27
C TRP A 71 -0.51 -7.92 -2.64
N ARG A 72 -1.62 -8.64 -2.88
CA ARG A 72 -1.78 -9.55 -4.03
C ARG A 72 -3.24 -9.64 -4.49
N PHE A 73 -3.46 -9.58 -5.80
CA PHE A 73 -4.74 -9.67 -6.52
C PHE A 73 -4.83 -10.74 -7.63
N GLU A 74 -6.05 -11.04 -8.09
CA GLU A 74 -6.35 -11.92 -9.24
C GLU A 74 -7.50 -11.33 -10.11
N PRO A 75 -7.70 -11.75 -11.38
CA PRO A 75 -8.82 -11.29 -12.21
C PRO A 75 -10.18 -11.78 -11.68
N ARG A 76 -11.26 -11.08 -12.07
CA ARG A 76 -12.66 -11.45 -11.76
C ARG A 76 -13.04 -12.87 -12.19
N VAL A 77 -12.43 -13.35 -13.27
CA VAL A 77 -12.69 -14.64 -13.93
C VAL A 77 -11.36 -15.38 -14.06
N SER A 78 -11.29 -16.65 -13.62
CA SER A 78 -10.03 -17.41 -13.55
C SER A 78 -9.46 -17.79 -14.93
N GLY A 79 -10.31 -17.90 -15.96
CA GLY A 79 -9.92 -17.98 -17.38
C GLY A 79 -9.52 -16.63 -18.01
N GLY A 80 -9.65 -15.52 -17.27
CA GLY A 80 -9.29 -14.16 -17.70
C GLY A 80 -7.88 -13.73 -17.31
N LYS A 81 -7.61 -12.43 -17.35
CA LYS A 81 -6.33 -11.78 -17.00
C LYS A 81 -6.51 -10.33 -16.50
N ILE A 82 -5.47 -9.74 -15.93
CA ILE A 82 -5.50 -8.36 -15.39
C ILE A 82 -4.96 -7.34 -16.41
N VAL A 83 -5.66 -6.22 -16.57
CA VAL A 83 -5.14 -4.97 -17.16
C VAL A 83 -4.59 -4.03 -16.07
N ALA A 84 -3.41 -3.45 -16.29
CA ALA A 84 -2.69 -2.65 -15.29
C ALA A 84 -3.24 -1.22 -15.17
N ARG A 85 -3.29 -0.68 -13.95
CA ARG A 85 -3.87 0.65 -13.62
C ARG A 85 -3.16 1.36 -12.46
N GLN A 86 -3.24 2.70 -12.42
CA GLN A 86 -2.89 3.49 -11.23
C GLN A 86 -3.97 3.35 -10.15
N ALA A 87 -3.61 3.41 -8.87
CA ALA A 87 -4.56 3.35 -7.75
C ALA A 87 -4.00 3.93 -6.44
N THR A 88 -4.86 4.15 -5.44
CA THR A 88 -4.50 4.60 -4.08
C THR A 88 -5.07 3.80 -2.91
N LYS A 89 -4.54 4.06 -1.71
CA LYS A 89 -5.05 3.57 -0.42
C LYS A 89 -4.84 4.61 0.69
N MET A 90 -5.89 4.85 1.48
CA MET A 90 -5.89 5.76 2.63
C MET A 90 -5.72 4.99 3.95
N PHE A 91 -4.62 5.24 4.68
CA PHE A 91 -4.30 4.64 5.98
C PHE A 91 -4.62 5.47 7.22
N PHE A 92 -5.20 4.84 8.25
CA PHE A 92 -5.64 5.46 9.50
C PHE A 92 -5.17 4.74 10.77
N PHE A 93 -3.97 5.08 11.23
CA PHE A 93 -3.43 4.65 12.53
C PHE A 93 -4.15 5.28 13.72
N LYS A 94 -5.00 4.51 14.42
CA LYS A 94 -5.75 4.93 15.61
C LYS A 94 -5.42 4.04 16.81
N ILE A 95 -5.26 4.66 17.97
CA ILE A 95 -5.00 3.96 19.25
C ILE A 95 -6.31 3.47 19.87
N GLU A 96 -6.33 2.24 20.42
CA GLU A 96 -7.52 1.56 20.95
C GLU A 96 -7.98 2.17 22.30
N LYS A 97 -8.72 3.28 22.22
CA LYS A 97 -9.16 4.11 23.35
C LYS A 97 -10.66 4.07 23.66
N ARG A 98 -11.45 3.35 22.86
CA ARG A 98 -12.84 2.96 23.15
C ARG A 98 -12.94 2.15 24.44
N ARG A 99 -14.03 2.34 25.19
CA ARG A 99 -14.33 1.72 26.49
C ARG A 99 -15.32 0.55 26.40
#